data_6ST4
# 
_entry.id   6ST4 
# 
_audit_conform.dict_name       mmcif_pdbx.dic 
_audit_conform.dict_version    5.397 
_audit_conform.dict_location   http://mmcif.pdb.org/dictionaries/ascii/mmcif_pdbx.dic 
# 
loop_
_database_2.database_id 
_database_2.database_code 
_database_2.pdbx_database_accession 
_database_2.pdbx_DOI 
PDB   6ST4         pdb_00006st4 10.2210/pdb6st4/pdb 
WWPDB D_1292104259 ?            ?                   
# 
loop_
_pdbx_audit_revision_history.ordinal 
_pdbx_audit_revision_history.data_content_type 
_pdbx_audit_revision_history.major_revision 
_pdbx_audit_revision_history.minor_revision 
_pdbx_audit_revision_history.revision_date 
1 'Structure model' 1 0 2020-09-02 
2 'Structure model' 1 1 2020-10-28 
3 'Structure model' 1 2 2024-10-23 
# 
_pdbx_audit_revision_details.ordinal             1 
_pdbx_audit_revision_details.revision_ordinal    1 
_pdbx_audit_revision_details.data_content_type   'Structure model' 
_pdbx_audit_revision_details.provider            repository 
_pdbx_audit_revision_details.type                'Initial release' 
_pdbx_audit_revision_details.description         ? 
_pdbx_audit_revision_details.details             ? 
# 
loop_
_pdbx_audit_revision_group.ordinal 
_pdbx_audit_revision_group.revision_ordinal 
_pdbx_audit_revision_group.data_content_type 
_pdbx_audit_revision_group.group 
1 2 'Structure model' 'Database references' 
2 3 'Structure model' 'Data collection'     
3 3 'Structure model' 'Database references' 
4 3 'Structure model' 'Structure summary'   
# 
loop_
_pdbx_audit_revision_category.ordinal 
_pdbx_audit_revision_category.revision_ordinal 
_pdbx_audit_revision_category.data_content_type 
_pdbx_audit_revision_category.category 
1 2 'Structure model' citation                  
2 2 'Structure model' citation_author           
3 3 'Structure model' chem_comp_atom            
4 3 'Structure model' chem_comp_bond            
5 3 'Structure model' database_2                
6 3 'Structure model' pdbx_entry_details        
7 3 'Structure model' pdbx_modification_feature 
# 
loop_
_pdbx_audit_revision_item.ordinal 
_pdbx_audit_revision_item.revision_ordinal 
_pdbx_audit_revision_item.data_content_type 
_pdbx_audit_revision_item.item 
1 2 'Structure model' '_citation.journal_volume'                     
2 2 'Structure model' '_citation.page_first'                         
3 2 'Structure model' '_citation.page_last'                          
4 2 'Structure model' '_citation.title'                              
5 2 'Structure model' '_citation_author.identifier_ORCID'            
6 3 'Structure model' '_database_2.pdbx_DOI'                         
7 3 'Structure model' '_database_2.pdbx_database_accession'          
8 3 'Structure model' '_pdbx_entry_details.has_protein_modification' 
# 
_pdbx_database_status.status_code                     REL 
_pdbx_database_status.status_code_sf                  REL 
_pdbx_database_status.status_code_mr                  ? 
_pdbx_database_status.entry_id                        6ST4 
_pdbx_database_status.recvd_initial_deposition_date   2019-09-10 
_pdbx_database_status.SG_entry                        N 
_pdbx_database_status.deposit_site                    PDBE 
_pdbx_database_status.process_site                    PDBE 
_pdbx_database_status.status_code_cs                  ? 
_pdbx_database_status.methods_development_category    ? 
_pdbx_database_status.pdb_format_compatible           Y 
_pdbx_database_status.status_code_nmr_data            ? 
# 
loop_
_audit_author.name 
_audit_author.pdbx_ordinal 
_audit_author.identifier_ORCID 
'Ramirez-Escudero, M.' 1 0000-0001-7253-9572 
'Janssen, B.J.C.'      2 0000-0002-8101-8370 
# 
_citation.abstract                  ? 
_citation.abstract_id_CAS           ? 
_citation.book_id_ISBN              ? 
_citation.book_publisher            ? 
_citation.book_publisher_city       ? 
_citation.book_title                ? 
_citation.coordinate_linkage        ? 
_citation.country                   US 
_citation.database_id_Medline       ? 
_citation.details                   ? 
_citation.id                        primary 
_citation.journal_abbrev            J.Biol.Chem. 
_citation.journal_id_ASTM           JBCHA3 
_citation.journal_id_CSD            0071 
_citation.journal_id_ISSN           1083-351X 
_citation.journal_full              ? 
_citation.journal_issue             ? 
_citation.journal_volume            295 
_citation.language                  ? 
_citation.page_first                14367 
_citation.page_last                 14378 
_citation.title                     'Structural characterization of anti-CCL5 activity of the tick salivary protein evasin-4.' 
_citation.year                      2020 
_citation.database_id_CSD           ? 
_citation.pdbx_database_id_DOI      10.1074/jbc.RA120.013891 
_citation.pdbx_database_id_PubMed   32817341 
_citation.unpublished_flag          ? 
# 
loop_
_citation_author.citation_id 
_citation_author.name 
_citation_author.ordinal 
_citation_author.identifier_ORCID 
primary 'Denisov, S.S.'        1 ? 
primary 'Ramirez-Escudero, M.' 2 ? 
primary 'Heinzmann, A.C.A.'    3 ? 
primary 'Ippel, J.H.'          4 ? 
primary 'Dawson, P.E.'         5 ? 
primary 'Koenen, R.R.'         6 ? 
primary 'Hackeng, T.M.'        7 ? 
primary 'Janssen, B.J.C.'      8 ? 
primary 'Dijkgraaf, I.'        9 ? 
# 
loop_
_entity.id 
_entity.type 
_entity.src_method 
_entity.pdbx_description 
_entity.formula_weight 
_entity.pdbx_number_of_molecules 
_entity.pdbx_ec 
_entity.pdbx_mutation 
_entity.pdbx_fragment 
_entity.details 
1 polymer     man Evasin-4                                 11316.322 1  ? ? ? ? 
2 non-polymer syn 1,2-ETHANEDIOL                           62.068    4  ? ? ? ? 
3 non-polymer syn 2-AMINO-2-HYDROXYMETHYL-PROPANE-1,3-DIOL 122.143   1  ? ? ? ? 
4 water       nat water                                    18.015    65 ? ? ? ? 
# 
_entity_poly.entity_id                      1 
_entity_poly.type                           'polypeptide(L)' 
_entity_poly.nstd_linkage                   no 
_entity_poly.nstd_monomer                   no 
_entity_poly.pdbx_seq_one_letter_code       
;EVPQMTSSSAPDLEEEDDYTAYAPLTCYFTNSTLGLLAPPNCSVLCNSTTTWFNETSPNNASCLLTVDFLTQDAILQENQ
PYNCSVGHCDNGTCAGPPRHAQCW
;
_entity_poly.pdbx_seq_one_letter_code_can   
;EVPQMTSSSAPDLEEEDDYTAYAPLTCYFTNSTLGLLAPPNCSVLCNSTTTWFNETSPNNASCLLTVDFLTQDAILQENQ
PYNCSVGHCDNGTCAGPPRHAQCW
;
_entity_poly.pdbx_strand_id                 A 
_entity_poly.pdbx_target_identifier         ? 
# 
loop_
_pdbx_entity_nonpoly.entity_id 
_pdbx_entity_nonpoly.name 
_pdbx_entity_nonpoly.comp_id 
2 1,2-ETHANEDIOL                           EDO 
3 2-AMINO-2-HYDROXYMETHYL-PROPANE-1,3-DIOL TRS 
4 water                                    HOH 
# 
loop_
_entity_poly_seq.entity_id 
_entity_poly_seq.num 
_entity_poly_seq.mon_id 
_entity_poly_seq.hetero 
1 1   GLU n 
1 2   VAL n 
1 3   PRO n 
1 4   GLN n 
1 5   MET n 
1 6   THR n 
1 7   SER n 
1 8   SER n 
1 9   SER n 
1 10  ALA n 
1 11  PRO n 
1 12  ASP n 
1 13  LEU n 
1 14  GLU n 
1 15  GLU n 
1 16  GLU n 
1 17  ASP n 
1 18  ASP n 
1 19  TYR n 
1 20  THR n 
1 21  ALA n 
1 22  TYR n 
1 23  ALA n 
1 24  PRO n 
1 25  LEU n 
1 26  THR n 
1 27  CYS n 
1 28  TYR n 
1 29  PHE n 
1 30  THR n 
1 31  ASN n 
1 32  SER n 
1 33  THR n 
1 34  LEU n 
1 35  GLY n 
1 36  LEU n 
1 37  LEU n 
1 38  ALA n 
1 39  PRO n 
1 40  PRO n 
1 41  ASN n 
1 42  CYS n 
1 43  SER n 
1 44  VAL n 
1 45  LEU n 
1 46  CYS n 
1 47  ASN n 
1 48  SER n 
1 49  THR n 
1 50  THR n 
1 51  THR n 
1 52  TRP n 
1 53  PHE n 
1 54  ASN n 
1 55  GLU n 
1 56  THR n 
1 57  SER n 
1 58  PRO n 
1 59  ASN n 
1 60  ASN n 
1 61  ALA n 
1 62  SER n 
1 63  CYS n 
1 64  LEU n 
1 65  LEU n 
1 66  THR n 
1 67  VAL n 
1 68  ASP n 
1 69  PHE n 
1 70  LEU n 
1 71  THR n 
1 72  GLN n 
1 73  ASP n 
1 74  ALA n 
1 75  ILE n 
1 76  LEU n 
1 77  GLN n 
1 78  GLU n 
1 79  ASN n 
1 80  GLN n 
1 81  PRO n 
1 82  TYR n 
1 83  ASN n 
1 84  CYS n 
1 85  SER n 
1 86  VAL n 
1 87  GLY n 
1 88  HIS n 
1 89  CYS n 
1 90  ASP n 
1 91  ASN n 
1 92  GLY n 
1 93  THR n 
1 94  CYS n 
1 95  ALA n 
1 96  GLY n 
1 97  PRO n 
1 98  PRO n 
1 99  ARG n 
1 100 HIS n 
1 101 ALA n 
1 102 GLN n 
1 103 CYS n 
1 104 TRP n 
# 
_entity_src_gen.entity_id                          1 
_entity_src_gen.pdbx_src_id                        1 
_entity_src_gen.pdbx_alt_source_flag               sample 
_entity_src_gen.pdbx_seq_type                      'Biological sequence' 
_entity_src_gen.pdbx_beg_seq_num                   1 
_entity_src_gen.pdbx_end_seq_num                   104 
_entity_src_gen.gene_src_common_name               'Brown dog tick' 
_entity_src_gen.gene_src_genus                     ? 
_entity_src_gen.pdbx_gene_src_gene                 ? 
_entity_src_gen.gene_src_species                   ? 
_entity_src_gen.gene_src_strain                    ? 
_entity_src_gen.gene_src_tissue                    ? 
_entity_src_gen.gene_src_tissue_fraction           ? 
_entity_src_gen.gene_src_details                   ? 
_entity_src_gen.pdbx_gene_src_fragment             ? 
_entity_src_gen.pdbx_gene_src_scientific_name      'Rhipicephalus sanguineus' 
_entity_src_gen.pdbx_gene_src_ncbi_taxonomy_id     34632 
_entity_src_gen.pdbx_gene_src_variant              ? 
_entity_src_gen.pdbx_gene_src_cell_line            ? 
_entity_src_gen.pdbx_gene_src_atcc                 ? 
_entity_src_gen.pdbx_gene_src_organ                ? 
_entity_src_gen.pdbx_gene_src_organelle            ? 
_entity_src_gen.pdbx_gene_src_cell                 ? 
_entity_src_gen.pdbx_gene_src_cellular_location    ? 
_entity_src_gen.host_org_common_name               ? 
_entity_src_gen.pdbx_host_org_scientific_name      'Escherichia coli' 
_entity_src_gen.pdbx_host_org_ncbi_taxonomy_id     562 
_entity_src_gen.host_org_genus                     ? 
_entity_src_gen.pdbx_host_org_gene                 ? 
_entity_src_gen.pdbx_host_org_organ                ? 
_entity_src_gen.host_org_species                   ? 
_entity_src_gen.pdbx_host_org_tissue               ? 
_entity_src_gen.pdbx_host_org_tissue_fraction      ? 
_entity_src_gen.pdbx_host_org_strain               ? 
_entity_src_gen.pdbx_host_org_variant              ? 
_entity_src_gen.pdbx_host_org_cell_line            ? 
_entity_src_gen.pdbx_host_org_atcc                 ? 
_entity_src_gen.pdbx_host_org_culture_collection   ? 
_entity_src_gen.pdbx_host_org_cell                 ? 
_entity_src_gen.pdbx_host_org_organelle            ? 
_entity_src_gen.pdbx_host_org_cellular_location    ? 
_entity_src_gen.pdbx_host_org_vector_type          ? 
_entity_src_gen.pdbx_host_org_vector               ? 
_entity_src_gen.host_org_details                   ? 
_entity_src_gen.expression_system_id               ? 
_entity_src_gen.plasmid_name                       ? 
_entity_src_gen.plasmid_details                    ? 
_entity_src_gen.pdbx_description                   ? 
# 
loop_
_chem_comp.id 
_chem_comp.type 
_chem_comp.mon_nstd_flag 
_chem_comp.name 
_chem_comp.pdbx_synonyms 
_chem_comp.formula 
_chem_comp.formula_weight 
ALA 'L-peptide linking' y ALANINE                                  ?                 'C3 H7 N O2'     89.093  
ARG 'L-peptide linking' y ARGININE                                 ?                 'C6 H15 N4 O2 1' 175.209 
ASN 'L-peptide linking' y ASPARAGINE                               ?                 'C4 H8 N2 O3'    132.118 
ASP 'L-peptide linking' y 'ASPARTIC ACID'                          ?                 'C4 H7 N O4'     133.103 
CYS 'L-peptide linking' y CYSTEINE                                 ?                 'C3 H7 N O2 S'   121.158 
EDO non-polymer         . 1,2-ETHANEDIOL                           'ETHYLENE GLYCOL' 'C2 H6 O2'       62.068  
GLN 'L-peptide linking' y GLUTAMINE                                ?                 'C5 H10 N2 O3'   146.144 
GLU 'L-peptide linking' y 'GLUTAMIC ACID'                          ?                 'C5 H9 N O4'     147.129 
GLY 'peptide linking'   y GLYCINE                                  ?                 'C2 H5 N O2'     75.067  
HIS 'L-peptide linking' y HISTIDINE                                ?                 'C6 H10 N3 O2 1' 156.162 
HOH non-polymer         . WATER                                    ?                 'H2 O'           18.015  
ILE 'L-peptide linking' y ISOLEUCINE                               ?                 'C6 H13 N O2'    131.173 
LEU 'L-peptide linking' y LEUCINE                                  ?                 'C6 H13 N O2'    131.173 
MET 'L-peptide linking' y METHIONINE                               ?                 'C5 H11 N O2 S'  149.211 
PHE 'L-peptide linking' y PHENYLALANINE                            ?                 'C9 H11 N O2'    165.189 
PRO 'L-peptide linking' y PROLINE                                  ?                 'C5 H9 N O2'     115.130 
SER 'L-peptide linking' y SERINE                                   ?                 'C3 H7 N O3'     105.093 
THR 'L-peptide linking' y THREONINE                                ?                 'C4 H9 N O3'     119.119 
TRP 'L-peptide linking' y TRYPTOPHAN                               ?                 'C11 H12 N2 O2'  204.225 
TRS non-polymer         . 2-AMINO-2-HYDROXYMETHYL-PROPANE-1,3-DIOL 'TRIS BUFFER'     'C4 H12 N O3 1'  122.143 
TYR 'L-peptide linking' y TYROSINE                                 ?                 'C9 H11 N O3'    181.189 
VAL 'L-peptide linking' y VALINE                                   ?                 'C5 H11 N O2'    117.146 
# 
loop_
_pdbx_poly_seq_scheme.asym_id 
_pdbx_poly_seq_scheme.entity_id 
_pdbx_poly_seq_scheme.seq_id 
_pdbx_poly_seq_scheme.mon_id 
_pdbx_poly_seq_scheme.ndb_seq_num 
_pdbx_poly_seq_scheme.pdb_seq_num 
_pdbx_poly_seq_scheme.auth_seq_num 
_pdbx_poly_seq_scheme.pdb_mon_id 
_pdbx_poly_seq_scheme.auth_mon_id 
_pdbx_poly_seq_scheme.pdb_strand_id 
_pdbx_poly_seq_scheme.pdb_ins_code 
_pdbx_poly_seq_scheme.hetero 
A 1 1   GLU 1   1   ?   ?   ?   A . n 
A 1 2   VAL 2   2   ?   ?   ?   A . n 
A 1 3   PRO 3   3   ?   ?   ?   A . n 
A 1 4   GLN 4   4   ?   ?   ?   A . n 
A 1 5   MET 5   5   ?   ?   ?   A . n 
A 1 6   THR 6   6   ?   ?   ?   A . n 
A 1 7   SER 7   7   ?   ?   ?   A . n 
A 1 8   SER 8   8   ?   ?   ?   A . n 
A 1 9   SER 9   9   ?   ?   ?   A . n 
A 1 10  ALA 10  10  ?   ?   ?   A . n 
A 1 11  PRO 11  11  ?   ?   ?   A . n 
A 1 12  ASP 12  12  ?   ?   ?   A . n 
A 1 13  LEU 13  13  ?   ?   ?   A . n 
A 1 14  GLU 14  14  ?   ?   ?   A . n 
A 1 15  GLU 15  15  ?   ?   ?   A . n 
A 1 16  GLU 16  16  ?   ?   ?   A . n 
A 1 17  ASP 17  17  ?   ?   ?   A . n 
A 1 18  ASP 18  18  18  ASP ASP A . n 
A 1 19  TYR 19  19  19  TYR TYR A . n 
A 1 20  THR 20  20  20  THR THR A . n 
A 1 21  ALA 21  21  21  ALA ALA A . n 
A 1 22  TYR 22  22  22  TYR TYR A . n 
A 1 23  ALA 23  23  23  ALA ALA A . n 
A 1 24  PRO 24  24  24  PRO PRO A . n 
A 1 25  LEU 25  25  25  LEU LEU A . n 
A 1 26  THR 26  26  26  THR THR A . n 
A 1 27  CYS 27  27  27  CYS CYS A . n 
A 1 28  TYR 28  28  28  TYR TYR A . n 
A 1 29  PHE 29  29  29  PHE PHE A . n 
A 1 30  THR 30  30  30  THR THR A . n 
A 1 31  ASN 31  31  31  ASN ASN A . n 
A 1 32  SER 32  32  32  SER SER A . n 
A 1 33  THR 33  33  33  THR THR A . n 
A 1 34  LEU 34  34  34  LEU LEU A . n 
A 1 35  GLY 35  35  35  GLY GLY A . n 
A 1 36  LEU 36  36  36  LEU LEU A . n 
A 1 37  LEU 37  37  37  LEU LEU A . n 
A 1 38  ALA 38  38  38  ALA ALA A . n 
A 1 39  PRO 39  39  39  PRO PRO A . n 
A 1 40  PRO 40  40  40  PRO PRO A . n 
A 1 41  ASN 41  41  41  ASN ASN A . n 
A 1 42  CYS 42  42  42  CYS CYS A . n 
A 1 43  SER 43  43  43  SER SER A . n 
A 1 44  VAL 44  44  44  VAL VAL A . n 
A 1 45  LEU 45  45  45  LEU LEU A . n 
A 1 46  CYS 46  46  46  CYS CYS A . n 
A 1 47  ASN 47  47  47  ASN ASN A . n 
A 1 48  SER 48  48  48  SER SER A . n 
A 1 49  THR 49  49  49  THR THR A . n 
A 1 50  THR 50  50  50  THR THR A . n 
A 1 51  THR 51  51  51  THR THR A . n 
A 1 52  TRP 52  52  52  TRP TRP A . n 
A 1 53  PHE 53  53  53  PHE PHE A . n 
A 1 54  ASN 54  54  54  ASN ASN A . n 
A 1 55  GLU 55  55  55  GLU GLU A . n 
A 1 56  THR 56  56  56  THR THR A . n 
A 1 57  SER 57  57  57  SER SER A . n 
A 1 58  PRO 58  58  58  PRO PRO A . n 
A 1 59  ASN 59  59  59  ASN ASN A . n 
A 1 60  ASN 60  60  60  ASN ASN A . n 
A 1 61  ALA 61  61  61  ALA ALA A . n 
A 1 62  SER 62  62  62  SER SER A . n 
A 1 63  CYS 63  63  63  CYS CYS A . n 
A 1 64  LEU 64  64  64  LEU LEU A . n 
A 1 65  LEU 65  65  65  LEU LEU A . n 
A 1 66  THR 66  66  66  THR THR A . n 
A 1 67  VAL 67  67  67  VAL VAL A . n 
A 1 68  ASP 68  68  68  ASP ASP A . n 
A 1 69  PHE 69  69  69  PHE PHE A . n 
A 1 70  LEU 70  70  70  LEU LEU A . n 
A 1 71  THR 71  71  71  THR THR A . n 
A 1 72  GLN 72  72  72  GLN GLN A . n 
A 1 73  ASP 73  73  73  ASP ASP A . n 
A 1 74  ALA 74  74  74  ALA ALA A . n 
A 1 75  ILE 75  75  75  ILE ILE A . n 
A 1 76  LEU 76  76  76  LEU LEU A . n 
A 1 77  GLN 77  77  77  GLN GLN A . n 
A 1 78  GLU 78  78  78  GLU GLU A . n 
A 1 79  ASN 79  79  79  ASN ASN A . n 
A 1 80  GLN 80  80  80  GLN GLN A . n 
A 1 81  PRO 81  81  81  PRO PRO A . n 
A 1 82  TYR 82  82  82  TYR TYR A . n 
A 1 83  ASN 83  83  83  ASN ASN A . n 
A 1 84  CYS 84  84  84  CYS CYS A . n 
A 1 85  SER 85  85  85  SER SER A . n 
A 1 86  VAL 86  86  86  VAL VAL A . n 
A 1 87  GLY 87  87  87  GLY GLY A . n 
A 1 88  HIS 88  88  88  HIS HIS A . n 
A 1 89  CYS 89  89  89  CYS CYS A . n 
A 1 90  ASP 90  90  90  ASP ASP A . n 
A 1 91  ASN 91  91  91  ASN ASN A . n 
A 1 92  GLY 92  92  92  GLY GLY A . n 
A 1 93  THR 93  93  93  THR THR A . n 
A 1 94  CYS 94  94  94  CYS CYS A . n 
A 1 95  ALA 95  95  95  ALA ALA A . n 
A 1 96  GLY 96  96  96  GLY GLY A . n 
A 1 97  PRO 97  97  97  PRO PRO A . n 
A 1 98  PRO 98  98  98  PRO PRO A . n 
A 1 99  ARG 99  99  99  ARG ARG A . n 
A 1 100 HIS 100 100 100 HIS HIS A . n 
A 1 101 ALA 101 101 101 ALA ALA A . n 
A 1 102 GLN 102 102 102 GLN GLN A . n 
A 1 103 CYS 103 103 103 CYS CYS A . n 
A 1 104 TRP 104 104 104 TRP TRP A . n 
# 
loop_
_pdbx_nonpoly_scheme.asym_id 
_pdbx_nonpoly_scheme.entity_id 
_pdbx_nonpoly_scheme.mon_id 
_pdbx_nonpoly_scheme.ndb_seq_num 
_pdbx_nonpoly_scheme.pdb_seq_num 
_pdbx_nonpoly_scheme.auth_seq_num 
_pdbx_nonpoly_scheme.pdb_mon_id 
_pdbx_nonpoly_scheme.auth_mon_id 
_pdbx_nonpoly_scheme.pdb_strand_id 
_pdbx_nonpoly_scheme.pdb_ins_code 
B 2 EDO 1  201 201 EDO EDO A . 
C 2 EDO 1  202 203 EDO EDO A . 
D 2 EDO 1  203 205 EDO EDO A . 
E 2 EDO 1  204 206 EDO EDO A . 
F 3 TRS 1  205 301 TRS TRS A . 
G 4 HOH 1  301 53  HOH HOH A . 
G 4 HOH 2  302 25  HOH HOH A . 
G 4 HOH 3  303 31  HOH HOH A . 
G 4 HOH 4  304 29  HOH HOH A . 
G 4 HOH 5  305 48  HOH HOH A . 
G 4 HOH 6  306 36  HOH HOH A . 
G 4 HOH 7  307 59  HOH HOH A . 
G 4 HOH 8  308 12  HOH HOH A . 
G 4 HOH 9  309 1   HOH HOH A . 
G 4 HOH 10 310 16  HOH HOH A . 
G 4 HOH 11 311 6   HOH HOH A . 
G 4 HOH 12 312 2   HOH HOH A . 
G 4 HOH 13 313 43  HOH HOH A . 
G 4 HOH 14 314 50  HOH HOH A . 
G 4 HOH 15 315 30  HOH HOH A . 
G 4 HOH 16 316 4   HOH HOH A . 
G 4 HOH 17 317 58  HOH HOH A . 
G 4 HOH 18 318 3   HOH HOH A . 
G 4 HOH 19 319 13  HOH HOH A . 
G 4 HOH 20 320 11  HOH HOH A . 
G 4 HOH 21 321 46  HOH HOH A . 
G 4 HOH 22 322 37  HOH HOH A . 
G 4 HOH 23 323 54  HOH HOH A . 
G 4 HOH 24 324 44  HOH HOH A . 
G 4 HOH 25 325 19  HOH HOH A . 
G 4 HOH 26 326 28  HOH HOH A . 
G 4 HOH 27 327 26  HOH HOH A . 
G 4 HOH 28 328 15  HOH HOH A . 
G 4 HOH 29 329 7   HOH HOH A . 
G 4 HOH 30 330 8   HOH HOH A . 
G 4 HOH 31 331 35  HOH HOH A . 
G 4 HOH 32 332 39  HOH HOH A . 
G 4 HOH 33 333 14  HOH HOH A . 
G 4 HOH 34 334 55  HOH HOH A . 
G 4 HOH 35 335 20  HOH HOH A . 
G 4 HOH 36 336 40  HOH HOH A . 
G 4 HOH 37 337 9   HOH HOH A . 
G 4 HOH 38 338 41  HOH HOH A . 
G 4 HOH 39 339 17  HOH HOH A . 
G 4 HOH 40 340 22  HOH HOH A . 
G 4 HOH 41 341 21  HOH HOH A . 
G 4 HOH 42 342 56  HOH HOH A . 
G 4 HOH 43 343 23  HOH HOH A . 
G 4 HOH 44 344 33  HOH HOH A . 
G 4 HOH 45 345 5   HOH HOH A . 
G 4 HOH 46 346 47  HOH HOH A . 
G 4 HOH 47 347 10  HOH HOH A . 
G 4 HOH 48 348 18  HOH HOH A . 
G 4 HOH 49 349 24  HOH HOH A . 
G 4 HOH 50 350 64  HOH HOH A . 
G 4 HOH 51 351 32  HOH HOH A . 
G 4 HOH 52 352 51  HOH HOH A . 
G 4 HOH 53 353 38  HOH HOH A . 
G 4 HOH 54 354 62  HOH HOH A . 
G 4 HOH 55 355 34  HOH HOH A . 
G 4 HOH 56 356 61  HOH HOH A . 
G 4 HOH 57 357 27  HOH HOH A . 
G 4 HOH 58 358 42  HOH HOH A . 
G 4 HOH 59 359 52  HOH HOH A . 
G 4 HOH 60 360 65  HOH HOH A . 
G 4 HOH 61 361 63  HOH HOH A . 
G 4 HOH 62 362 49  HOH HOH A . 
G 4 HOH 63 363 60  HOH HOH A . 
G 4 HOH 64 364 45  HOH HOH A . 
G 4 HOH 65 365 57  HOH HOH A . 
# 
loop_
_software.citation_id 
_software.classification 
_software.compiler_name 
_software.compiler_version 
_software.contact_author 
_software.contact_author_email 
_software.date 
_software.description 
_software.dependencies 
_software.hardware 
_software.language 
_software.location 
_software.mods 
_software.name 
_software.os 
_software.os_version 
_software.type 
_software.version 
_software.pdbx_ordinal 
? 'data scaling'    ? ? ? ? ? ? ? ? ? ? ? Aimless     ? ? ? .        1 
? phasing           ? ? ? ? ? ? ? ? ? ? ? MOLREP      ? ? ? .        2 
? phasing           ? ? ? ? ? ? ? ? ? ? ? SHELXDE     ? ? ? .        3 
? refinement        ? ? ? ? ? ? ? ? ? ? ? REFMAC      ? ? ? 5.8.0238 4 
? 'data extraction' ? ? ? ? ? ? ? ? ? ? ? PDB_EXTRACT ? ? ? 3.25     5 
? 'data reduction'  ? ? ? ? ? ? ? ? ? ? ? DIALS       ? ? ? .        6 
# 
_cell.angle_alpha                  90.000 
_cell.angle_alpha_esd              ? 
_cell.angle_beta                   90.000 
_cell.angle_beta_esd               ? 
_cell.angle_gamma                  120.000 
_cell.angle_gamma_esd              ? 
_cell.entry_id                     6ST4 
_cell.details                      ? 
_cell.formula_units_Z              ? 
_cell.length_a                     67.999 
_cell.length_a_esd                 ? 
_cell.length_b                     67.999 
_cell.length_b_esd                 ? 
_cell.length_c                     41.575 
_cell.length_c_esd                 ? 
_cell.volume                       ? 
_cell.volume_esd                   ? 
_cell.Z_PDB                        6 
_cell.reciprocal_angle_alpha       ? 
_cell.reciprocal_angle_beta        ? 
_cell.reciprocal_angle_gamma       ? 
_cell.reciprocal_angle_alpha_esd   ? 
_cell.reciprocal_angle_beta_esd    ? 
_cell.reciprocal_angle_gamma_esd   ? 
_cell.reciprocal_length_a          ? 
_cell.reciprocal_length_b          ? 
_cell.reciprocal_length_c          ? 
_cell.reciprocal_length_a_esd      ? 
_cell.reciprocal_length_b_esd      ? 
_cell.reciprocal_length_c_esd      ? 
_cell.pdbx_unique_axis             ? 
# 
_symmetry.entry_id                         6ST4 
_symmetry.cell_setting                     ? 
_symmetry.Int_Tables_number                154 
_symmetry.space_group_name_Hall            ? 
_symmetry.space_group_name_H-M             'P 32 2 1' 
_symmetry.pdbx_full_space_group_name_H-M   ? 
# 
_exptl.absorpt_coefficient_mu     ? 
_exptl.absorpt_correction_T_max   ? 
_exptl.absorpt_correction_T_min   ? 
_exptl.absorpt_correction_type    ? 
_exptl.absorpt_process_details    ? 
_exptl.entry_id                   6ST4 
_exptl.crystals_number            1 
_exptl.details                    ? 
_exptl.method                     'X-RAY DIFFRACTION' 
_exptl.method_details             ? 
# 
_exptl_crystal.colour                      ? 
_exptl_crystal.density_diffrn              ? 
_exptl_crystal.density_Matthews            2.45 
_exptl_crystal.density_method              ? 
_exptl_crystal.density_percent_sol         49.84 
_exptl_crystal.description                 ? 
_exptl_crystal.F_000                       ? 
_exptl_crystal.id                          1 
_exptl_crystal.preparation                 ? 
_exptl_crystal.size_max                    ? 
_exptl_crystal.size_mid                    ? 
_exptl_crystal.size_min                    ? 
_exptl_crystal.size_rad                    ? 
_exptl_crystal.colour_lustre               ? 
_exptl_crystal.colour_modifier             ? 
_exptl_crystal.colour_primary              ? 
_exptl_crystal.density_meas                ? 
_exptl_crystal.density_meas_esd            ? 
_exptl_crystal.density_meas_gt             ? 
_exptl_crystal.density_meas_lt             ? 
_exptl_crystal.density_meas_temp           ? 
_exptl_crystal.density_meas_temp_esd       ? 
_exptl_crystal.density_meas_temp_gt        ? 
_exptl_crystal.density_meas_temp_lt        ? 
_exptl_crystal.pdbx_crystal_image_url      ? 
_exptl_crystal.pdbx_crystal_image_format   ? 
_exptl_crystal.pdbx_mosaicity              ? 
_exptl_crystal.pdbx_mosaicity_esd          ? 
# 
_exptl_crystal_grow.apparatus       ? 
_exptl_crystal_grow.atmosphere      ? 
_exptl_crystal_grow.crystal_id      1 
_exptl_crystal_grow.details         ? 
_exptl_crystal_grow.method          'VAPOR DIFFUSION, SITTING DROP' 
_exptl_crystal_grow.method_ref      ? 
_exptl_crystal_grow.pH              ? 
_exptl_crystal_grow.pressure        ? 
_exptl_crystal_grow.pressure_esd    ? 
_exptl_crystal_grow.seeding         ? 
_exptl_crystal_grow.seeding_ref     ? 
_exptl_crystal_grow.temp            291 
_exptl_crystal_grow.temp_details    ? 
_exptl_crystal_grow.temp_esd        ? 
_exptl_crystal_grow.time            ? 
_exptl_crystal_grow.pdbx_details    '40% ethylene glycol, 0.2 M (NH4)2SO4, 0.1 M Phosphate-citrate pH 4.2' 
_exptl_crystal_grow.pdbx_pH_range   ? 
# 
_diffrn.ambient_environment              ? 
_diffrn.ambient_temp                     100 
_diffrn.ambient_temp_details             ? 
_diffrn.ambient_temp_esd                 ? 
_diffrn.crystal_id                       1 
_diffrn.crystal_support                  ? 
_diffrn.crystal_treatment                ? 
_diffrn.details                          ? 
_diffrn.id                               1 
_diffrn.ambient_pressure                 ? 
_diffrn.ambient_pressure_esd             ? 
_diffrn.ambient_pressure_gt              ? 
_diffrn.ambient_pressure_lt              ? 
_diffrn.ambient_temp_gt                  ? 
_diffrn.ambient_temp_lt                  ? 
_diffrn.pdbx_serial_crystal_experiment   N 
# 
_diffrn_detector.details                      ? 
_diffrn_detector.detector                     PIXEL 
_diffrn_detector.diffrn_id                    1 
_diffrn_detector.type                         'DECTRIS PILATUS 6M-F' 
_diffrn_detector.area_resol_mean              ? 
_diffrn_detector.dtime                        ? 
_diffrn_detector.pdbx_frames_total            ? 
_diffrn_detector.pdbx_collection_time_total   ? 
_diffrn_detector.pdbx_collection_date         2018-08-27 
_diffrn_detector.pdbx_frequency               ? 
# 
_diffrn_radiation.collimation                      ? 
_diffrn_radiation.diffrn_id                        1 
_diffrn_radiation.filter_edge                      ? 
_diffrn_radiation.inhomogeneity                    ? 
_diffrn_radiation.monochromator                    ? 
_diffrn_radiation.polarisn_norm                    ? 
_diffrn_radiation.polarisn_ratio                   ? 
_diffrn_radiation.probe                            ? 
_diffrn_radiation.type                             ? 
_diffrn_radiation.xray_symbol                      ? 
_diffrn_radiation.wavelength_id                    1 
_diffrn_radiation.pdbx_monochromatic_or_laue_m_l   M 
_diffrn_radiation.pdbx_wavelength_list             ? 
_diffrn_radiation.pdbx_wavelength                  ? 
_diffrn_radiation.pdbx_diffrn_protocol             'SINGLE WAVELENGTH' 
_diffrn_radiation.pdbx_analyzer                    ? 
_diffrn_radiation.pdbx_scattering_type             x-ray 
# 
_diffrn_radiation_wavelength.id           1 
_diffrn_radiation_wavelength.wavelength   0.9772 
_diffrn_radiation_wavelength.wt           1.0 
# 
_diffrn_source.current                     ? 
_diffrn_source.details                     ? 
_diffrn_source.diffrn_id                   1 
_diffrn_source.power                       ? 
_diffrn_source.size                        ? 
_diffrn_source.source                      SYNCHROTRON 
_diffrn_source.target                      ? 
_diffrn_source.type                        'ESRF BEAMLINE ID29' 
_diffrn_source.voltage                     ? 
_diffrn_source.take-off_angle              ? 
_diffrn_source.pdbx_wavelength_list        0.9772 
_diffrn_source.pdbx_wavelength             ? 
_diffrn_source.pdbx_synchrotron_beamline   ID29 
_diffrn_source.pdbx_synchrotron_site       ESRF 
# 
_reflns.B_iso_Wilson_estimate            ? 
_reflns.entry_id                         6ST4 
_reflns.data_reduction_details           ? 
_reflns.data_reduction_method            ? 
_reflns.d_resolution_high                1.29 
_reflns.d_resolution_low                 58.89 
_reflns.details                          ? 
_reflns.limit_h_max                      ? 
_reflns.limit_h_min                      ? 
_reflns.limit_k_max                      ? 
_reflns.limit_k_min                      ? 
_reflns.limit_l_max                      ? 
_reflns.limit_l_min                      ? 
_reflns.number_all                       ? 
_reflns.number_obs                       28221 
_reflns.observed_criterion               ? 
_reflns.observed_criterion_F_max         ? 
_reflns.observed_criterion_F_min         ? 
_reflns.observed_criterion_I_max         ? 
_reflns.observed_criterion_I_min         ? 
_reflns.observed_criterion_sigma_F       ? 
_reflns.observed_criterion_sigma_I       ? 
_reflns.percent_possible_obs             99.99 
_reflns.R_free_details                   ? 
_reflns.Rmerge_F_all                     ? 
_reflns.Rmerge_F_obs                     ? 
_reflns.Friedel_coverage                 ? 
_reflns.number_gt                        ? 
_reflns.threshold_expression             ? 
_reflns.pdbx_redundancy                  9.6 
_reflns.pdbx_Rmerge_I_obs                0.143 
_reflns.pdbx_Rmerge_I_all                ? 
_reflns.pdbx_Rsym_value                  ? 
_reflns.pdbx_netI_over_av_sigmaI         ? 
_reflns.pdbx_netI_over_sigmaI            8.6 
_reflns.pdbx_res_netI_over_av_sigmaI_2   ? 
_reflns.pdbx_res_netI_over_sigmaI_2      ? 
_reflns.pdbx_chi_squared                 ? 
_reflns.pdbx_scaling_rejects             ? 
_reflns.pdbx_d_res_high_opt              ? 
_reflns.pdbx_d_res_low_opt               ? 
_reflns.pdbx_d_res_opt_method            ? 
_reflns.phase_calculation_details        ? 
_reflns.pdbx_Rrim_I_all                  ? 
_reflns.pdbx_Rpim_I_all                  ? 
_reflns.pdbx_d_opt                       ? 
_reflns.pdbx_number_measured_all         ? 
_reflns.pdbx_diffrn_id                   1 
_reflns.pdbx_ordinal                     1 
_reflns.pdbx_CC_half                     0.99 
_reflns.pdbx_R_split                     ? 
# 
_reflns_shell.d_res_high                  1.29 
_reflns_shell.d_res_low                   1.32 
_reflns_shell.meanI_over_sigI_all         ? 
_reflns_shell.meanI_over_sigI_obs         ? 
_reflns_shell.number_measured_all         ? 
_reflns_shell.number_measured_obs         ? 
_reflns_shell.number_possible             ? 
_reflns_shell.number_unique_all           ? 
_reflns_shell.number_unique_obs           2050 
_reflns_shell.percent_possible_all        ? 
_reflns_shell.percent_possible_obs        ? 
_reflns_shell.Rmerge_F_all                ? 
_reflns_shell.Rmerge_F_obs                ? 
_reflns_shell.Rmerge_I_all                ? 
_reflns_shell.Rmerge_I_obs                0.1511 
_reflns_shell.meanI_over_sigI_gt          ? 
_reflns_shell.meanI_over_uI_all           ? 
_reflns_shell.meanI_over_uI_gt            ? 
_reflns_shell.number_measured_gt          ? 
_reflns_shell.number_unique_gt            ? 
_reflns_shell.percent_possible_gt         ? 
_reflns_shell.Rmerge_F_gt                 ? 
_reflns_shell.Rmerge_I_gt                 ? 
_reflns_shell.pdbx_redundancy             ? 
_reflns_shell.pdbx_Rsym_value             ? 
_reflns_shell.pdbx_chi_squared            ? 
_reflns_shell.pdbx_netI_over_sigmaI_all   ? 
_reflns_shell.pdbx_netI_over_sigmaI_obs   ? 
_reflns_shell.pdbx_Rrim_I_all             ? 
_reflns_shell.pdbx_Rpim_I_all             ? 
_reflns_shell.pdbx_rejects                ? 
_reflns_shell.pdbx_ordinal                1 
_reflns_shell.pdbx_diffrn_id              1 
_reflns_shell.pdbx_CC_half                0.552 
_reflns_shell.pdbx_R_split                ? 
# 
_refine.aniso_B[1][1]                            -0.4700 
_refine.aniso_B[1][2]                            -0.2400 
_refine.aniso_B[1][3]                            0.0000 
_refine.aniso_B[2][2]                            -0.4700 
_refine.aniso_B[2][3]                            -0.0000 
_refine.aniso_B[3][3]                            1.5400 
_refine.B_iso_max                                134.320 
_refine.B_iso_mean                               29.2850 
_refine.B_iso_min                                13.430 
_refine.correlation_coeff_Fo_to_Fc               0.9710 
_refine.correlation_coeff_Fo_to_Fc_free          0.9670 
_refine.details                                  
'HYDROGENS HAVE BEEN ADDED IN THE RIDING POSITIONS U VALUES      : REFINED INDIVIDUALLY' 
_refine.diff_density_max                         ? 
_refine.diff_density_max_esd                     ? 
_refine.diff_density_min                         ? 
_refine.diff_density_min_esd                     ? 
_refine.diff_density_rms                         ? 
_refine.diff_density_rms_esd                     ? 
_refine.entry_id                                 6ST4 
_refine.pdbx_refine_id                           'X-RAY DIFFRACTION' 
_refine.ls_abs_structure_details                 ? 
_refine.ls_abs_structure_Flack                   ? 
_refine.ls_abs_structure_Flack_esd               ? 
_refine.ls_abs_structure_Rogers                  ? 
_refine.ls_abs_structure_Rogers_esd              ? 
_refine.ls_d_res_high                            1.2900 
_refine.ls_d_res_low                             58.8900 
_refine.ls_extinction_coef                       ? 
_refine.ls_extinction_coef_esd                   ? 
_refine.ls_extinction_expression                 ? 
_refine.ls_extinction_method                     ? 
_refine.ls_goodness_of_fit_all                   ? 
_refine.ls_goodness_of_fit_all_esd               ? 
_refine.ls_goodness_of_fit_obs                   ? 
_refine.ls_goodness_of_fit_obs_esd               ? 
_refine.ls_hydrogen_treatment                    ? 
_refine.ls_matrix_type                           ? 
_refine.ls_number_constraints                    ? 
_refine.ls_number_parameters                     ? 
_refine.ls_number_reflns_all                     ? 
_refine.ls_number_reflns_obs                     26769 
_refine.ls_number_reflns_R_free                  1452 
_refine.ls_number_reflns_R_work                  ? 
_refine.ls_number_restraints                     ? 
_refine.ls_percent_reflns_obs                    99.9800 
_refine.ls_percent_reflns_R_free                 5.1000 
_refine.ls_R_factor_all                          ? 
_refine.ls_R_factor_obs                          0.1790 
_refine.ls_R_factor_R_free                       0.1943 
_refine.ls_R_factor_R_free_error                 ? 
_refine.ls_R_factor_R_free_error_details         ? 
_refine.ls_R_factor_R_work                       0.1781 
_refine.ls_R_Fsqd_factor_obs                     ? 
_refine.ls_R_I_factor_obs                        ? 
_refine.ls_redundancy_reflns_all                 ? 
_refine.ls_redundancy_reflns_obs                 ? 
_refine.ls_restrained_S_all                      ? 
_refine.ls_restrained_S_obs                      ? 
_refine.ls_shift_over_esd_max                    ? 
_refine.ls_shift_over_esd_mean                   ? 
_refine.ls_structure_factor_coef                 ? 
_refine.ls_weighting_details                     ? 
_refine.ls_weighting_scheme                      ? 
_refine.ls_wR_factor_all                         ? 
_refine.ls_wR_factor_obs                         ? 
_refine.ls_wR_factor_R_free                      ? 
_refine.ls_wR_factor_R_work                      ? 
_refine.occupancy_max                            ? 
_refine.occupancy_min                            ? 
_refine.solvent_model_details                    ? 
_refine.solvent_model_param_bsol                 ? 
_refine.solvent_model_param_ksol                 ? 
_refine.ls_R_factor_gt                           ? 
_refine.ls_goodness_of_fit_gt                    ? 
_refine.ls_goodness_of_fit_ref                   ? 
_refine.ls_shift_over_su_max                     ? 
_refine.ls_shift_over_su_max_lt                  ? 
_refine.ls_shift_over_su_mean                    ? 
_refine.ls_shift_over_su_mean_lt                 ? 
_refine.pdbx_ls_sigma_I                          ? 
_refine.pdbx_ls_sigma_F                          0.000 
_refine.pdbx_ls_sigma_Fsqd                       ? 
_refine.pdbx_data_cutoff_high_absF               ? 
_refine.pdbx_data_cutoff_high_rms_absF           ? 
_refine.pdbx_data_cutoff_low_absF                ? 
_refine.pdbx_isotropic_thermal_model             ? 
_refine.pdbx_ls_cross_valid_method               THROUGHOUT 
_refine.pdbx_method_to_determine_struct          SAD 
_refine.pdbx_starting_model                      ? 
_refine.pdbx_stereochemistry_target_values       ? 
_refine.pdbx_R_Free_selection_details            RANDOM 
_refine.pdbx_stereochem_target_val_spec_case     ? 
_refine.pdbx_overall_ESU_R                       0.0460 
_refine.pdbx_overall_ESU_R_Free                  0.0430 
_refine.pdbx_solvent_vdw_probe_radii             1.2000 
_refine.pdbx_solvent_ion_probe_radii             0.8000 
_refine.pdbx_solvent_shrinkage_radii             0.8000 
_refine.pdbx_real_space_R                        ? 
_refine.pdbx_density_correlation                 ? 
_refine.pdbx_pd_number_of_powder_patterns        ? 
_refine.pdbx_pd_number_of_points                 ? 
_refine.pdbx_pd_meas_number_of_points            ? 
_refine.pdbx_pd_proc_ls_prof_R_factor            ? 
_refine.pdbx_pd_proc_ls_prof_wR_factor           ? 
_refine.pdbx_pd_Marquardt_correlation_coeff      ? 
_refine.pdbx_pd_Fsqrd_R_factor                   ? 
_refine.pdbx_pd_ls_matrix_band_width             ? 
_refine.pdbx_overall_phase_error                 ? 
_refine.pdbx_overall_SU_R_free_Cruickshank_DPI   ? 
_refine.pdbx_overall_SU_R_free_Blow_DPI          ? 
_refine.pdbx_overall_SU_R_Blow_DPI               ? 
_refine.pdbx_TLS_residual_ADP_flag               ? 
_refine.pdbx_diffrn_id                           1 
_refine.overall_SU_B                             1.8380 
_refine.overall_SU_ML                            0.0340 
_refine.overall_SU_R_Cruickshank_DPI             ? 
_refine.overall_SU_R_free                        ? 
_refine.overall_FOM_free_R_set                   ? 
_refine.overall_FOM_work_R_set                   ? 
_refine.pdbx_average_fsc_overall                 ? 
_refine.pdbx_average_fsc_work                    ? 
_refine.pdbx_average_fsc_free                    ? 
# 
_refine_hist.pdbx_refine_id                   'X-RAY DIFFRACTION' 
_refine_hist.cycle_id                         final 
_refine_hist.details                          ? 
_refine_hist.d_res_high                       1.2900 
_refine_hist.d_res_low                        58.8900 
_refine_hist.number_atoms_solvent             65 
_refine_hist.number_atoms_total               750 
_refine_hist.number_reflns_all                ? 
_refine_hist.number_reflns_obs                ? 
_refine_hist.number_reflns_R_free             ? 
_refine_hist.number_reflns_R_work             ? 
_refine_hist.R_factor_all                     ? 
_refine_hist.R_factor_obs                     ? 
_refine_hist.R_factor_R_free                  ? 
_refine_hist.R_factor_R_work                  ? 
_refine_hist.pdbx_number_residues_total       87 
_refine_hist.pdbx_B_iso_mean_ligand           43.13 
_refine_hist.pdbx_B_iso_mean_solvent          40.39 
_refine_hist.pdbx_number_atoms_protein        661 
_refine_hist.pdbx_number_atoms_nucleic_acid   0 
_refine_hist.pdbx_number_atoms_ligand         24 
_refine_hist.pdbx_number_atoms_lipid          ? 
_refine_hist.pdbx_number_atoms_carb           ? 
_refine_hist.pdbx_pseudo_atom_details         ? 
# 
loop_
_refine_ls_restr.pdbx_refine_id 
_refine_ls_restr.criterion 
_refine_ls_restr.dev_ideal 
_refine_ls_restr.dev_ideal_target 
_refine_ls_restr.number 
_refine_ls_restr.rejects 
_refine_ls_restr.type 
_refine_ls_restr.weight 
_refine_ls_restr.pdbx_restraint_function 
'X-RAY DIFFRACTION' ? 0.015  0.013  712  ? r_bond_refined_d       ? ? 
'X-RAY DIFFRACTION' ? 0.016  0.017  583  ? r_bond_other_d         ? ? 
'X-RAY DIFFRACTION' ? 1.820  1.665  978  ? r_angle_refined_deg    ? ? 
'X-RAY DIFFRACTION' ? 1.643  1.559  1368 ? r_angle_other_deg      ? ? 
'X-RAY DIFFRACTION' ? 7.072  5.000  88   ? r_dihedral_angle_1_deg ? ? 
'X-RAY DIFFRACTION' ? 32.379 25.455 33   ? r_dihedral_angle_2_deg ? ? 
'X-RAY DIFFRACTION' ? 8.932  15.000 88   ? r_dihedral_angle_3_deg ? ? 
'X-RAY DIFFRACTION' ? 7.656  15.000 1    ? r_dihedral_angle_4_deg ? ? 
'X-RAY DIFFRACTION' ? 0.092  0.200  96   ? r_chiral_restr         ? ? 
'X-RAY DIFFRACTION' ? 0.009  0.020  802  ? r_gen_planes_refined   ? ? 
'X-RAY DIFFRACTION' ? 0.002  0.020  133  ? r_gen_planes_other     ? ? 
'X-RAY DIFFRACTION' ? 6.631  3.000  1295 ? r_rigid_bond_restr     ? ? 
# 
_refine_ls_shell.pdbx_refine_id                   'X-RAY DIFFRACTION' 
_refine_ls_shell.d_res_high                       1.2900 
_refine_ls_shell.d_res_low                        1.3230 
_refine_ls_shell.number_reflns_all                2047 
_refine_ls_shell.number_reflns_obs                ? 
_refine_ls_shell.number_reflns_R_free             103 
_refine_ls_shell.number_reflns_R_work             1944 
_refine_ls_shell.percent_reflns_obs               99.7100 
_refine_ls_shell.percent_reflns_R_free            ? 
_refine_ls_shell.R_factor_all                     ? 
_refine_ls_shell.R_factor_obs                     ? 
_refine_ls_shell.R_factor_R_free                  0.2970 
_refine_ls_shell.R_factor_R_free_error            0.0000 
_refine_ls_shell.R_factor_R_work                  0.2960 
_refine_ls_shell.redundancy_reflns_all            ? 
_refine_ls_shell.redundancy_reflns_obs            ? 
_refine_ls_shell.wR_factor_all                    ? 
_refine_ls_shell.wR_factor_obs                    ? 
_refine_ls_shell.wR_factor_R_free                 ? 
_refine_ls_shell.wR_factor_R_work                 ? 
_refine_ls_shell.pdbx_total_number_of_bins_used   20 
_refine_ls_shell.pdbx_phase_error                 ? 
_refine_ls_shell.pdbx_fsc_work                    ? 
_refine_ls_shell.pdbx_fsc_free                    ? 
# 
_struct.entry_id                     6ST4 
_struct.title                        'Crystal structure of the tick chemokine-binding protein Evasin-4 (SG 1)' 
_struct.pdbx_model_details           ? 
_struct.pdbx_formula_weight          ? 
_struct.pdbx_formula_weight_method   ? 
_struct.pdbx_model_type_details      ? 
_struct.pdbx_CASP_flag               N 
# 
_struct_keywords.entry_id        6ST4 
_struct_keywords.text            'CHEMOKINE-BINDING PROTEIN, TICKS, IMMUNE SYSTEM' 
_struct_keywords.pdbx_keywords   'IMMUNE SYSTEM' 
# 
loop_
_struct_asym.id 
_struct_asym.pdbx_blank_PDB_chainid_flag 
_struct_asym.pdbx_modified 
_struct_asym.entity_id 
_struct_asym.details 
A N N 1 ? 
B N N 2 ? 
C N N 2 ? 
D N N 2 ? 
E N N 2 ? 
F N N 3 ? 
G N N 4 ? 
# 
_struct_ref.id                         1 
_struct_ref.db_name                    UNP 
_struct_ref.db_code                    EVA4_RHISA 
_struct_ref.pdbx_db_accession          P0C8E9 
_struct_ref.pdbx_db_isoform            ? 
_struct_ref.entity_id                  1 
_struct_ref.pdbx_seq_one_letter_code   
;EVPQMTSSSAPDLEEEDDYTAYAPLTCYFTNSTLGLLAPPNCSVLCNSTTTWFNETSPNNASCLLTVDFLTQDAILQENQ
PYNCSVGHCDNGTCAGPPRHAQCW
;
_struct_ref.pdbx_align_begin           24 
# 
_struct_ref_seq.align_id                      1 
_struct_ref_seq.ref_id                        1 
_struct_ref_seq.pdbx_PDB_id_code              6ST4 
_struct_ref_seq.pdbx_strand_id                A 
_struct_ref_seq.seq_align_beg                 1 
_struct_ref_seq.pdbx_seq_align_beg_ins_code   ? 
_struct_ref_seq.seq_align_end                 104 
_struct_ref_seq.pdbx_seq_align_end_ins_code   ? 
_struct_ref_seq.pdbx_db_accession             P0C8E9 
_struct_ref_seq.db_align_beg                  24 
_struct_ref_seq.pdbx_db_align_beg_ins_code    ? 
_struct_ref_seq.db_align_end                  127 
_struct_ref_seq.pdbx_db_align_end_ins_code    ? 
_struct_ref_seq.pdbx_auth_seq_align_beg       1 
_struct_ref_seq.pdbx_auth_seq_align_end       104 
# 
_pdbx_struct_assembly.id                   1 
_pdbx_struct_assembly.details              author_defined_assembly 
_pdbx_struct_assembly.method_details       ? 
_pdbx_struct_assembly.oligomeric_details   dimeric 
_pdbx_struct_assembly.oligomeric_count     2 
# 
loop_
_pdbx_struct_assembly_gen.assembly_id 
_pdbx_struct_assembly_gen.oper_expression 
_pdbx_struct_assembly_gen.asym_id_list 
1 1 A,B,C,D,E,F,G 
1 2 A,B,C,D,E,F,G 
# 
_pdbx_struct_assembly_auth_evidence.id                     1 
_pdbx_struct_assembly_auth_evidence.assembly_id            1 
_pdbx_struct_assembly_auth_evidence.experimental_support   'native gel electrophoresis' 
_pdbx_struct_assembly_auth_evidence.details                ? 
# 
loop_
_pdbx_struct_oper_list.id 
_pdbx_struct_oper_list.type 
_pdbx_struct_oper_list.name 
_pdbx_struct_oper_list.symmetry_operation 
_pdbx_struct_oper_list.matrix[1][1] 
_pdbx_struct_oper_list.matrix[1][2] 
_pdbx_struct_oper_list.matrix[1][3] 
_pdbx_struct_oper_list.vector[1] 
_pdbx_struct_oper_list.matrix[2][1] 
_pdbx_struct_oper_list.matrix[2][2] 
_pdbx_struct_oper_list.matrix[2][3] 
_pdbx_struct_oper_list.vector[2] 
_pdbx_struct_oper_list.matrix[3][1] 
_pdbx_struct_oper_list.matrix[3][2] 
_pdbx_struct_oper_list.matrix[3][3] 
_pdbx_struct_oper_list.vector[3] 
1 'identity operation'         1_555 x,y,z             1.0000000000  0.0000000000 0.0000000000  0.0000000000  0.0000000000 1.0000000000  0.0000000000  0.0000000000   0.0000000000  0.0000000000  1.0000000000  0.0000000000   
2 'crystal symmetry operation' 5_675 x-y+1,-y+2,-z+1/3 -0.6633278215 0.5769278660 -0.4766030199 12.2678276377 0.5769278660 -0.0113654056 -0.8167160247 -15.8083086719 -0.4766030199 -0.8167160247 -0.3253067729 -10.4699662475 
# 
_struct_conf.conf_type_id            HELX_P 
_struct_conf.id                      HELX_P1 
_struct_conf.pdbx_PDB_helix_id       AA1 
_struct_conf.beg_label_comp_id       LEU 
_struct_conf.beg_label_asym_id       A 
_struct_conf.beg_label_seq_id        70 
_struct_conf.pdbx_beg_PDB_ins_code   ? 
_struct_conf.end_label_comp_id       LEU 
_struct_conf.end_label_asym_id       A 
_struct_conf.end_label_seq_id        76 
_struct_conf.pdbx_end_PDB_ins_code   ? 
_struct_conf.beg_auth_comp_id        LEU 
_struct_conf.beg_auth_asym_id        A 
_struct_conf.beg_auth_seq_id         70 
_struct_conf.end_auth_comp_id        LEU 
_struct_conf.end_auth_asym_id        A 
_struct_conf.end_auth_seq_id         76 
_struct_conf.pdbx_PDB_helix_class    1 
_struct_conf.details                 ? 
_struct_conf.pdbx_PDB_helix_length   7 
# 
_struct_conf_type.id          HELX_P 
_struct_conf_type.criteria    ? 
_struct_conf_type.reference   ? 
# 
loop_
_struct_conn.id 
_struct_conn.conn_type_id 
_struct_conn.pdbx_leaving_atom_flag 
_struct_conn.pdbx_PDB_id 
_struct_conn.ptnr1_label_asym_id 
_struct_conn.ptnr1_label_comp_id 
_struct_conn.ptnr1_label_seq_id 
_struct_conn.ptnr1_label_atom_id 
_struct_conn.pdbx_ptnr1_label_alt_id 
_struct_conn.pdbx_ptnr1_PDB_ins_code 
_struct_conn.pdbx_ptnr1_standard_comp_id 
_struct_conn.ptnr1_symmetry 
_struct_conn.ptnr2_label_asym_id 
_struct_conn.ptnr2_label_comp_id 
_struct_conn.ptnr2_label_seq_id 
_struct_conn.ptnr2_label_atom_id 
_struct_conn.pdbx_ptnr2_label_alt_id 
_struct_conn.pdbx_ptnr2_PDB_ins_code 
_struct_conn.ptnr1_auth_asym_id 
_struct_conn.ptnr1_auth_comp_id 
_struct_conn.ptnr1_auth_seq_id 
_struct_conn.ptnr2_auth_asym_id 
_struct_conn.ptnr2_auth_comp_id 
_struct_conn.ptnr2_auth_seq_id 
_struct_conn.ptnr2_symmetry 
_struct_conn.pdbx_ptnr3_label_atom_id 
_struct_conn.pdbx_ptnr3_label_seq_id 
_struct_conn.pdbx_ptnr3_label_comp_id 
_struct_conn.pdbx_ptnr3_label_asym_id 
_struct_conn.pdbx_ptnr3_label_alt_id 
_struct_conn.pdbx_ptnr3_PDB_ins_code 
_struct_conn.details 
_struct_conn.pdbx_dist_value 
_struct_conn.pdbx_value_order 
_struct_conn.pdbx_role 
disulf1 disulf ? ? A CYS 27 SG ? ? ? 1_555 A CYS 46  SG ? ? A CYS 27 A CYS 46  1_555 ? ? ? ? ? ? ? 2.101 ? ? 
disulf2 disulf ? ? A CYS 42 SG ? ? ? 1_555 A CYS 89  SG ? ? A CYS 42 A CYS 89  1_555 ? ? ? ? ? ? ? 2.142 ? ? 
disulf3 disulf ? ? A CYS 63 SG ? ? ? 1_555 A CYS 94  SG ? ? A CYS 63 A CYS 94  1_555 ? ? ? ? ? ? ? 2.026 ? ? 
disulf4 disulf ? ? A CYS 84 SG ? ? ? 1_555 A CYS 103 SG ? ? A CYS 84 A CYS 103 1_555 ? ? ? ? ? ? ? 2.060 ? ? 
# 
_struct_conn_type.id          disulf 
_struct_conn_type.criteria    ? 
_struct_conn_type.reference   ? 
# 
loop_
_pdbx_modification_feature.ordinal 
_pdbx_modification_feature.label_comp_id 
_pdbx_modification_feature.label_asym_id 
_pdbx_modification_feature.label_seq_id 
_pdbx_modification_feature.label_alt_id 
_pdbx_modification_feature.modified_residue_label_comp_id 
_pdbx_modification_feature.modified_residue_label_asym_id 
_pdbx_modification_feature.modified_residue_label_seq_id 
_pdbx_modification_feature.modified_residue_label_alt_id 
_pdbx_modification_feature.auth_comp_id 
_pdbx_modification_feature.auth_asym_id 
_pdbx_modification_feature.auth_seq_id 
_pdbx_modification_feature.PDB_ins_code 
_pdbx_modification_feature.symmetry 
_pdbx_modification_feature.modified_residue_auth_comp_id 
_pdbx_modification_feature.modified_residue_auth_asym_id 
_pdbx_modification_feature.modified_residue_auth_seq_id 
_pdbx_modification_feature.modified_residue_PDB_ins_code 
_pdbx_modification_feature.modified_residue_symmetry 
_pdbx_modification_feature.comp_id_linking_atom 
_pdbx_modification_feature.modified_residue_id_linking_atom 
_pdbx_modification_feature.modified_residue_id 
_pdbx_modification_feature.ref_pcm_id 
_pdbx_modification_feature.ref_comp_id 
_pdbx_modification_feature.type 
_pdbx_modification_feature.category 
1 CYS A 27 ? CYS A 46  ? CYS A 27 ? 1_555 CYS A 46  ? 1_555 SG SG . . . None 'Disulfide bridge' 
2 CYS A 42 ? CYS A 89  ? CYS A 42 ? 1_555 CYS A 89  ? 1_555 SG SG . . . None 'Disulfide bridge' 
3 CYS A 63 ? CYS A 94  ? CYS A 63 ? 1_555 CYS A 94  ? 1_555 SG SG . . . None 'Disulfide bridge' 
4 CYS A 84 ? CYS A 103 ? CYS A 84 ? 1_555 CYS A 103 ? 1_555 SG SG . . . None 'Disulfide bridge' 
# 
_struct_mon_prot_cis.pdbx_id                1 
_struct_mon_prot_cis.label_comp_id          GLY 
_struct_mon_prot_cis.label_seq_id           96 
_struct_mon_prot_cis.label_asym_id          A 
_struct_mon_prot_cis.label_alt_id           . 
_struct_mon_prot_cis.pdbx_PDB_ins_code      ? 
_struct_mon_prot_cis.auth_comp_id           GLY 
_struct_mon_prot_cis.auth_seq_id            96 
_struct_mon_prot_cis.auth_asym_id           A 
_struct_mon_prot_cis.pdbx_label_comp_id_2   PRO 
_struct_mon_prot_cis.pdbx_label_seq_id_2    97 
_struct_mon_prot_cis.pdbx_label_asym_id_2   A 
_struct_mon_prot_cis.pdbx_PDB_ins_code_2    ? 
_struct_mon_prot_cis.pdbx_auth_comp_id_2    PRO 
_struct_mon_prot_cis.pdbx_auth_seq_id_2     97 
_struct_mon_prot_cis.pdbx_auth_asym_id_2    A 
_struct_mon_prot_cis.pdbx_PDB_model_num     1 
_struct_mon_prot_cis.pdbx_omega_angle       3.93 
# 
loop_
_struct_sheet.id 
_struct_sheet.type 
_struct_sheet.number_strands 
_struct_sheet.details 
AA1 ? 3 ? 
AA2 ? 3 ? 
# 
loop_
_struct_sheet_order.sheet_id 
_struct_sheet_order.range_id_1 
_struct_sheet_order.range_id_2 
_struct_sheet_order.offset 
_struct_sheet_order.sense 
AA1 1 2 ? anti-parallel 
AA1 2 3 ? anti-parallel 
AA2 1 2 ? anti-parallel 
AA2 2 3 ? anti-parallel 
# 
loop_
_struct_sheet_range.sheet_id 
_struct_sheet_range.id 
_struct_sheet_range.beg_label_comp_id 
_struct_sheet_range.beg_label_asym_id 
_struct_sheet_range.beg_label_seq_id 
_struct_sheet_range.pdbx_beg_PDB_ins_code 
_struct_sheet_range.end_label_comp_id 
_struct_sheet_range.end_label_asym_id 
_struct_sheet_range.end_label_seq_id 
_struct_sheet_range.pdbx_end_PDB_ins_code 
_struct_sheet_range.beg_auth_comp_id 
_struct_sheet_range.beg_auth_asym_id 
_struct_sheet_range.beg_auth_seq_id 
_struct_sheet_range.end_auth_comp_id 
_struct_sheet_range.end_auth_asym_id 
_struct_sheet_range.end_auth_seq_id 
AA1 1 THR A 26 ? CYS A 27  ? THR A 26 CYS A 27  
AA1 2 SER A 43 ? ASN A 47  ? SER A 43 ASN A 47  
AA1 3 TRP A 52 ? THR A 56  ? TRP A 52 THR A 56  
AA2 1 SER A 62 ? VAL A 67  ? SER A 62 VAL A 67  
AA2 2 TYR A 82 ? ASP A 90  ? TYR A 82 ASP A 90  
AA2 3 THR A 93 ? CYS A 103 ? THR A 93 CYS A 103 
# 
loop_
_pdbx_struct_sheet_hbond.sheet_id 
_pdbx_struct_sheet_hbond.range_id_1 
_pdbx_struct_sheet_hbond.range_id_2 
_pdbx_struct_sheet_hbond.range_1_label_atom_id 
_pdbx_struct_sheet_hbond.range_1_label_comp_id 
_pdbx_struct_sheet_hbond.range_1_label_asym_id 
_pdbx_struct_sheet_hbond.range_1_label_seq_id 
_pdbx_struct_sheet_hbond.range_1_PDB_ins_code 
_pdbx_struct_sheet_hbond.range_1_auth_atom_id 
_pdbx_struct_sheet_hbond.range_1_auth_comp_id 
_pdbx_struct_sheet_hbond.range_1_auth_asym_id 
_pdbx_struct_sheet_hbond.range_1_auth_seq_id 
_pdbx_struct_sheet_hbond.range_2_label_atom_id 
_pdbx_struct_sheet_hbond.range_2_label_comp_id 
_pdbx_struct_sheet_hbond.range_2_label_asym_id 
_pdbx_struct_sheet_hbond.range_2_label_seq_id 
_pdbx_struct_sheet_hbond.range_2_PDB_ins_code 
_pdbx_struct_sheet_hbond.range_2_auth_atom_id 
_pdbx_struct_sheet_hbond.range_2_auth_comp_id 
_pdbx_struct_sheet_hbond.range_2_auth_asym_id 
_pdbx_struct_sheet_hbond.range_2_auth_seq_id 
AA1 1 2 N THR A 26 ? N THR A 26 O ASN A 47  ? O ASN A 47  
AA1 2 3 N CYS A 46 ? N CYS A 46 O PHE A 53  ? O PHE A 53  
AA2 1 2 N LEU A 65 ? N LEU A 65 O SER A 85  ? O SER A 85  
AA2 2 3 N TYR A 82 ? N TYR A 82 O CYS A 103 ? O CYS A 103 
# 
loop_
_struct_site.id 
_struct_site.pdbx_evidence_code 
_struct_site.pdbx_auth_asym_id 
_struct_site.pdbx_auth_comp_id 
_struct_site.pdbx_auth_seq_id 
_struct_site.pdbx_auth_ins_code 
_struct_site.pdbx_num_residues 
_struct_site.details 
AC1 Software A EDO 201 ? 10 'binding site for residue EDO A 201' 
AC2 Software A EDO 202 ? 8  'binding site for residue EDO A 202' 
AC3 Software A EDO 203 ? 8  'binding site for residue EDO A 203' 
AC4 Software A EDO 204 ? 6  'binding site for residue EDO A 204' 
AC5 Software A TRS 205 ? 4  'binding site for residue TRS A 205' 
# 
loop_
_struct_site_gen.id 
_struct_site_gen.site_id 
_struct_site_gen.pdbx_num_res 
_struct_site_gen.label_comp_id 
_struct_site_gen.label_asym_id 
_struct_site_gen.label_seq_id 
_struct_site_gen.pdbx_auth_ins_code 
_struct_site_gen.auth_comp_id 
_struct_site_gen.auth_asym_id 
_struct_site_gen.auth_seq_id 
_struct_site_gen.label_atom_id 
_struct_site_gen.label_alt_id 
_struct_site_gen.symmetry 
_struct_site_gen.details 
1  AC1 10 LEU A 25 ? LEU A 25  . ? 1_555 ? 
2  AC1 10 LEU A 25 ? LEU A 25  . ? 5_675 ? 
3  AC1 10 CYS A 27 ? CYS A 27  . ? 5_675 ? 
4  AC1 10 CYS A 27 ? CYS A 27  . ? 1_555 ? 
5  AC1 10 PHE A 29 ? PHE A 29  . ? 5_675 ? 
6  AC1 10 PHE A 29 ? PHE A 29  . ? 1_555 ? 
7  AC1 10 EDO C .  ? EDO A 202 . ? 1_555 ? 
8  AC1 10 EDO C .  ? EDO A 202 . ? 5_675 ? 
9  AC1 10 HOH G .  ? HOH A 324 . ? 5_675 ? 
10 AC1 10 HOH G .  ? HOH A 324 . ? 1_555 ? 
11 AC2 8  CYS A 27 ? CYS A 27  . ? 1_555 ? 
12 AC2 8  GLU A 55 ? GLU A 55  . ? 1_555 ? 
13 AC2 8  PRO A 58 ? PRO A 58  . ? 1_555 ? 
14 AC2 8  EDO B .  ? EDO A 201 . ? 5_675 ? 
15 AC2 8  EDO B .  ? EDO A 201 . ? 1_555 ? 
16 AC2 8  HOH G .  ? HOH A 314 . ? 1_555 ? 
17 AC2 8  HOH G .  ? HOH A 324 . ? 1_555 ? 
18 AC2 8  HOH G .  ? HOH A 354 . ? 5_675 ? 
19 AC3 8  TYR A 22 ? TYR A 22  . ? 5_675 ? 
20 AC3 8  TYR A 28 ? TYR A 28  . ? 1_555 ? 
21 AC3 8  PRO A 39 ? PRO A 39  . ? 1_555 ? 
22 AC3 8  VAL A 44 ? VAL A 44  . ? 1_555 ? 
23 AC3 8  LEU A 45 ? LEU A 45  . ? 1_555 ? 
24 AC3 8  THR A 66 ? THR A 66  . ? 3_565 ? 
25 AC3 8  ASP A 68 ? ASP A 68  . ? 3_565 ? 
26 AC3 8  HOH G .  ? HOH A 322 . ? 1_555 ? 
27 AC4 6  PRO A 24 ? PRO A 24  . ? 1_555 ? 
28 AC4 6  THR A 26 ? THR A 26  . ? 1_555 ? 
29 AC4 6  ASN A 47 ? ASN A 47  . ? 1_555 ? 
30 AC4 6  SER A 48 ? SER A 48  . ? 1_555 ? 
31 AC4 6  THR A 49 ? THR A 49  . ? 1_555 ? 
32 AC4 6  HOH G .  ? HOH A 343 . ? 1_555 ? 
33 AC5 4  PRO A 58 ? PRO A 58  . ? 5_675 ? 
34 AC5 4  ASN A 59 ? ASN A 59  . ? 1_555 ? 
35 AC5 4  ASN A 59 ? ASN A 59  . ? 5_675 ? 
36 AC5 4  ALA A 61 ? ALA A 61  . ? 1_555 ? 
# 
_pdbx_entry_details.entry_id                   6ST4 
_pdbx_entry_details.has_ligand_of_interest     N 
_pdbx_entry_details.compound_details           ? 
_pdbx_entry_details.source_details             ? 
_pdbx_entry_details.nonpolymer_details         ? 
_pdbx_entry_details.sequence_details           ? 
_pdbx_entry_details.has_protein_modification   Y 
# 
_pdbx_validate_close_contact.id               1 
_pdbx_validate_close_contact.PDB_model_num    1 
_pdbx_validate_close_contact.auth_atom_id_1   NH1 
_pdbx_validate_close_contact.auth_asym_id_1   A 
_pdbx_validate_close_contact.auth_comp_id_1   ARG 
_pdbx_validate_close_contact.auth_seq_id_1    99 
_pdbx_validate_close_contact.PDB_ins_code_1   ? 
_pdbx_validate_close_contact.label_alt_id_1   ? 
_pdbx_validate_close_contact.auth_atom_id_2   O 
_pdbx_validate_close_contact.auth_asym_id_2   A 
_pdbx_validate_close_contact.auth_comp_id_2   HOH 
_pdbx_validate_close_contact.auth_seq_id_2    301 
_pdbx_validate_close_contact.PDB_ins_code_2   ? 
_pdbx_validate_close_contact.label_alt_id_2   ? 
_pdbx_validate_close_contact.dist             2.06 
# 
loop_
_pdbx_validate_torsion.id 
_pdbx_validate_torsion.PDB_model_num 
_pdbx_validate_torsion.auth_comp_id 
_pdbx_validate_torsion.auth_asym_id 
_pdbx_validate_torsion.auth_seq_id 
_pdbx_validate_torsion.PDB_ins_code 
_pdbx_validate_torsion.label_alt_id 
_pdbx_validate_torsion.phi 
_pdbx_validate_torsion.psi 
1 1 THR A 20 ? ? 36.37   56.62 
2 1 ASN A 60 ? ? 81.03   1.64  
3 1 ASN A 79 ? ? -107.01 67.94 
# 
_pdbx_refine_tls.id               1 
_pdbx_refine_tls.pdbx_refine_id   'X-RAY DIFFRACTION' 
_pdbx_refine_tls.details          ? 
_pdbx_refine_tls.method           refined 
_pdbx_refine_tls.origin_x         0.3961 
_pdbx_refine_tls.origin_y         0.2784 
_pdbx_refine_tls.origin_z         -0.2434 
_pdbx_refine_tls.T[1][1]          0.0000 
_pdbx_refine_tls.T[1][1]_esd      ? 
_pdbx_refine_tls.T[1][2]          0.0000 
_pdbx_refine_tls.T[1][2]_esd      ? 
_pdbx_refine_tls.T[1][3]          0.0000 
_pdbx_refine_tls.T[1][3]_esd      ? 
_pdbx_refine_tls.T[2][2]          0.0000 
_pdbx_refine_tls.T[2][2]_esd      ? 
_pdbx_refine_tls.T[2][3]          0.0000 
_pdbx_refine_tls.T[2][3]_esd      ? 
_pdbx_refine_tls.T[3][3]          0.0000 
_pdbx_refine_tls.T[3][3]_esd      ? 
_pdbx_refine_tls.L[1][1]          0.0000 
_pdbx_refine_tls.L[1][1]_esd      ? 
_pdbx_refine_tls.L[1][2]          0.0000 
_pdbx_refine_tls.L[1][2]_esd      ? 
_pdbx_refine_tls.L[1][3]          0.0000 
_pdbx_refine_tls.L[1][3]_esd      ? 
_pdbx_refine_tls.L[2][2]          0.0000 
_pdbx_refine_tls.L[2][2]_esd      ? 
_pdbx_refine_tls.L[2][3]          0.0000 
_pdbx_refine_tls.L[2][3]_esd      ? 
_pdbx_refine_tls.L[3][3]          0.0000 
_pdbx_refine_tls.L[3][3]_esd      ? 
_pdbx_refine_tls.S[1][1]          0.0000 
_pdbx_refine_tls.S[1][1]_esd      ? 
_pdbx_refine_tls.S[1][2]          0.0000 
_pdbx_refine_tls.S[1][2]_esd      ? 
_pdbx_refine_tls.S[1][3]          0.0000 
_pdbx_refine_tls.S[1][3]_esd      ? 
_pdbx_refine_tls.S[2][1]          0.0000 
_pdbx_refine_tls.S[2][1]_esd      ? 
_pdbx_refine_tls.S[2][2]          0.0000 
_pdbx_refine_tls.S[2][2]_esd      ? 
_pdbx_refine_tls.S[2][3]          0.0000 
_pdbx_refine_tls.S[2][3]_esd      ? 
_pdbx_refine_tls.S[3][1]          0.0000 
_pdbx_refine_tls.S[3][1]_esd      ? 
_pdbx_refine_tls.S[3][2]          0.0000 
_pdbx_refine_tls.S[3][2]_esd      ? 
_pdbx_refine_tls.S[3][3]          0.0000 
_pdbx_refine_tls.S[3][3]_esd      ? 
# 
_pdbx_refine_tls_group.id                  1 
_pdbx_refine_tls_group.pdbx_refine_id      'X-RAY DIFFRACTION' 
_pdbx_refine_tls_group.refine_tls_id       1 
_pdbx_refine_tls_group.beg_label_asym_id   ? 
_pdbx_refine_tls_group.beg_label_seq_id    ? 
_pdbx_refine_tls_group.beg_auth_asym_id    A 
_pdbx_refine_tls_group.beg_auth_seq_id     18 
_pdbx_refine_tls_group.end_label_asym_id   ? 
_pdbx_refine_tls_group.end_label_seq_id    ? 
_pdbx_refine_tls_group.end_auth_asym_id    A 
_pdbx_refine_tls_group.end_auth_seq_id     104 
_pdbx_refine_tls_group.selection           ? 
_pdbx_refine_tls_group.selection_details   ? 
# 
loop_
_phasing.method 
SAD 
MR  
# 
loop_
_pdbx_unobs_or_zero_occ_residues.id 
_pdbx_unobs_or_zero_occ_residues.PDB_model_num 
_pdbx_unobs_or_zero_occ_residues.polymer_flag 
_pdbx_unobs_or_zero_occ_residues.occupancy_flag 
_pdbx_unobs_or_zero_occ_residues.auth_asym_id 
_pdbx_unobs_or_zero_occ_residues.auth_comp_id 
_pdbx_unobs_or_zero_occ_residues.auth_seq_id 
_pdbx_unobs_or_zero_occ_residues.PDB_ins_code 
_pdbx_unobs_or_zero_occ_residues.label_asym_id 
_pdbx_unobs_or_zero_occ_residues.label_comp_id 
_pdbx_unobs_or_zero_occ_residues.label_seq_id 
1  1 Y 1 A GLU 1  ? A GLU 1  
2  1 Y 1 A VAL 2  ? A VAL 2  
3  1 Y 1 A PRO 3  ? A PRO 3  
4  1 Y 1 A GLN 4  ? A GLN 4  
5  1 Y 1 A MET 5  ? A MET 5  
6  1 Y 1 A THR 6  ? A THR 6  
7  1 Y 1 A SER 7  ? A SER 7  
8  1 Y 1 A SER 8  ? A SER 8  
9  1 Y 1 A SER 9  ? A SER 9  
10 1 Y 1 A ALA 10 ? A ALA 10 
11 1 Y 1 A PRO 11 ? A PRO 11 
12 1 Y 1 A ASP 12 ? A ASP 12 
13 1 Y 1 A LEU 13 ? A LEU 13 
14 1 Y 1 A GLU 14 ? A GLU 14 
15 1 Y 1 A GLU 15 ? A GLU 15 
16 1 Y 1 A GLU 16 ? A GLU 16 
17 1 Y 1 A ASP 17 ? A ASP 17 
# 
loop_
_chem_comp_atom.comp_id 
_chem_comp_atom.atom_id 
_chem_comp_atom.type_symbol 
_chem_comp_atom.pdbx_aromatic_flag 
_chem_comp_atom.pdbx_stereo_config 
_chem_comp_atom.pdbx_ordinal 
ALA N    N N N 1   
ALA CA   C N S 2   
ALA C    C N N 3   
ALA O    O N N 4   
ALA CB   C N N 5   
ALA OXT  O N N 6   
ALA H    H N N 7   
ALA H2   H N N 8   
ALA HA   H N N 9   
ALA HB1  H N N 10  
ALA HB2  H N N 11  
ALA HB3  H N N 12  
ALA HXT  H N N 13  
ARG N    N N N 14  
ARG CA   C N S 15  
ARG C    C N N 16  
ARG O    O N N 17  
ARG CB   C N N 18  
ARG CG   C N N 19  
ARG CD   C N N 20  
ARG NE   N N N 21  
ARG CZ   C N N 22  
ARG NH1  N N N 23  
ARG NH2  N N N 24  
ARG OXT  O N N 25  
ARG H    H N N 26  
ARG H2   H N N 27  
ARG HA   H N N 28  
ARG HB2  H N N 29  
ARG HB3  H N N 30  
ARG HG2  H N N 31  
ARG HG3  H N N 32  
ARG HD2  H N N 33  
ARG HD3  H N N 34  
ARG HE   H N N 35  
ARG HH11 H N N 36  
ARG HH12 H N N 37  
ARG HH21 H N N 38  
ARG HH22 H N N 39  
ARG HXT  H N N 40  
ASN N    N N N 41  
ASN CA   C N S 42  
ASN C    C N N 43  
ASN O    O N N 44  
ASN CB   C N N 45  
ASN CG   C N N 46  
ASN OD1  O N N 47  
ASN ND2  N N N 48  
ASN OXT  O N N 49  
ASN H    H N N 50  
ASN H2   H N N 51  
ASN HA   H N N 52  
ASN HB2  H N N 53  
ASN HB3  H N N 54  
ASN HD21 H N N 55  
ASN HD22 H N N 56  
ASN HXT  H N N 57  
ASP N    N N N 58  
ASP CA   C N S 59  
ASP C    C N N 60  
ASP O    O N N 61  
ASP CB   C N N 62  
ASP CG   C N N 63  
ASP OD1  O N N 64  
ASP OD2  O N N 65  
ASP OXT  O N N 66  
ASP H    H N N 67  
ASP H2   H N N 68  
ASP HA   H N N 69  
ASP HB2  H N N 70  
ASP HB3  H N N 71  
ASP HD2  H N N 72  
ASP HXT  H N N 73  
CYS N    N N N 74  
CYS CA   C N R 75  
CYS C    C N N 76  
CYS O    O N N 77  
CYS CB   C N N 78  
CYS SG   S N N 79  
CYS OXT  O N N 80  
CYS H    H N N 81  
CYS H2   H N N 82  
CYS HA   H N N 83  
CYS HB2  H N N 84  
CYS HB3  H N N 85  
CYS HG   H N N 86  
CYS HXT  H N N 87  
EDO C1   C N N 88  
EDO O1   O N N 89  
EDO C2   C N N 90  
EDO O2   O N N 91  
EDO H11  H N N 92  
EDO H12  H N N 93  
EDO HO1  H N N 94  
EDO H21  H N N 95  
EDO H22  H N N 96  
EDO HO2  H N N 97  
GLN N    N N N 98  
GLN CA   C N S 99  
GLN C    C N N 100 
GLN O    O N N 101 
GLN CB   C N N 102 
GLN CG   C N N 103 
GLN CD   C N N 104 
GLN OE1  O N N 105 
GLN NE2  N N N 106 
GLN OXT  O N N 107 
GLN H    H N N 108 
GLN H2   H N N 109 
GLN HA   H N N 110 
GLN HB2  H N N 111 
GLN HB3  H N N 112 
GLN HG2  H N N 113 
GLN HG3  H N N 114 
GLN HE21 H N N 115 
GLN HE22 H N N 116 
GLN HXT  H N N 117 
GLU N    N N N 118 
GLU CA   C N S 119 
GLU C    C N N 120 
GLU O    O N N 121 
GLU CB   C N N 122 
GLU CG   C N N 123 
GLU CD   C N N 124 
GLU OE1  O N N 125 
GLU OE2  O N N 126 
GLU OXT  O N N 127 
GLU H    H N N 128 
GLU H2   H N N 129 
GLU HA   H N N 130 
GLU HB2  H N N 131 
GLU HB3  H N N 132 
GLU HG2  H N N 133 
GLU HG3  H N N 134 
GLU HE2  H N N 135 
GLU HXT  H N N 136 
GLY N    N N N 137 
GLY CA   C N N 138 
GLY C    C N N 139 
GLY O    O N N 140 
GLY OXT  O N N 141 
GLY H    H N N 142 
GLY H2   H N N 143 
GLY HA2  H N N 144 
GLY HA3  H N N 145 
GLY HXT  H N N 146 
HIS N    N N N 147 
HIS CA   C N S 148 
HIS C    C N N 149 
HIS O    O N N 150 
HIS CB   C N N 151 
HIS CG   C Y N 152 
HIS ND1  N Y N 153 
HIS CD2  C Y N 154 
HIS CE1  C Y N 155 
HIS NE2  N Y N 156 
HIS OXT  O N N 157 
HIS H    H N N 158 
HIS H2   H N N 159 
HIS HA   H N N 160 
HIS HB2  H N N 161 
HIS HB3  H N N 162 
HIS HD1  H N N 163 
HIS HD2  H N N 164 
HIS HE1  H N N 165 
HIS HE2  H N N 166 
HIS HXT  H N N 167 
HOH O    O N N 168 
HOH H1   H N N 169 
HOH H2   H N N 170 
ILE N    N N N 171 
ILE CA   C N S 172 
ILE C    C N N 173 
ILE O    O N N 174 
ILE CB   C N S 175 
ILE CG1  C N N 176 
ILE CG2  C N N 177 
ILE CD1  C N N 178 
ILE OXT  O N N 179 
ILE H    H N N 180 
ILE H2   H N N 181 
ILE HA   H N N 182 
ILE HB   H N N 183 
ILE HG12 H N N 184 
ILE HG13 H N N 185 
ILE HG21 H N N 186 
ILE HG22 H N N 187 
ILE HG23 H N N 188 
ILE HD11 H N N 189 
ILE HD12 H N N 190 
ILE HD13 H N N 191 
ILE HXT  H N N 192 
LEU N    N N N 193 
LEU CA   C N S 194 
LEU C    C N N 195 
LEU O    O N N 196 
LEU CB   C N N 197 
LEU CG   C N N 198 
LEU CD1  C N N 199 
LEU CD2  C N N 200 
LEU OXT  O N N 201 
LEU H    H N N 202 
LEU H2   H N N 203 
LEU HA   H N N 204 
LEU HB2  H N N 205 
LEU HB3  H N N 206 
LEU HG   H N N 207 
LEU HD11 H N N 208 
LEU HD12 H N N 209 
LEU HD13 H N N 210 
LEU HD21 H N N 211 
LEU HD22 H N N 212 
LEU HD23 H N N 213 
LEU HXT  H N N 214 
MET N    N N N 215 
MET CA   C N S 216 
MET C    C N N 217 
MET O    O N N 218 
MET CB   C N N 219 
MET CG   C N N 220 
MET SD   S N N 221 
MET CE   C N N 222 
MET OXT  O N N 223 
MET H    H N N 224 
MET H2   H N N 225 
MET HA   H N N 226 
MET HB2  H N N 227 
MET HB3  H N N 228 
MET HG2  H N N 229 
MET HG3  H N N 230 
MET HE1  H N N 231 
MET HE2  H N N 232 
MET HE3  H N N 233 
MET HXT  H N N 234 
PHE N    N N N 235 
PHE CA   C N S 236 
PHE C    C N N 237 
PHE O    O N N 238 
PHE CB   C N N 239 
PHE CG   C Y N 240 
PHE CD1  C Y N 241 
PHE CD2  C Y N 242 
PHE CE1  C Y N 243 
PHE CE2  C Y N 244 
PHE CZ   C Y N 245 
PHE OXT  O N N 246 
PHE H    H N N 247 
PHE H2   H N N 248 
PHE HA   H N N 249 
PHE HB2  H N N 250 
PHE HB3  H N N 251 
PHE HD1  H N N 252 
PHE HD2  H N N 253 
PHE HE1  H N N 254 
PHE HE2  H N N 255 
PHE HZ   H N N 256 
PHE HXT  H N N 257 
PRO N    N N N 258 
PRO CA   C N S 259 
PRO C    C N N 260 
PRO O    O N N 261 
PRO CB   C N N 262 
PRO CG   C N N 263 
PRO CD   C N N 264 
PRO OXT  O N N 265 
PRO H    H N N 266 
PRO HA   H N N 267 
PRO HB2  H N N 268 
PRO HB3  H N N 269 
PRO HG2  H N N 270 
PRO HG3  H N N 271 
PRO HD2  H N N 272 
PRO HD3  H N N 273 
PRO HXT  H N N 274 
SER N    N N N 275 
SER CA   C N S 276 
SER C    C N N 277 
SER O    O N N 278 
SER CB   C N N 279 
SER OG   O N N 280 
SER OXT  O N N 281 
SER H    H N N 282 
SER H2   H N N 283 
SER HA   H N N 284 
SER HB2  H N N 285 
SER HB3  H N N 286 
SER HG   H N N 287 
SER HXT  H N N 288 
THR N    N N N 289 
THR CA   C N S 290 
THR C    C N N 291 
THR O    O N N 292 
THR CB   C N R 293 
THR OG1  O N N 294 
THR CG2  C N N 295 
THR OXT  O N N 296 
THR H    H N N 297 
THR H2   H N N 298 
THR HA   H N N 299 
THR HB   H N N 300 
THR HG1  H N N 301 
THR HG21 H N N 302 
THR HG22 H N N 303 
THR HG23 H N N 304 
THR HXT  H N N 305 
TRP N    N N N 306 
TRP CA   C N S 307 
TRP C    C N N 308 
TRP O    O N N 309 
TRP CB   C N N 310 
TRP CG   C Y N 311 
TRP CD1  C Y N 312 
TRP CD2  C Y N 313 
TRP NE1  N Y N 314 
TRP CE2  C Y N 315 
TRP CE3  C Y N 316 
TRP CZ2  C Y N 317 
TRP CZ3  C Y N 318 
TRP CH2  C Y N 319 
TRP OXT  O N N 320 
TRP H    H N N 321 
TRP H2   H N N 322 
TRP HA   H N N 323 
TRP HB2  H N N 324 
TRP HB3  H N N 325 
TRP HD1  H N N 326 
TRP HE1  H N N 327 
TRP HE3  H N N 328 
TRP HZ2  H N N 329 
TRP HZ3  H N N 330 
TRP HH2  H N N 331 
TRP HXT  H N N 332 
TRS C    C N N 333 
TRS C1   C N N 334 
TRS C2   C N N 335 
TRS C3   C N N 336 
TRS N    N N N 337 
TRS O1   O N N 338 
TRS O2   O N N 339 
TRS O3   O N N 340 
TRS H11  H N N 341 
TRS H12  H N N 342 
TRS H21  H N N 343 
TRS H22  H N N 344 
TRS H31  H N N 345 
TRS H32  H N N 346 
TRS HN1  H N N 347 
TRS HN2  H N N 348 
TRS HN3  H N N 349 
TRS HO1  H N N 350 
TRS HO2  H N N 351 
TRS HO3  H N N 352 
TYR N    N N N 353 
TYR CA   C N S 354 
TYR C    C N N 355 
TYR O    O N N 356 
TYR CB   C N N 357 
TYR CG   C Y N 358 
TYR CD1  C Y N 359 
TYR CD2  C Y N 360 
TYR CE1  C Y N 361 
TYR CE2  C Y N 362 
TYR CZ   C Y N 363 
TYR OH   O N N 364 
TYR OXT  O N N 365 
TYR H    H N N 366 
TYR H2   H N N 367 
TYR HA   H N N 368 
TYR HB2  H N N 369 
TYR HB3  H N N 370 
TYR HD1  H N N 371 
TYR HD2  H N N 372 
TYR HE1  H N N 373 
TYR HE2  H N N 374 
TYR HH   H N N 375 
TYR HXT  H N N 376 
VAL N    N N N 377 
VAL CA   C N S 378 
VAL C    C N N 379 
VAL O    O N N 380 
VAL CB   C N N 381 
VAL CG1  C N N 382 
VAL CG2  C N N 383 
VAL OXT  O N N 384 
VAL H    H N N 385 
VAL H2   H N N 386 
VAL HA   H N N 387 
VAL HB   H N N 388 
VAL HG11 H N N 389 
VAL HG12 H N N 390 
VAL HG13 H N N 391 
VAL HG21 H N N 392 
VAL HG22 H N N 393 
VAL HG23 H N N 394 
VAL HXT  H N N 395 
# 
loop_
_chem_comp_bond.comp_id 
_chem_comp_bond.atom_id_1 
_chem_comp_bond.atom_id_2 
_chem_comp_bond.value_order 
_chem_comp_bond.pdbx_aromatic_flag 
_chem_comp_bond.pdbx_stereo_config 
_chem_comp_bond.pdbx_ordinal 
ALA N   CA   sing N N 1   
ALA N   H    sing N N 2   
ALA N   H2   sing N N 3   
ALA CA  C    sing N N 4   
ALA CA  CB   sing N N 5   
ALA CA  HA   sing N N 6   
ALA C   O    doub N N 7   
ALA C   OXT  sing N N 8   
ALA CB  HB1  sing N N 9   
ALA CB  HB2  sing N N 10  
ALA CB  HB3  sing N N 11  
ALA OXT HXT  sing N N 12  
ARG N   CA   sing N N 13  
ARG N   H    sing N N 14  
ARG N   H2   sing N N 15  
ARG CA  C    sing N N 16  
ARG CA  CB   sing N N 17  
ARG CA  HA   sing N N 18  
ARG C   O    doub N N 19  
ARG C   OXT  sing N N 20  
ARG CB  CG   sing N N 21  
ARG CB  HB2  sing N N 22  
ARG CB  HB3  sing N N 23  
ARG CG  CD   sing N N 24  
ARG CG  HG2  sing N N 25  
ARG CG  HG3  sing N N 26  
ARG CD  NE   sing N N 27  
ARG CD  HD2  sing N N 28  
ARG CD  HD3  sing N N 29  
ARG NE  CZ   sing N N 30  
ARG NE  HE   sing N N 31  
ARG CZ  NH1  sing N N 32  
ARG CZ  NH2  doub N N 33  
ARG NH1 HH11 sing N N 34  
ARG NH1 HH12 sing N N 35  
ARG NH2 HH21 sing N N 36  
ARG NH2 HH22 sing N N 37  
ARG OXT HXT  sing N N 38  
ASN N   CA   sing N N 39  
ASN N   H    sing N N 40  
ASN N   H2   sing N N 41  
ASN CA  C    sing N N 42  
ASN CA  CB   sing N N 43  
ASN CA  HA   sing N N 44  
ASN C   O    doub N N 45  
ASN C   OXT  sing N N 46  
ASN CB  CG   sing N N 47  
ASN CB  HB2  sing N N 48  
ASN CB  HB3  sing N N 49  
ASN CG  OD1  doub N N 50  
ASN CG  ND2  sing N N 51  
ASN ND2 HD21 sing N N 52  
ASN ND2 HD22 sing N N 53  
ASN OXT HXT  sing N N 54  
ASP N   CA   sing N N 55  
ASP N   H    sing N N 56  
ASP N   H2   sing N N 57  
ASP CA  C    sing N N 58  
ASP CA  CB   sing N N 59  
ASP CA  HA   sing N N 60  
ASP C   O    doub N N 61  
ASP C   OXT  sing N N 62  
ASP CB  CG   sing N N 63  
ASP CB  HB2  sing N N 64  
ASP CB  HB3  sing N N 65  
ASP CG  OD1  doub N N 66  
ASP CG  OD2  sing N N 67  
ASP OD2 HD2  sing N N 68  
ASP OXT HXT  sing N N 69  
CYS N   CA   sing N N 70  
CYS N   H    sing N N 71  
CYS N   H2   sing N N 72  
CYS CA  C    sing N N 73  
CYS CA  CB   sing N N 74  
CYS CA  HA   sing N N 75  
CYS C   O    doub N N 76  
CYS C   OXT  sing N N 77  
CYS CB  SG   sing N N 78  
CYS CB  HB2  sing N N 79  
CYS CB  HB3  sing N N 80  
CYS SG  HG   sing N N 81  
CYS OXT HXT  sing N N 82  
EDO C1  O1   sing N N 83  
EDO C1  C2   sing N N 84  
EDO C1  H11  sing N N 85  
EDO C1  H12  sing N N 86  
EDO O1  HO1  sing N N 87  
EDO C2  O2   sing N N 88  
EDO C2  H21  sing N N 89  
EDO C2  H22  sing N N 90  
EDO O2  HO2  sing N N 91  
GLN N   CA   sing N N 92  
GLN N   H    sing N N 93  
GLN N   H2   sing N N 94  
GLN CA  C    sing N N 95  
GLN CA  CB   sing N N 96  
GLN CA  HA   sing N N 97  
GLN C   O    doub N N 98  
GLN C   OXT  sing N N 99  
GLN CB  CG   sing N N 100 
GLN CB  HB2  sing N N 101 
GLN CB  HB3  sing N N 102 
GLN CG  CD   sing N N 103 
GLN CG  HG2  sing N N 104 
GLN CG  HG3  sing N N 105 
GLN CD  OE1  doub N N 106 
GLN CD  NE2  sing N N 107 
GLN NE2 HE21 sing N N 108 
GLN NE2 HE22 sing N N 109 
GLN OXT HXT  sing N N 110 
GLU N   CA   sing N N 111 
GLU N   H    sing N N 112 
GLU N   H2   sing N N 113 
GLU CA  C    sing N N 114 
GLU CA  CB   sing N N 115 
GLU CA  HA   sing N N 116 
GLU C   O    doub N N 117 
GLU C   OXT  sing N N 118 
GLU CB  CG   sing N N 119 
GLU CB  HB2  sing N N 120 
GLU CB  HB3  sing N N 121 
GLU CG  CD   sing N N 122 
GLU CG  HG2  sing N N 123 
GLU CG  HG3  sing N N 124 
GLU CD  OE1  doub N N 125 
GLU CD  OE2  sing N N 126 
GLU OE2 HE2  sing N N 127 
GLU OXT HXT  sing N N 128 
GLY N   CA   sing N N 129 
GLY N   H    sing N N 130 
GLY N   H2   sing N N 131 
GLY CA  C    sing N N 132 
GLY CA  HA2  sing N N 133 
GLY CA  HA3  sing N N 134 
GLY C   O    doub N N 135 
GLY C   OXT  sing N N 136 
GLY OXT HXT  sing N N 137 
HIS N   CA   sing N N 138 
HIS N   H    sing N N 139 
HIS N   H2   sing N N 140 
HIS CA  C    sing N N 141 
HIS CA  CB   sing N N 142 
HIS CA  HA   sing N N 143 
HIS C   O    doub N N 144 
HIS C   OXT  sing N N 145 
HIS CB  CG   sing N N 146 
HIS CB  HB2  sing N N 147 
HIS CB  HB3  sing N N 148 
HIS CG  ND1  sing Y N 149 
HIS CG  CD2  doub Y N 150 
HIS ND1 CE1  doub Y N 151 
HIS ND1 HD1  sing N N 152 
HIS CD2 NE2  sing Y N 153 
HIS CD2 HD2  sing N N 154 
HIS CE1 NE2  sing Y N 155 
HIS CE1 HE1  sing N N 156 
HIS NE2 HE2  sing N N 157 
HIS OXT HXT  sing N N 158 
HOH O   H1   sing N N 159 
HOH O   H2   sing N N 160 
ILE N   CA   sing N N 161 
ILE N   H    sing N N 162 
ILE N   H2   sing N N 163 
ILE CA  C    sing N N 164 
ILE CA  CB   sing N N 165 
ILE CA  HA   sing N N 166 
ILE C   O    doub N N 167 
ILE C   OXT  sing N N 168 
ILE CB  CG1  sing N N 169 
ILE CB  CG2  sing N N 170 
ILE CB  HB   sing N N 171 
ILE CG1 CD1  sing N N 172 
ILE CG1 HG12 sing N N 173 
ILE CG1 HG13 sing N N 174 
ILE CG2 HG21 sing N N 175 
ILE CG2 HG22 sing N N 176 
ILE CG2 HG23 sing N N 177 
ILE CD1 HD11 sing N N 178 
ILE CD1 HD12 sing N N 179 
ILE CD1 HD13 sing N N 180 
ILE OXT HXT  sing N N 181 
LEU N   CA   sing N N 182 
LEU N   H    sing N N 183 
LEU N   H2   sing N N 184 
LEU CA  C    sing N N 185 
LEU CA  CB   sing N N 186 
LEU CA  HA   sing N N 187 
LEU C   O    doub N N 188 
LEU C   OXT  sing N N 189 
LEU CB  CG   sing N N 190 
LEU CB  HB2  sing N N 191 
LEU CB  HB3  sing N N 192 
LEU CG  CD1  sing N N 193 
LEU CG  CD2  sing N N 194 
LEU CG  HG   sing N N 195 
LEU CD1 HD11 sing N N 196 
LEU CD1 HD12 sing N N 197 
LEU CD1 HD13 sing N N 198 
LEU CD2 HD21 sing N N 199 
LEU CD2 HD22 sing N N 200 
LEU CD2 HD23 sing N N 201 
LEU OXT HXT  sing N N 202 
MET N   CA   sing N N 203 
MET N   H    sing N N 204 
MET N   H2   sing N N 205 
MET CA  C    sing N N 206 
MET CA  CB   sing N N 207 
MET CA  HA   sing N N 208 
MET C   O    doub N N 209 
MET C   OXT  sing N N 210 
MET CB  CG   sing N N 211 
MET CB  HB2  sing N N 212 
MET CB  HB3  sing N N 213 
MET CG  SD   sing N N 214 
MET CG  HG2  sing N N 215 
MET CG  HG3  sing N N 216 
MET SD  CE   sing N N 217 
MET CE  HE1  sing N N 218 
MET CE  HE2  sing N N 219 
MET CE  HE3  sing N N 220 
MET OXT HXT  sing N N 221 
PHE N   CA   sing N N 222 
PHE N   H    sing N N 223 
PHE N   H2   sing N N 224 
PHE CA  C    sing N N 225 
PHE CA  CB   sing N N 226 
PHE CA  HA   sing N N 227 
PHE C   O    doub N N 228 
PHE C   OXT  sing N N 229 
PHE CB  CG   sing N N 230 
PHE CB  HB2  sing N N 231 
PHE CB  HB3  sing N N 232 
PHE CG  CD1  doub Y N 233 
PHE CG  CD2  sing Y N 234 
PHE CD1 CE1  sing Y N 235 
PHE CD1 HD1  sing N N 236 
PHE CD2 CE2  doub Y N 237 
PHE CD2 HD2  sing N N 238 
PHE CE1 CZ   doub Y N 239 
PHE CE1 HE1  sing N N 240 
PHE CE2 CZ   sing Y N 241 
PHE CE2 HE2  sing N N 242 
PHE CZ  HZ   sing N N 243 
PHE OXT HXT  sing N N 244 
PRO N   CA   sing N N 245 
PRO N   CD   sing N N 246 
PRO N   H    sing N N 247 
PRO CA  C    sing N N 248 
PRO CA  CB   sing N N 249 
PRO CA  HA   sing N N 250 
PRO C   O    doub N N 251 
PRO C   OXT  sing N N 252 
PRO CB  CG   sing N N 253 
PRO CB  HB2  sing N N 254 
PRO CB  HB3  sing N N 255 
PRO CG  CD   sing N N 256 
PRO CG  HG2  sing N N 257 
PRO CG  HG3  sing N N 258 
PRO CD  HD2  sing N N 259 
PRO CD  HD3  sing N N 260 
PRO OXT HXT  sing N N 261 
SER N   CA   sing N N 262 
SER N   H    sing N N 263 
SER N   H2   sing N N 264 
SER CA  C    sing N N 265 
SER CA  CB   sing N N 266 
SER CA  HA   sing N N 267 
SER C   O    doub N N 268 
SER C   OXT  sing N N 269 
SER CB  OG   sing N N 270 
SER CB  HB2  sing N N 271 
SER CB  HB3  sing N N 272 
SER OG  HG   sing N N 273 
SER OXT HXT  sing N N 274 
THR N   CA   sing N N 275 
THR N   H    sing N N 276 
THR N   H2   sing N N 277 
THR CA  C    sing N N 278 
THR CA  CB   sing N N 279 
THR CA  HA   sing N N 280 
THR C   O    doub N N 281 
THR C   OXT  sing N N 282 
THR CB  OG1  sing N N 283 
THR CB  CG2  sing N N 284 
THR CB  HB   sing N N 285 
THR OG1 HG1  sing N N 286 
THR CG2 HG21 sing N N 287 
THR CG2 HG22 sing N N 288 
THR CG2 HG23 sing N N 289 
THR OXT HXT  sing N N 290 
TRP N   CA   sing N N 291 
TRP N   H    sing N N 292 
TRP N   H2   sing N N 293 
TRP CA  C    sing N N 294 
TRP CA  CB   sing N N 295 
TRP CA  HA   sing N N 296 
TRP C   O    doub N N 297 
TRP C   OXT  sing N N 298 
TRP CB  CG   sing N N 299 
TRP CB  HB2  sing N N 300 
TRP CB  HB3  sing N N 301 
TRP CG  CD1  doub Y N 302 
TRP CG  CD2  sing Y N 303 
TRP CD1 NE1  sing Y N 304 
TRP CD1 HD1  sing N N 305 
TRP CD2 CE2  doub Y N 306 
TRP CD2 CE3  sing Y N 307 
TRP NE1 CE2  sing Y N 308 
TRP NE1 HE1  sing N N 309 
TRP CE2 CZ2  sing Y N 310 
TRP CE3 CZ3  doub Y N 311 
TRP CE3 HE3  sing N N 312 
TRP CZ2 CH2  doub Y N 313 
TRP CZ2 HZ2  sing N N 314 
TRP CZ3 CH2  sing Y N 315 
TRP CZ3 HZ3  sing N N 316 
TRP CH2 HH2  sing N N 317 
TRP OXT HXT  sing N N 318 
TRS C   C1   sing N N 319 
TRS C   C2   sing N N 320 
TRS C   C3   sing N N 321 
TRS C   N    sing N N 322 
TRS C1  O1   sing N N 323 
TRS C1  H11  sing N N 324 
TRS C1  H12  sing N N 325 
TRS C2  O2   sing N N 326 
TRS C2  H21  sing N N 327 
TRS C2  H22  sing N N 328 
TRS C3  O3   sing N N 329 
TRS C3  H31  sing N N 330 
TRS C3  H32  sing N N 331 
TRS N   HN1  sing N N 332 
TRS N   HN2  sing N N 333 
TRS N   HN3  sing N N 334 
TRS O1  HO1  sing N N 335 
TRS O2  HO2  sing N N 336 
TRS O3  HO3  sing N N 337 
TYR N   CA   sing N N 338 
TYR N   H    sing N N 339 
TYR N   H2   sing N N 340 
TYR CA  C    sing N N 341 
TYR CA  CB   sing N N 342 
TYR CA  HA   sing N N 343 
TYR C   O    doub N N 344 
TYR C   OXT  sing N N 345 
TYR CB  CG   sing N N 346 
TYR CB  HB2  sing N N 347 
TYR CB  HB3  sing N N 348 
TYR CG  CD1  doub Y N 349 
TYR CG  CD2  sing Y N 350 
TYR CD1 CE1  sing Y N 351 
TYR CD1 HD1  sing N N 352 
TYR CD2 CE2  doub Y N 353 
TYR CD2 HD2  sing N N 354 
TYR CE1 CZ   doub Y N 355 
TYR CE1 HE1  sing N N 356 
TYR CE2 CZ   sing Y N 357 
TYR CE2 HE2  sing N N 358 
TYR CZ  OH   sing N N 359 
TYR OH  HH   sing N N 360 
TYR OXT HXT  sing N N 361 
VAL N   CA   sing N N 362 
VAL N   H    sing N N 363 
VAL N   H2   sing N N 364 
VAL CA  C    sing N N 365 
VAL CA  CB   sing N N 366 
VAL CA  HA   sing N N 367 
VAL C   O    doub N N 368 
VAL C   OXT  sing N N 369 
VAL CB  CG1  sing N N 370 
VAL CB  CG2  sing N N 371 
VAL CB  HB   sing N N 372 
VAL CG1 HG11 sing N N 373 
VAL CG1 HG12 sing N N 374 
VAL CG1 HG13 sing N N 375 
VAL CG2 HG21 sing N N 376 
VAL CG2 HG22 sing N N 377 
VAL CG2 HG23 sing N N 378 
VAL OXT HXT  sing N N 379 
# 
_pdbx_audit_support.funding_organization   'European Research Council' 
_pdbx_audit_support.country                ? 
_pdbx_audit_support.grant_number           677500 
_pdbx_audit_support.ordinal                1 
# 
_atom_sites.entry_id                    6ST4 
_atom_sites.Cartn_transf_matrix[1][1]   ? 
_atom_sites.Cartn_transf_matrix[1][2]   ? 
_atom_sites.Cartn_transf_matrix[1][3]   ? 
_atom_sites.Cartn_transf_matrix[2][1]   ? 
_atom_sites.Cartn_transf_matrix[2][2]   ? 
_atom_sites.Cartn_transf_matrix[2][3]   ? 
_atom_sites.Cartn_transf_matrix[3][1]   ? 
_atom_sites.Cartn_transf_matrix[3][2]   ? 
_atom_sites.Cartn_transf_matrix[3][3]   ? 
_atom_sites.Cartn_transf_vector[1]      ? 
_atom_sites.Cartn_transf_vector[2]      ? 
_atom_sites.Cartn_transf_vector[3]      ? 
_atom_sites.fract_transf_matrix[1][1]   0.01315880 
_atom_sites.fract_transf_matrix[1][2]   0.00575057 
_atom_sites.fract_transf_matrix[1][3]   -0.00906314 
_atom_sites.fract_transf_matrix[2][1]   0.01424937 
_atom_sites.fract_transf_matrix[2][2]   -0.00917723 
_atom_sites.fract_transf_matrix[2][3]   -0.00104328 
_atom_sites.fract_transf_matrix[3][1]   -0.00858914 
_atom_sites.fract_transf_matrix[3][2]   -0.01111671 
_atom_sites.fract_transf_matrix[3][3]   -0.01952414 
_atom_sites.fract_transf_vector[1]      0.419016 
_atom_sites.fract_transf_vector[2]      0.834588 
_atom_sites.fract_transf_vector[3]      0.029276 
_atom_sites.solution_primary            ? 
_atom_sites.solution_secondary          ? 
_atom_sites.solution_hydrogens          ? 
_atom_sites.special_details             ? 
# 
loop_
_atom_type.symbol 
C 
N 
O 
S 
# 
loop_
_atom_site.group_PDB 
_atom_site.id 
_atom_site.type_symbol 
_atom_site.label_atom_id 
_atom_site.label_alt_id 
_atom_site.label_comp_id 
_atom_site.label_asym_id 
_atom_site.label_entity_id 
_atom_site.label_seq_id 
_atom_site.pdbx_PDB_ins_code 
_atom_site.Cartn_x 
_atom_site.Cartn_y 
_atom_site.Cartn_z 
_atom_site.occupancy 
_atom_site.B_iso_or_equiv 
_atom_site.pdbx_formal_charge 
_atom_site.auth_seq_id 
_atom_site.auth_comp_id 
_atom_site.auth_asym_id 
_atom_site.auth_atom_id 
_atom_site.pdbx_PDB_model_num 
ATOM   1   N N   . ASP A 1 18  ? 23.389  -9.006  -21.964 1.00 61.23  ? 18  ASP A N   1 
ATOM   2   C CA  . ASP A 1 18  ? 22.164  -9.057  -21.101 1.00 59.16  ? 18  ASP A CA  1 
ATOM   3   C C   . ASP A 1 18  ? 21.286  -10.236 -21.535 1.00 74.62  ? 18  ASP A C   1 
ATOM   4   O O   . ASP A 1 18  ? 20.069  -10.036 -21.735 1.00 58.46  ? 18  ASP A O   1 
ATOM   5   C CB  . ASP A 1 18  ? 21.393  -7.736  -21.171 1.00 61.23  ? 18  ASP A CB  1 
ATOM   6   C CG  . ASP A 1 18  ? 20.397  -7.552  -20.043 0.80 82.97  ? 18  ASP A CG  1 
ATOM   7   O OD1 . ASP A 1 18  ? 20.421  -8.369  -19.098 0.80 72.23  ? 18  ASP A OD1 1 
ATOM   8   O OD2 . ASP A 1 18  ? 19.594  -6.603  -20.127 0.80 97.61  ? 18  ASP A OD2 1 
ATOM   9   N N   . TYR A 1 19  ? 21.881  -11.422 -21.666 1.00 71.10  ? 19  TYR A N   1 
ATOM   10  C CA  . TYR A 1 19  ? 21.180  -12.626 -22.186 1.00 71.83  ? 19  TYR A CA  1 
ATOM   11  C C   . TYR A 1 19  ? 20.055  -13.021 -21.225 1.00 55.27  ? 19  TYR A C   1 
ATOM   12  O O   . TYR A 1 19  ? 20.250  -12.881 -20.001 1.00 59.43  ? 19  TYR A O   1 
ATOM   13  C CB  . TYR A 1 19  ? 22.161  -13.769 -22.455 1.00 57.17  ? 19  TYR A CB  1 
ATOM   14  C CG  . TYR A 1 19  ? 22.792  -14.388 -21.230 1.00 55.01  ? 19  TYR A CG  1 
ATOM   15  C CD1 . TYR A 1 19  ? 23.882  -13.802 -20.607 1.00 78.90  ? 19  TYR A CD1 1 
ATOM   16  C CD2 . TYR A 1 19  ? 22.332  -15.596 -20.733 1.00 73.71  ? 19  TYR A CD2 1 
ATOM   17  C CE1 . TYR A 1 19  ? 24.477  -14.383 -19.499 1.00 79.73  ? 19  TYR A CE1 1 
ATOM   18  C CE2 . TYR A 1 19  ? 22.915  -16.193 -19.631 1.00 99.25  ? 19  TYR A CE2 1 
ATOM   19  C CZ  . TYR A 1 19  ? 23.995  -15.588 -19.014 1.00 65.19  ? 19  TYR A CZ  1 
ATOM   20  O OH  . TYR A 1 19  ? 24.551  -16.194 -17.918 1.00 54.16  ? 19  TYR A OH  1 
ATOM   21  N N   . THR A 1 20  ? 18.926  -13.464 -21.804 1.00 55.32  ? 20  THR A N   1 
ATOM   22  C CA  . THR A 1 20  ? 17.658  -13.882 -21.134 1.00 57.09  ? 20  THR A CA  1 
ATOM   23  C C   . THR A 1 20  ? 17.424  -12.979 -19.921 1.00 53.22  ? 20  THR A C   1 
ATOM   24  O O   . THR A 1 20  ? 17.264  -13.510 -18.802 1.00 42.64  ? 20  THR A O   1 
ATOM   25  C CB  . THR A 1 20  ? 17.668  -15.377 -20.771 1.00 61.37  ? 20  THR A CB  1 
ATOM   26  O OG1 . THR A 1 20  ? 18.657  -15.680 -19.777 1.00 47.46  ? 20  THR A OG1 1 
ATOM   27  C CG2 . THR A 1 20  ? 17.897  -16.261 -21.980 0.80 43.25  ? 20  THR A CG2 1 
ATOM   28  N N   . ALA A 1 21  ? 17.374  -11.662 -20.150 1.00 40.57  ? 21  ALA A N   1 
ATOM   29  C CA  . ALA A 1 21  ? 17.476  -10.654 -19.068 1.00 49.80  ? 21  ALA A CA  1 
ATOM   30  C C   . ALA A 1 21  ? 16.402  -10.897 -18.016 1.00 35.33  ? 21  ALA A C   1 
ATOM   31  O O   . ALA A 1 21  ? 15.254  -11.291 -18.400 1.00 39.83  ? 21  ALA A O   1 
ATOM   32  C CB  . ALA A 1 21  ? 17.323  -9.252  -19.617 1.00 47.90  ? 21  ALA A CB  1 
ATOM   33  N N   . TYR A 1 22  ? 16.675  -10.508 -16.768 1.00 28.97  ? 22  TYR A N   1 
ATOM   34  C CA  . TYR A 1 22  ? 15.679  -10.595 -15.678 1.00 21.84  ? 22  TYR A CA  1 
ATOM   35  C C   . TYR A 1 22  ? 14.498  -9.698  -16.029 1.00 19.71  ? 22  TYR A C   1 
ATOM   36  O O   . TYR A 1 22  ? 14.647  -8.641  -16.716 1.00 22.42  ? 22  TYR A O   1 
ATOM   37  C CB  . TYR A 1 22  ? 16.228  -10.240 -14.285 1.00 24.68  ? 22  TYR A CB  1 
ATOM   38  C CG  . TYR A 1 22  ? 17.168  -11.267 -13.693 1.00 22.25  ? 22  TYR A CG  1 
ATOM   39  C CD1 . TYR A 1 22  ? 16.667  -12.350 -12.976 1.00 25.32  ? 22  TYR A CD1 1 
ATOM   40  C CD2 . TYR A 1 22  ? 18.544  -11.189 -13.866 1.00 23.43  ? 22  TYR A CD2 1 
ATOM   41  C CE1 . TYR A 1 22  ? 17.494  -13.329 -12.457 1.00 26.32  ? 22  TYR A CE1 1 
ATOM   42  C CE2 . TYR A 1 22  ? 19.385  -12.167 -13.363 1.00 24.82  ? 22  TYR A CE2 1 
ATOM   43  C CZ  . TYR A 1 22  ? 18.852  -13.205 -12.594 1.00 27.51  ? 22  TYR A CZ  1 
ATOM   44  O OH  . TYR A 1 22  ? 19.699  -14.170 -12.053 1.00 33.14  ? 22  TYR A OH  1 
ATOM   45  N N   . ALA A 1 23  ? 13.321  -10.098 -15.598 1.00 17.71  ? 23  ALA A N   1 
ATOM   46  C CA  . ALA A 1 23  ? 12.029  -9.462  -15.872 1.00 18.04  ? 23  ALA A CA  1 
ATOM   47  C C   . ALA A 1 23  ? 11.730  -8.580  -14.687 1.00 16.70  ? 23  ALA A C   1 
ATOM   48  O O   . ALA A 1 23  ? 11.449  -9.076  -13.583 1.00 16.95  ? 23  ALA A O   1 
ATOM   49  C CB  . ALA A 1 23  ? 10.961  -10.547 -16.027 1.00 20.69  ? 23  ALA A CB  1 
ATOM   50  N N   . PRO A 1 24  ? 11.725  -7.248  -14.844 1.00 15.72  ? 24  PRO A N   1 
ATOM   51  C CA  . PRO A 1 24  ? 11.413  -6.366  -13.722 1.00 15.53  ? 24  PRO A CA  1 
ATOM   52  C C   . PRO A 1 24  ? 9.908   -6.226  -13.562 1.00 15.91  ? 24  PRO A C   1 
ATOM   53  O O   . PRO A 1 24  ? 9.168   -6.147  -14.562 1.00 17.88  ? 24  PRO A O   1 
ATOM   54  C CB  . PRO A 1 24  ? 12.026  -5.024  -14.121 1.00 18.28  ? 24  PRO A CB  1 
ATOM   55  C CG  . PRO A 1 24  ? 12.045  -5.079  -15.639 1.00 23.47  ? 24  PRO A CG  1 
ATOM   56  C CD  . PRO A 1 24  ? 12.142  -6.536  -16.060 1.00 18.05  ? 24  PRO A CD  1 
ATOM   57  N N   . LEU A 1 25  ? 9.442   -6.175  -12.340 1.00 14.77  ? 25  LEU A N   1 
ATOM   58  C CA  . LEU A 1 25  ? 8.043   -5.909  -12.016 1.00 14.33  ? 25  LEU A CA  1 
ATOM   59  C C   . LEU A 1 25  ? 8.031   -4.772  -11.019 1.00 14.26  ? 25  LEU A C   1 
ATOM   60  O O   . LEU A 1 25  ? 8.660   -4.922  -9.935  1.00 14.33  ? 25  LEU A O   1 
ATOM   61  C CB  . LEU A 1 25  ? 7.369   -7.151  -11.456 1.00 15.93  ? 25  LEU A CB  1 
ATOM   62  C CG  . LEU A 1 25  ? 5.905   -6.943  -11.141 1.00 17.58  ? 25  LEU A CG  1 
ATOM   63  C CD1 . LEU A 1 25  ? 5.100   -6.866  -12.426 1.00 18.02  ? 25  LEU A CD1 1 
ATOM   64  C CD2 . LEU A 1 25  ? 5.468   -8.083  -10.274 1.00 19.05  ? 25  LEU A CD2 1 
ATOM   65  N N   . THR A 1 26  ? 7.407   -3.667  -11.364 1.00 14.65  ? 26  THR A N   1 
ATOM   66  C CA  . THR A 1 26  ? 7.332   -2.539  -10.418 1.00 13.93  ? 26  THR A CA  1 
ATOM   67  C C   . THR A 1 26  ? 5.931   -2.463  -9.846  1.00 14.74  ? 26  THR A C   1 
ATOM   68  O O   . THR A 1 26  ? 4.960   -2.333  -10.613 1.00 15.52  ? 26  THR A O   1 
ATOM   69  C CB  . THR A 1 26  ? 7.696   -1.238  -11.094 1.00 14.56  ? 26  THR A CB  1 
ATOM   70  O OG1 . THR A 1 26  ? 9.017   -1.317  -11.615 1.00 16.69  ? 26  THR A OG1 1 
ATOM   71  C CG2 . THR A 1 26  ? 7.634   -0.064  -10.138 1.00 17.36  ? 26  THR A CG2 1 
ATOM   72  N N   . CYS A 1 27  ? 5.771   -2.509  -8.543  1.00 14.09  ? 27  CYS A N   1 
ATOM   73  C CA  . CYS A 1 27  ? 4.486   -2.370  -7.880  1.00 14.67  ? 27  CYS A CA  1 
ATOM   74  C C   . CYS A 1 27  ? 4.506   -1.162  -6.948  1.00 14.10  ? 27  CYS A C   1 
ATOM   75  O O   . CYS A 1 27  ? 5.569   -0.738  -6.506  1.00 14.81  ? 27  CYS A O   1 
ATOM   76  C CB  . CYS A 1 27  ? 4.100   -3.656  -7.153  1.00 15.86  ? 27  CYS A CB  1 
ATOM   77  S SG  . CYS A 1 27  ? 4.052   -5.158  -8.154  1.00 17.94  ? 27  CYS A SG  1 
ATOM   78  N N   . TYR A 1 28  ? 3.349   -0.619  -6.686  1.00 13.56  ? 28  TYR A N   1 
ATOM   79  C CA  . TYR A 1 28  ? 3.202   0.682   -6.018  1.00 13.43  ? 28  TYR A CA  1 
ATOM   80  C C   . TYR A 1 28  ? 2.517   0.531   -4.670  1.00 14.45  ? 28  TYR A C   1 
ATOM   81  O O   . TYR A 1 28  ? 1.414   0.035   -4.525  1.00 15.31  ? 28  TYR A O   1 
ATOM   82  C CB  . TYR A 1 28  ? 2.467   1.634   -6.963  1.00 15.14  ? 28  TYR A CB  1 
ATOM   83  C CG  . TYR A 1 28  ? 3.296   2.003   -8.140  1.00 14.52  ? 28  TYR A CG  1 
ATOM   84  C CD1 . TYR A 1 28  ? 3.309   1.176   -9.256  1.00 14.97  ? 28  TYR A CD1 1 
ATOM   85  C CD2 . TYR A 1 28  ? 4.106   3.125   -8.153  1.00 15.34  ? 28  TYR A CD2 1 
ATOM   86  C CE1 . TYR A 1 28  ? 4.113   1.473   -10.352 1.00 16.77  ? 28  TYR A CE1 1 
ATOM   87  C CE2 . TYR A 1 28  ? 4.898   3.428   -9.231  1.00 16.97  ? 28  TYR A CE2 1 
ATOM   88  C CZ  . TYR A 1 28  ? 4.915   2.609   -10.321 1.00 16.92  ? 28  TYR A CZ  1 
ATOM   89  O OH  . TYR A 1 28  ? 5.705   2.909   -11.394 1.00 20.62  ? 28  TYR A OH  1 
ATOM   90  N N   . PHE A 1 29  ? 3.220   1.020   -3.645  1.00 13.86  ? 29  PHE A N   1 
ATOM   91  C CA  . PHE A 1 29  ? 2.817   0.869   -2.239  1.00 14.25  ? 29  PHE A CA  1 
ATOM   92  C C   . PHE A 1 29  ? 2.734   2.248   -1.593  1.00 14.13  ? 29  PHE A C   1 
ATOM   93  O O   . PHE A 1 29  ? 3.041   3.276   -2.166  1.00 15.10  ? 29  PHE A O   1 
ATOM   94  C CB  . PHE A 1 29  ? 3.843   -0.029  -1.520  1.00 14.74  ? 29  PHE A CB  1 
ATOM   95  C CG  . PHE A 1 29  ? 3.982   -1.436  -2.051  1.00 14.29  ? 29  PHE A CG  1 
ATOM   96  C CD1 . PHE A 1 29  ? 3.123   -2.441  -1.633  1.00 16.24  ? 29  PHE A CD1 1 
ATOM   97  C CD2 . PHE A 1 29  ? 4.886   -1.720  -3.040  1.00 15.27  ? 29  PHE A CD2 1 
ATOM   98  C CE1 . PHE A 1 29  ? 3.239   -3.716  -2.123  1.00 16.90  ? 29  PHE A CE1 1 
ATOM   99  C CE2 . PHE A 1 29  ? 4.973   -2.997  -3.566  1.00 16.57  ? 29  PHE A CE2 1 
ATOM   100 C CZ  . PHE A 1 29  ? 4.167   -3.977  -3.102  1.00 17.03  ? 29  PHE A CZ  1 
ATOM   101 N N   . THR A 1 30  ? 2.328   2.235   -0.315  1.00 14.96  ? 30  THR A N   1 
ATOM   102 C CA  . THR A 1 30  ? 2.436   3.423   0.554   1.00 15.50  ? 30  THR A CA  1 
ATOM   103 C C   . THR A 1 30  ? 3.594   3.250   1.543   1.00 17.09  ? 30  THR A C   1 
ATOM   104 O O   . THR A 1 30  ? 3.687   2.227   2.231   1.00 16.68  ? 30  THR A O   1 
ATOM   105 C CB  . THR A 1 30  ? 1.112   3.669   1.263   1.00 16.37  ? 30  THR A CB  1 
ATOM   106 O OG1 . THR A 1 30  ? 0.119   3.996   0.267   1.00 18.83  ? 30  THR A OG1 1 
ATOM   107 C CG2 . THR A 1 30  ? 1.204   4.791   2.268   1.00 17.59  ? 30  THR A CG2 1 
ATOM   108 N N   . ASN A 1 31  ? 4.425   4.271   1.665   1.00 17.39  ? 31  ASN A N   1 
ATOM   109 C CA  . ASN A 1 31  ? 5.510   4.266   2.659   1.00 19.16  ? 31  ASN A CA  1 
ATOM   110 C C   . ASN A 1 31  ? 4.942   4.397   4.071   1.00 17.74  ? 31  ASN A C   1 
ATOM   111 O O   . ASN A 1 31  ? 3.984   5.157   4.303   1.00 19.00  ? 31  ASN A O   1 
ATOM   112 C CB  . ASN A 1 31  ? 6.438   5.442   2.407   1.00 21.24  ? 31  ASN A CB  1 
ATOM   113 C CG  . ASN A 1 31  ? 7.420   5.281   1.279   1.00 23.82  ? 31  ASN A CG  1 
ATOM   114 O OD1 . ASN A 1 31  ? 7.517   6.154   0.396   1.00 27.44  ? 31  ASN A OD1 1 
ATOM   115 N ND2 . ASN A 1 31  ? 8.120   4.178   1.285   1.00 20.64  ? 31  ASN A ND2 1 
ATOM   116 N N   . SER A 1 32  ? 5.515   3.665   5.004   1.00 19.39  ? 32  SER A N   1 
ATOM   117 C CA  . SER A 1 32  ? 5.119   3.824   6.415   1.00 20.40  ? 32  SER A CA  1 
ATOM   118 C C   . SER A 1 32  ? 6.257   3.391   7.325   1.00 20.73  ? 32  SER A C   1 
ATOM   119 O O   . SER A 1 32  ? 7.218   2.718   6.922   1.00 21.50  ? 32  SER A O   1 
ATOM   120 C CB  . SER A 1 32  ? 3.863   3.037   6.745   1.00 18.75  ? 32  SER A CB  1 
ATOM   121 O OG  . SER A 1 32  ? 4.181   1.701   7.073   1.00 18.47  ? 32  SER A OG  1 
ATOM   122 N N   . THR A 1 33  ? 6.093   3.736   8.599   1.00 19.78  ? 33  THR A N   1 
ATOM   123 C CA  . THR A 1 33  ? 7.021   3.259   9.626   1.00 22.86  ? 33  THR A CA  1 
ATOM   124 C C   . THR A 1 33  ? 6.915   1.752   9.866   1.00 22.99  ? 33  THR A C   1 
ATOM   125 O O   . THR A 1 33  ? 7.839   1.211   10.558  1.00 26.54  ? 33  THR A O   1 
ATOM   126 C CB  . THR A 1 33  ? 6.793   4.013   10.928  1.00 24.17  ? 33  THR A CB  1 
ATOM   127 O OG1 . THR A 1 33  ? 5.422   3.893   11.297  1.00 23.72  ? 33  THR A OG1 1 
ATOM   128 C CG2 . THR A 1 33  ? 7.239   5.475   10.825  1.00 26.77  ? 33  THR A CG2 1 
ATOM   129 N N   . LEU A 1 34  ? 5.925   1.058   9.316   1.00 21.12  ? 34  LEU A N   1 
ATOM   130 C CA  . LEU A 1 34  ? 5.843   -0.413  9.396   1.00 22.33  ? 34  LEU A CA  1 
ATOM   131 C C   . LEU A 1 34  ? 6.151   -1.010  8.028   1.00 24.91  ? 34  LEU A C   1 
ATOM   132 O O   . LEU A 1 34  ? 5.802   -2.154  7.796   1.00 27.34  ? 34  LEU A O   1 
ATOM   133 C CB  . LEU A 1 34  ? 4.472   -0.854  9.900   1.00 21.85  ? 34  LEU A CB  1 
ATOM   134 C CG  . LEU A 1 34  ? 4.179   -0.447  11.326  1.00 23.22  ? 34  LEU A CG  1 
ATOM   135 C CD1 . LEU A 1 34  ? 2.781   -0.849  11.741  1.00 23.46  ? 34  LEU A CD1 1 
ATOM   136 C CD2 . LEU A 1 34  ? 5.243   -0.940  12.304  1.00 28.71  ? 34  LEU A CD2 1 
ATOM   137 N N   . GLY A 1 35  ? 6.822   -0.250  7.171   1.00 21.60  ? 35  GLY A N   1 
ATOM   138 C CA  . GLY A 1 35  ? 7.237   -0.729  5.843   1.00 20.25  ? 35  GLY A CA  1 
ATOM   139 C C   . GLY A 1 35  ? 6.232   -0.414  4.754   1.00 17.70  ? 35  GLY A C   1 
ATOM   140 O O   . GLY A 1 35  ? 5.247   0.277   4.955   1.00 18.58  ? 35  GLY A O   1 
ATOM   141 N N   . LEU A 1 36  ? 6.470   -0.981  3.574   1.00 17.98  ? 36  LEU A N   1 
ATOM   142 C CA  . LEU A 1 36  ? 5.632   -0.696  2.407   1.00 16.08  ? 36  LEU A CA  1 
ATOM   143 C C   . LEU A 1 36  ? 4.271   -1.344  2.601   1.00 16.66  ? 36  LEU A C   1 
ATOM   144 O O   . LEU A 1 36  ? 4.219   -2.554  2.933   1.00 19.09  ? 36  LEU A O   1 
ATOM   145 C CB  . LEU A 1 36  ? 6.323   -1.236  1.161   1.00 17.25  ? 36  LEU A CB  1 
ATOM   146 C CG  . LEU A 1 36  ? 7.604   -0.509  0.767   1.00 17.11  ? 36  LEU A CG  1 
ATOM   147 C CD1 . LEU A 1 36  ? 8.204   -1.229  -0.422  1.00 21.12  ? 36  LEU A CD1 1 
ATOM   148 C CD2 . LEU A 1 36  ? 7.336   0.936   0.448   1.00 20.61  ? 36  LEU A CD2 1 
ATOM   149 N N   . LEU A 1 37  ? 3.202   -0.587  2.392   1.00 15.05  ? 37  LEU A N   1 
ATOM   150 C CA  . LEU A 1 37  ? 1.844   -1.065  2.659   1.00 15.85  ? 37  LEU A CA  1 
ATOM   151 C C   . LEU A 1 37  ? 1.082   -1.241  1.351   1.00 15.19  ? 37  LEU A C   1 
ATOM   152 O O   . LEU A 1 37  ? 1.024   -0.348  0.506   1.00 14.82  ? 37  LEU A O   1 
ATOM   153 C CB  . LEU A 1 37  ? 1.092   -0.054  3.543   1.00 16.00  ? 37  LEU A CB  1 
ATOM   154 C CG  . LEU A 1 37  ? 1.761   0.294   4.863   1.00 15.75  ? 37  LEU A CG  1 
ATOM   155 C CD1 . LEU A 1 37  ? 0.923   1.336   5.580   1.00 18.81  ? 37  LEU A CD1 1 
ATOM   156 C CD2 . LEU A 1 37  ? 1.973   -0.930  5.737   1.00 16.68  ? 37  LEU A CD2 1 
ATOM   157 N N   . ALA A 1 38  ? 0.358   -2.359  1.266   1.00 15.12  ? 38  ALA A N   1 
ATOM   158 C CA  . ALA A 1 38  ? -0.684  -2.570  0.258   1.00 15.74  ? 38  ALA A CA  1 
ATOM   159 C C   . ALA A 1 38  ? -1.894  -1.736  0.625   1.00 16.95  ? 38  ALA A C   1 
ATOM   160 O O   . ALA A 1 38  ? -2.061  -1.331  1.787   1.00 16.15  ? 38  ALA A O   1 
ATOM   161 C CB  . ALA A 1 38  ? -1.057  -4.020  0.193   1.00 16.27  ? 38  ALA A CB  1 
ATOM   162 N N   . PRO A 1 39  ? -2.790  -1.461  -0.327  1.00 17.15  ? 39  PRO A N   1 
ATOM   163 C CA  . PRO A 1 39  ? -3.986  -0.696  -0.053  1.00 18.34  ? 39  PRO A CA  1 
ATOM   164 C C   . PRO A 1 39  ? -4.972  -1.491  0.798   1.00 16.46  ? 39  PRO A C   1 
ATOM   165 O O   . PRO A 1 39  ? -4.792  -2.707  0.975   1.00 17.14  ? 39  PRO A O   1 
ATOM   166 C CB  . PRO A 1 39  ? -4.580  -0.415  -1.458  1.00 24.28  ? 39  PRO A CB  1 
ATOM   167 C CG  . PRO A 1 39  ? -3.474  -0.679  -2.403  1.00 31.15  ? 39  PRO A CG  1 
ATOM   168 C CD  . PRO A 1 39  ? -2.605  -1.734  -1.763  1.00 22.11  ? 39  PRO A CD  1 
ATOM   169 N N   . PRO A 1 40  ? -6.073  -0.872  1.195   1.00 18.46  ? 40  PRO A N   1 
ATOM   170 C CA  . PRO A 1 40  ? -7.038  -1.555  2.043   1.00 18.44  ? 40  PRO A CA  1 
ATOM   171 C C   . PRO A 1 40  ? -7.725  -2.743  1.392   1.00 19.60  ? 40  PRO A C   1 
ATOM   172 O O   . PRO A 1 40  ? -8.212  -3.603  2.119   1.00 21.37  ? 40  PRO A O   1 
ATOM   173 C CB  . PRO A 1 40  ? -8.046  -0.460  2.397   1.00 21.11  ? 40  PRO A CB  1 
ATOM   174 C CG  . PRO A 1 40  ? -7.275  0.831   2.264   1.00 27.54  ? 40  PRO A CG  1 
ATOM   175 C CD  . PRO A 1 40  ? -6.317  0.582   1.124   1.00 20.71  ? 40  PRO A CD  1 
ATOM   176 N N   . ASN A 1 41  ? -7.733  -2.801  0.070   1.00 18.80  ? 41  ASN A N   1 
ATOM   177 C CA  . ASN A 1 41  ? -8.333  -3.925  -0.677  1.00 17.93  ? 41  ASN A CA  1 
ATOM   178 C C   . ASN A 1 41  ? -7.287  -4.945  -1.072  1.00 18.71  ? 41  ASN A C   1 
ATOM   179 O O   . ASN A 1 41  ? -7.642  -5.913  -1.796  1.00 20.46  ? 41  ASN A O   1 
ATOM   180 C CB  . ASN A 1 41  ? -9.208  -3.415  -1.804  1.00 22.64  ? 41  ASN A CB  1 
ATOM   181 C CG  . ASN A 1 41  ? -8.464  -2.558  -2.793  1.00 29.56  ? 41  ASN A CG  1 
ATOM   182 O OD1 . ASN A 1 41  ? -7.257  -2.395  -2.703  1.00 30.19  ? 41  ASN A OD1 1 
ATOM   183 N ND2 . ASN A 1 41  ? -9.176  -2.031  -3.773  1.00 47.48  ? 41  ASN A ND2 1 
ATOM   184 N N   . CYS A 1 42  ? -6.048  -4.821  -0.578  1.00 17.54  ? 42  CYS A N   1 
ATOM   185 C CA  . CYS A 1 42  ? -5.037  -5.876  -0.757  1.00 18.38  ? 42  CYS A CA  1 
ATOM   186 C C   . CYS A 1 42  ? -4.865  -6.227  -2.238  1.00 19.14  ? 42  CYS A C   1 
ATOM   187 O O   . CYS A 1 42  ? -4.733  -7.427  -2.568  1.00 20.84  ? 42  CYS A O   1 
ATOM   188 C CB  . CYS A 1 42  ? -5.349  -7.087  0.127   1.00 18.99  ? 42  CYS A CB  1 
ATOM   189 S SG  . CYS A 1 42  ? -5.110  -6.712  1.884   1.00 23.11  ? 42  CYS A SG  1 
ATOM   190 N N   . SER A 1 43  ? -4.934  -5.197  -3.073  1.00 19.47  ? 43  SER A N   1 
ATOM   191 C CA  . SER A 1 43  ? -4.723  -5.346  -4.525  1.00 22.33  ? 43  SER A CA  1 
ATOM   192 C C   . SER A 1 43  ? -3.744  -4.255  -4.900  1.00 22.94  ? 43  SER A C   1 
ATOM   193 O O   . SER A 1 43  ? -3.950  -3.075  -4.486  1.00 25.87  ? 43  SER A O   1 
ATOM   194 C CB  . SER A 1 43  ? -6.005  -5.195  -5.265  1.00 26.42  ? 43  SER A CB  1 
ATOM   195 O OG  . SER A 1 43  ? -5.824  -5.466  -6.649  1.00 32.18  ? 43  SER A OG  1 
ATOM   196 N N   . VAL A 1 44  ? -2.612  -4.608  -5.451  1.00 18.43  ? 44  VAL A N   1 
ATOM   197 C CA  . VAL A 1 44  ? -1.519  -3.673  -5.721  1.00 18.33  ? 44  VAL A CA  1 
ATOM   198 C C   . VAL A 1 44  ? -1.405  -3.433  -7.216  1.00 17.01  ? 44  VAL A C   1 
ATOM   199 O O   . VAL A 1 44  ? -1.470  -4.425  -8.015  1.00 19.43  ? 44  VAL A O   1 
ATOM   200 C CB  . VAL A 1 44  ? -0.222  -4.253  -5.129  1.00 20.61  ? 44  VAL A CB  1 
ATOM   201 C CG1 . VAL A 1 44  ? 0.878   -3.316  -5.407  1.00 21.77  ? 44  VAL A CG1 1 
ATOM   202 C CG2 . VAL A 1 44  ? -0.378  -4.492  -3.625  1.00 24.28  ? 44  VAL A CG2 1 
ATOM   203 N N   . LEU A 1 45  ? -1.286  -2.187  -7.639  1.00 15.96  ? 45  LEU A N   1 
ATOM   204 C CA  . LEU A 1 45  ? -0.991  -1.849  -9.029  1.00 16.03  ? 45  LEU A CA  1 
ATOM   205 C C   . LEU A 1 45  ? 0.443   -2.198  -9.368  1.00 15.28  ? 45  LEU A C   1 
ATOM   206 O O   . LEU A 1 45  ? 1.411   -1.771  -8.657  1.00 15.40  ? 45  LEU A O   1 
ATOM   207 C CB  . LEU A 1 45  ? -1.203  -0.354  -9.259  1.00 16.67  ? 45  LEU A CB  1 
ATOM   208 C CG  . LEU A 1 45  ? -0.943  0.110   -10.675 1.00 17.87  ? 45  LEU A CG  1 
ATOM   209 C CD1 . LEU A 1 45  ? -1.994  -0.412  -11.641 1.00 19.26  ? 45  LEU A CD1 1 
ATOM   210 C CD2 . LEU A 1 45  ? -0.917  1.648   -10.709 1.00 21.87  ? 45  LEU A CD2 1 
ATOM   211 N N   . CYS A 1 46  ? 0.668   -2.917  -10.444 1.00 15.32  ? 46  CYS A N   1 
ATOM   212 C CA  . CYS A 1 46  ? 1.990   -3.327  -10.894 1.00 15.67  ? 46  CYS A CA  1 
ATOM   213 C C   . CYS A 1 46  ? 2.161   -3.056  -12.389 1.00 15.60  ? 46  CYS A C   1 
ATOM   214 O O   . CYS A 1 46  ? 1.172   -2.950  -13.181 1.00 17.89  ? 46  CYS A O   1 
ATOM   215 C CB  . CYS A 1 46  ? 2.200   -4.820  -10.671 1.00 18.44  ? 46  CYS A CB  1 
ATOM   216 S SG  . CYS A 1 46  ? 2.097   -5.300  -8.912  1.00 19.11  ? 46  CYS A SG  1 
ATOM   217 N N   . ASN A 1 47  ? 3.402   -3.006  -12.780 1.00 16.24  ? 47  ASN A N   1 
ATOM   218 C CA  . ASN A 1 47  ? 3.786   -2.762  -14.174 1.00 16.65  ? 47  ASN A CA  1 
ATOM   219 C C   . ASN A 1 47  ? 4.897   -3.703  -14.571 1.00 15.63  ? 47  ASN A C   1 
ATOM   220 O O   . ASN A 1 47  ? 5.950   -3.706  -13.922 1.00 16.85  ? 47  ASN A O   1 
ATOM   221 C CB  . ASN A 1 47  ? 4.245   -1.312  -14.277 1.00 20.70  ? 47  ASN A CB  1 
ATOM   222 C CG  . ASN A 1 47  ? 4.756   -0.894  -15.609 1.00 24.96  ? 47  ASN A CG  1 
ATOM   223 O OD1 . ASN A 1 47  ? 4.202   -1.303  -16.656 1.00 30.55  ? 47  ASN A OD1 1 
ATOM   224 N ND2 . ASN A 1 47  ? 5.795   -0.093  -15.608 1.00 23.03  ? 47  ASN A ND2 1 
ATOM   225 N N   . SER A 1 48  ? 4.696   -4.493  -15.633 1.00 18.40  ? 48  SER A N   1 
ATOM   226 C CA  . SER A 1 48  ? 5.819   -5.224  -16.234 1.00 20.11  ? 48  SER A CA  1 
ATOM   227 C C   . SER A 1 48  ? 6.438   -4.338  -17.327 1.00 30.43  ? 48  SER A C   1 
ATOM   228 O O   . SER A 1 48  ? 6.115   -3.124  -17.442 1.00 30.00  ? 48  SER A O   1 
ATOM   229 C CB  . SER A 1 48  ? 5.294   -6.483  -16.728 1.00 26.31  ? 48  SER A CB  1 
ATOM   230 O OG  . SER A 1 48  ? 4.536   -6.084  -17.878 1.00 27.22  ? 48  SER A OG  1 
ATOM   231 N N   . THR A 1 49  ? 7.367   -4.854  -18.086 1.00 26.06  ? 49  THR A N   1 
ATOM   232 C CA  . THR A 1 49  ? 7.930   -4.087  -19.227 1.00 29.51  ? 49  THR A CA  1 
ATOM   233 C C   . THR A 1 49  ? 6.857   -3.778  -20.259 1.00 38.05  ? 49  THR A C   1 
ATOM   234 O O   . THR A 1 49  ? 7.140   -2.954  -21.165 1.00 41.17  ? 49  THR A O   1 
ATOM   235 C CB  . THR A 1 49  ? 9.093   -4.822  -19.901 1.00 33.57  ? 49  THR A CB  1 
ATOM   236 O OG1 . THR A 1 49  ? 8.598   -6.096  -20.294 1.00 34.12  ? 49  THR A OG1 1 
ATOM   237 C CG2 . THR A 1 49  ? 10.275  -5.006  -18.970 1.00 29.00  ? 49  THR A CG2 1 
ATOM   238 N N   . THR A 1 50  ? 5.666   -4.373  -20.182 1.00 48.27  ? 50  THR A N   1 
ATOM   239 C CA  . THR A 1 50  ? 4.684   -4.252  -21.283 1.00 41.48  ? 50  THR A CA  1 
ATOM   240 C C   . THR A 1 50  ? 3.262   -3.866  -20.861 1.00 42.17  ? 50  THR A C   1 
ATOM   241 O O   . THR A 1 50  ? 2.486   -3.551  -21.758 1.00 50.09  ? 50  THR A O   1 
ATOM   242 C CB  . THR A 1 50  ? 4.642   -5.571  -22.064 1.00 55.71  ? 50  THR A CB  1 
ATOM   243 O OG1 . THR A 1 50  ? 4.303   -6.626  -21.157 1.00 46.97  ? 50  THR A OG1 1 
ATOM   244 C CG2 . THR A 1 50  ? 5.969   -5.876  -22.735 1.00 56.16  ? 50  THR A CG2 1 
ATOM   245 N N   . THR A 1 51  ? 2.905   -3.885  -19.572 1.00 27.99  ? 51  THR A N   1 
ATOM   246 C CA  . THR A 1 51  ? 1.511   -3.970  -19.106 1.00 24.56  ? 51  THR A CA  1 
ATOM   247 C C   . THR A 1 51  ? 1.317   -3.384  -17.681 1.00 22.46  ? 51  THR A C   1 
ATOM   248 O O   . THR A 1 51  ? 2.223   -3.469  -16.867 1.00 21.51  ? 51  THR A O   1 
ATOM   249 C CB  . THR A 1 51  ? 1.160   -5.476  -19.123 1.00 29.82  ? 51  THR A CB  1 
ATOM   250 O OG1 . THR A 1 51  ? 1.489   -6.069  -20.391 1.00 36.88  ? 51  THR A OG1 1 
ATOM   251 C CG2 . THR A 1 51  ? -0.292  -5.669  -18.872 1.00 33.61  ? 51  THR A CG2 1 
ATOM   252 N N   . TRP A 1 52  ? 0.126   -2.901  -17.386 1.00 21.33  ? 52  TRP A N   1 
ATOM   253 C CA  . TRP A 1 52  ? -0.313  -2.456  -16.055 1.00 19.16  ? 52  TRP A CA  1 
ATOM   254 C C   . TRP A 1 52  ? -1.435  -3.356  -15.583 1.00 22.73  ? 52  TRP A C   1 
ATOM   255 O O   . TRP A 1 52  ? -2.348  -3.609  -16.367 1.00 26.00  ? 52  TRP A O   1 
ATOM   256 C CB  . TRP A 1 52  ? -0.777  -0.994  -16.093 1.00 21.67  ? 52  TRP A CB  1 
ATOM   257 C CG  . TRP A 1 52  ? 0.339   -0.046  -16.368 1.00 18.91  ? 52  TRP A CG  1 
ATOM   258 C CD1 . TRP A 1 52  ? 0.882   0.333   -17.545 1.00 21.62  ? 52  TRP A CD1 1 
ATOM   259 C CD2 . TRP A 1 52  ? 1.126   0.587   -15.341 1.00 17.96  ? 52  TRP A CD2 1 
ATOM   260 N NE1 . TRP A 1 52  ? 1.931   1.204   -17.321 1.00 21.18  ? 52  TRP A NE1 1 
ATOM   261 C CE2 . TRP A 1 52  ? 2.116   1.366   -15.987 1.00 19.94  ? 52  TRP A CE2 1 
ATOM   262 C CE3 . TRP A 1 52  ? 1.085   0.598   -13.961 1.00 18.54  ? 52  TRP A CE3 1 
ATOM   263 C CZ2 . TRP A 1 52  ? 3.073   2.100   -15.271 1.00 21.09  ? 52  TRP A CZ2 1 
ATOM   264 C CZ3 . TRP A 1 52  ? 2.009   1.347   -13.234 1.00 18.42  ? 52  TRP A CZ3 1 
ATOM   265 C CH2 . TRP A 1 52  ? 2.978   2.100   -13.910 1.00 19.56  ? 52  TRP A CH2 1 
ATOM   266 N N   . PHE A 1 53  ? -1.397  -3.858  -14.370 1.00 19.73  ? 53  PHE A N   1 
ATOM   267 C CA  . PHE A 1 53  ? -2.379  -4.843  -13.907 1.00 19.93  ? 53  PHE A CA  1 
ATOM   268 C C   . PHE A 1 53  ? -2.354  -4.851  -12.405 1.00 19.49  ? 53  PHE A C   1 
ATOM   269 O O   . PHE A 1 53  ? -1.443  -4.239  -11.808 1.00 20.20  ? 53  PHE A O   1 
ATOM   270 C CB  . PHE A 1 53  ? -2.075  -6.233  -14.493 1.00 20.77  ? 53  PHE A CB  1 
ATOM   271 C CG  . PHE A 1 53  ? -0.722  -6.770  -14.126 1.00 21.22  ? 53  PHE A CG  1 
ATOM   272 C CD1 . PHE A 1 53  ? 0.412   -6.416  -14.829 1.00 26.56  ? 53  PHE A CD1 1 
ATOM   273 C CD2 . PHE A 1 53  ? -0.604  -7.643  -13.080 1.00 22.38  ? 53  PHE A CD2 1 
ATOM   274 C CE1 . PHE A 1 53  ? 1.660   -6.885  -14.427 1.00 28.09  ? 53  PHE A CE1 1 
ATOM   275 C CE2 . PHE A 1 53  ? 0.632   -8.133  -12.696 1.00 27.53  ? 53  PHE A CE2 1 
ATOM   276 C CZ  . PHE A 1 53  ? 1.749   -7.773  -13.400 1.00 24.74  ? 53  PHE A CZ  1 
ATOM   277 N N   . ASN A 1 54  ? -3.289  -5.474  -11.769 1.00 21.55  ? 54  ASN A N   1 
ATOM   278 C CA  . ASN A 1 54  ? -3.337  -5.633  -10.330 1.00 19.48  ? 54  ASN A CA  1 
ATOM   279 C C   . ASN A 1 54  ? -2.826  -6.988  -9.952  1.00 20.28  ? 54  ASN A C   1 
ATOM   280 O O   . ASN A 1 54  ? -3.074  -7.965  -10.698 1.00 23.11  ? 54  ASN A O   1 
ATOM   281 C CB  . ASN A 1 54  ? -4.738  -5.454  -9.800  1.00 26.39  ? 54  ASN A CB  1 
ATOM   282 C CG  . ASN A 1 54  ? -5.240  -4.095  -10.155 1.00 39.78  ? 54  ASN A CG  1 
ATOM   283 O OD1 . ASN A 1 54  ? -4.648  -3.077  -9.765  1.00 45.42  ? 54  ASN A OD1 1 
ATOM   284 N ND2 . ASN A 1 54  ? -6.282  -4.098  -10.955 1.00 30.02  ? 54  ASN A ND2 1 
ATOM   285 N N   . GLU A 1 55  ? -2.167  -7.083  -8.828  1.00 19.61  ? 55  GLU A N   1 
ATOM   286 C CA  . GLU A 1 55  ? -1.812  -8.341  -8.207  1.00 20.74  ? 55  GLU A CA  1 
ATOM   287 C C   . GLU A 1 55  ? -2.410  -8.366  -6.805  1.00 20.63  ? 55  GLU A C   1 
ATOM   288 O O   . GLU A 1 55  ? -2.332  -7.360  -6.078  1.00 20.21  ? 55  GLU A O   1 
ATOM   289 C CB  . GLU A 1 55  ? -0.298  -8.508  -8.078  1.00 23.80  ? 55  GLU A CB  1 
ATOM   290 C CG  . GLU A 1 55  ? 0.399   -8.843  -9.365  1.00 27.36  ? 55  GLU A CG  1 
ATOM   291 C CD  . GLU A 1 55  ? 1.735   -9.530  -9.172  1.00 38.32  ? 55  GLU A CD  1 
ATOM   292 O OE1 . GLU A 1 55  ? 2.224   -9.571  -8.024  1.00 60.86  ? 55  GLU A OE1 1 
ATOM   293 O OE2 . GLU A 1 55  ? 2.285   -10.016 -10.187 1.00 45.28  ? 55  GLU A OE2 1 
ATOM   294 N N   . THR A 1 56  ? -3.014  -9.488  -6.435  1.00 20.87  ? 56  THR A N   1 
ATOM   295 C CA  . THR A 1 56  ? -3.549  -9.654  -5.089  1.00 21.47  ? 56  THR A CA  1 
ATOM   296 C C   . THR A 1 56  ? -2.384  -9.827  -4.132  1.00 21.93  ? 56  THR A C   1 
ATOM   297 O O   . THR A 1 56  ? -1.474  -10.606 -4.358  1.00 23.22  ? 56  THR A O   1 
ATOM   298 C CB  . THR A 1 56  ? -4.485  -10.866 -5.026  1.00 28.64  ? 56  THR A CB  1 
ATOM   299 O OG1 . THR A 1 56  ? -5.510  -10.622 -5.996  1.00 32.58  ? 56  THR A OG1 1 
ATOM   300 C CG2 . THR A 1 56  ? -5.063  -11.031 -3.640  1.00 35.05  ? 56  THR A CG2 1 
ATOM   301 N N   . SER A 1 57  ? -2.429  -9.096  -3.038  1.00 20.32  ? 57  SER A N   1 
ATOM   302 C CA  . SER A 1 57  ? -1.372  -9.195  -2.020  1.00 18.60  ? 57  SER A CA  1 
ATOM   303 C C   . SER A 1 57  ? -1.403  -10.551 -1.354  1.00 18.83  ? 57  SER A C   1 
ATOM   304 O O   . SER A 1 57  ? -2.467  -11.133 -1.192  1.00 21.99  ? 57  SER A O   1 
ATOM   305 C CB  . SER A 1 57  ? -1.609  -8.174  -0.949  1.00 21.30  ? 57  SER A CB  1 
ATOM   306 O OG  . SER A 1 57  ? -1.672  -6.875  -1.495  1.00 24.99  ? 57  SER A OG  1 
ATOM   307 N N   . PRO A 1 58  ? -0.251  -11.092 -0.910  1.00 19.15  ? 58  PRO A N   1 
ATOM   308 C CA  . PRO A 1 58  ? -0.280  -12.369 -0.211  1.00 20.24  ? 58  PRO A CA  1 
ATOM   309 C C   . PRO A 1 58  ? -0.965  -12.223 1.136   1.00 21.49  ? 58  PRO A C   1 
ATOM   310 O O   . PRO A 1 58  ? -0.977  -11.107 1.746   1.00 21.16  ? 58  PRO A O   1 
ATOM   311 C CB  . PRO A 1 58  ? 1.191   -12.752 -0.027  1.00 26.81  ? 58  PRO A CB  1 
ATOM   312 C CG  . PRO A 1 58  ? 1.951   -11.503 -0.240  1.00 28.81  ? 58  PRO A CG  1 
ATOM   313 C CD  . PRO A 1 58  ? 1.105   -10.568 -1.076  1.00 22.06  ? 58  PRO A CD  1 
ATOM   314 N N   . ASN A 1 59  ? -1.554  -13.311 1.608   1.00 22.97  ? 59  ASN A N   1 
ATOM   315 C CA  . ASN A 1 59  ? -2.144  -13.332 2.957   1.00 22.62  ? 59  ASN A CA  1 
ATOM   316 C C   . ASN A 1 59  ? -1.048  -12.945 3.943   1.00 23.04  ? 59  ASN A C   1 
ATOM   317 O O   . ASN A 1 59  ? 0.076   -13.406 3.816   1.00 22.66  ? 59  ASN A O   1 
ATOM   318 C CB  . ASN A 1 59  ? -2.740  -14.688 3.298   1.00 26.91  ? 59  ASN A CB  1 
ATOM   319 C CG  . ASN A 1 59  ? -4.054  -14.902 2.591   1.00 37.39  ? 59  ASN A CG  1 
ATOM   320 O OD1 . ASN A 1 59  ? -4.745  -13.938 2.294   1.00 36.84  ? 59  ASN A OD1 1 
ATOM   321 N ND2 . ASN A 1 59  ? -4.407  -16.151 2.360   1.00 44.08  ? 59  ASN A ND2 1 
ATOM   322 N N   . ASN A 1 60  ? -1.421  -12.075 4.896   1.00 21.23  ? 60  ASN A N   1 
ATOM   323 C CA  . ASN A 1 60  ? -0.591  -11.584 5.999   1.00 20.77  ? 60  ASN A CA  1 
ATOM   324 C C   . ASN A 1 60  ? 0.329   -10.463 5.566   1.00 21.03  ? 60  ASN A C   1 
ATOM   325 O O   . ASN A 1 60  ? 1.078   -9.970  6.463   1.00 24.44  ? 60  ASN A O   1 
ATOM   326 C CB  . ASN A 1 60  ? 0.151   -12.699 6.734   1.00 25.24  ? 60  ASN A CB  1 
ATOM   327 C CG  . ASN A 1 60  ? -0.795  -13.575 7.519   1.00 43.22  ? 60  ASN A CG  1 
ATOM   328 O OD1 . ASN A 1 60  ? -1.797  -13.095 8.070   1.00 49.43  ? 60  ASN A OD1 1 
ATOM   329 N ND2 . ASN A 1 60  ? -0.477  -14.871 7.578   1.00 74.77  ? 60  ASN A ND2 1 
ATOM   330 N N   . ALA A 1 61  ? 0.293   -10.018 4.321   1.00 19.06  ? 61  ALA A N   1 
ATOM   331 C CA  . ALA A 1 61  ? 1.041   -8.824  3.932   1.00 19.13  ? 61  ALA A CA  1 
ATOM   332 C C   . ALA A 1 61  ? 0.511   -7.620  4.737   1.00 17.66  ? 61  ALA A C   1 
ATOM   333 O O   . ALA A 1 61  ? -0.692  -7.486  4.936   1.00 18.68  ? 61  ALA A O   1 
ATOM   334 C CB  . ALA A 1 61  ? 0.892   -8.562  2.455   1.00 21.31  ? 61  ALA A CB  1 
ATOM   335 N N   . SER A 1 62  ? 1.377   -6.669  5.000   1.00 18.02  ? 62  SER A N   1 
ATOM   336 C CA  . SER A 1 62  ? 0.954   -5.437  5.703   1.00 17.36  ? 62  SER A CA  1 
ATOM   337 C C   . SER A 1 62  ? 0.175   -4.554  4.767   1.00 17.02  ? 62  SER A C   1 
ATOM   338 O O   . SER A 1 62  ? 0.536   -4.352  3.585   1.00 17.13  ? 62  SER A O   1 
ATOM   339 C CB  . SER A 1 62  ? 2.162   -4.679  6.242   1.00 20.96  ? 62  SER A CB  1 
ATOM   340 O OG  . SER A 1 62  ? 2.871   -5.456  7.175   1.00 23.93  ? 62  SER A OG  1 
ATOM   341 N N   . CYS A 1 63  ? -0.926  -3.999  5.241   1.00 16.71  ? 63  CYS A N   1 
ATOM   342 C CA  . CYS A 1 63  ? -1.844  -3.237  4.419   1.00 15.22  ? 63  CYS A CA  1 
ATOM   343 C C   . CYS A 1 63  ? -2.362  -2.037  5.194   1.00 16.41  ? 63  CYS A C   1 
ATOM   344 O O   . CYS A 1 63  ? -2.423  -2.064  6.425   1.00 17.85  ? 63  CYS A O   1 
ATOM   345 C CB  . CYS A 1 63  ? -2.947  -4.137  3.836   1.00 15.98  ? 63  CYS A CB  1 
ATOM   346 S SG  . CYS A 1 63  ? -3.775  -5.118  5.105   1.00 17.94  ? 63  CYS A SG  1 
ATOM   347 N N   . LEU A 1 64  ? -2.778  -1.040  4.468   1.00 15.82  ? 64  LEU A N   1 
ATOM   348 C CA  . LEU A 1 64  ? -3.340  0.196   5.036   1.00 17.76  ? 64  LEU A CA  1 
ATOM   349 C C   . LEU A 1 64  ? -4.778  -0.055  5.397   1.00 20.26  ? 64  LEU A C   1 
ATOM   350 O O   . LEU A 1 64  ? -5.569  -0.480  4.518   1.00 21.67  ? 64  LEU A O   1 
ATOM   351 C CB  . LEU A 1 64  ? -3.176  1.283   3.969   1.00 21.73  ? 64  LEU A CB  1 
ATOM   352 C CG  . LEU A 1 64  ? -3.491  2.719   4.307   1.00 31.03  ? 64  LEU A CG  1 
ATOM   353 C CD1 . LEU A 1 64  ? -2.549  3.155   5.406   1.00 24.59  ? 64  LEU A CD1 1 
ATOM   354 C CD2 . LEU A 1 64  ? -3.327  3.568   3.045   1.00 30.08  ? 64  LEU A CD2 1 
ATOM   355 N N   . LEU A 1 65  ? -5.175  0.120   6.658   1.00 18.49  ? 65  LEU A N   1 
ATOM   356 C CA  . LEU A 1 65  ? -6.589  0.025   7.056   1.00 21.01  ? 65  LEU A CA  1 
ATOM   357 C C   . LEU A 1 65  ? -7.268  1.381   6.974   1.00 22.81  ? 65  LEU A C   1 
ATOM   358 O O   . LEU A 1 65  ? -8.347  1.464   6.351   1.00 27.20  ? 65  LEU A O   1 
ATOM   359 C CB  . LEU A 1 65  ? -6.744  -0.452  8.502   1.00 20.95  ? 65  LEU A CB  1 
ATOM   360 C CG  . LEU A 1 65  ? -6.468  -1.915  8.692   1.00 20.48  ? 65  LEU A CG  1 
ATOM   361 C CD1 . LEU A 1 65  ? -6.208  -2.195  10.175  1.00 19.94  ? 65  LEU A CD1 1 
ATOM   362 C CD2 . LEU A 1 65  ? -7.608  -2.740  8.143   1.00 21.39  ? 65  LEU A CD2 1 
ATOM   363 N N   . THR A 1 66  ? -6.667  2.416   7.566   1.00 21.40  ? 66  THR A N   1 
ATOM   364 C CA  . THR A 1 66  ? -7.276  3.752   7.551   1.00 24.33  ? 66  THR A CA  1 
ATOM   365 C C   . THR A 1 66  ? -6.170  4.793   7.422   1.00 23.48  ? 66  THR A C   1 
ATOM   366 O O   . THR A 1 66  ? -5.007  4.525   7.744   1.00 19.99  ? 66  THR A O   1 
ATOM   367 C CB  . THR A 1 66  ? -8.064  4.060   8.836   1.00 25.42  ? 66  THR A CB  1 
ATOM   368 O OG1 . THR A 1 66  ? -7.189  4.133   9.962   1.00 24.28  ? 66  THR A OG1 1 
ATOM   369 C CG2 . THR A 1 66  ? -9.174  3.063   9.090   1.00 28.20  ? 66  THR A CG2 1 
ATOM   370 N N   . VAL A 1 67  ? -6.564  5.960   7.045   1.00 23.97  ? 67  VAL A N   1 
ATOM   371 C CA  . VAL A 1 67  ? -5.692  7.163   7.056   1.00 25.03  ? 67  VAL A CA  1 
ATOM   372 C C   . VAL A 1 67  ? -6.420  8.199   7.882   1.00 26.63  ? 67  VAL A C   1 
ATOM   373 O O   . VAL A 1 67  ? -7.629  8.397   7.675   1.00 30.56  ? 67  VAL A O   1 
ATOM   374 C CB  . VAL A 1 67  ? -5.394  7.631   5.628   1.00 27.35  ? 67  VAL A CB  1 
ATOM   375 C CG1 . VAL A 1 67  ? -4.651  6.565   4.859   1.00 27.95  ? 67  VAL A CG1 1 
ATOM   376 C CG2 . VAL A 1 67  ? -6.669  7.999   4.883   1.00 32.00  ? 67  VAL A CG2 1 
ATOM   377 N N   . ASP A 1 68  ? -5.707  8.813   8.811   1.00 26.28  ? 68  ASP A N   1 
ATOM   378 C CA  . ASP A 1 68  ? -6.385  9.525   9.923   1.00 36.16  ? 68  ASP A CA  1 
ATOM   379 C C   . ASP A 1 68  ? -5.854  10.949  9.919   1.00 39.22  ? 68  ASP A C   1 
ATOM   380 O O   . ASP A 1 68  ? -5.021  11.278  10.756  1.00 52.95  ? 68  ASP A O   1 
ATOM   381 C CB  . ASP A 1 68  ? -6.252  8.760   11.248  1.00 29.86  ? 68  ASP A CB  1 
ATOM   382 C CG  . ASP A 1 68  ? -6.613  7.282   11.142  1.00 59.79  ? 68  ASP A CG  1 
ATOM   383 O OD1 . ASP A 1 68  ? -7.782  6.959   10.773  1.00 42.46  ? 68  ASP A OD1 1 
ATOM   384 O OD2 . ASP A 1 68  ? -5.710  6.457   11.371  1.00 73.43  ? 68  ASP A OD2 1 
ATOM   385 N N   . PHE A 1 69  ? -6.316  11.711  8.924   1.00 56.75  ? 69  PHE A N   1 
ATOM   386 C CA  . PHE A 1 69  ? -6.023  13.158  8.772   1.00 51.85  ? 69  PHE A CA  1 
ATOM   387 C C   . PHE A 1 69  ? -7.312  13.874  8.366   1.00 59.32  ? 69  PHE A C   1 
ATOM   388 O O   . PHE A 1 69  ? -8.330  13.205  8.101   1.00 50.53  ? 69  PHE A O   1 
ATOM   389 C CB  . PHE A 1 69  ? -4.885  13.385  7.779   1.00 44.57  ? 69  PHE A CB  1 
ATOM   390 C CG  . PHE A 1 69  ? -5.134  12.825  6.399   1.00 38.89  ? 69  PHE A CG  1 
ATOM   391 C CD1 . PHE A 1 69  ? -4.628  11.584  6.034   0.80 62.13  ? 69  PHE A CD1 1 
ATOM   392 C CD2 . PHE A 1 69  ? -5.877  13.527  5.469   0.80 58.84  ? 69  PHE A CD2 1 
ATOM   393 C CE1 . PHE A 1 69  ? -4.856  11.064  4.769   0.80 58.05  ? 69  PHE A CE1 1 
ATOM   394 C CE2 . PHE A 1 69  ? -6.104  13.007  4.205   0.80 70.23  ? 69  PHE A CE2 1 
ATOM   395 C CZ  . PHE A 1 69  ? -5.599  11.775  3.859   0.80 53.68  ? 69  PHE A CZ  1 
ATOM   396 N N   . LEU A 1 70  ? -7.299  15.209  8.414   1.00 38.57  ? 70  LEU A N   1 
ATOM   397 C CA  . LEU A 1 70  ? -8.487  16.006  8.050   1.00 39.83  ? 70  LEU A CA  1 
ATOM   398 C C   . LEU A 1 70  ? -8.672  15.880  6.546   1.00 50.04  ? 70  LEU A C   1 
ATOM   399 O O   . LEU A 1 70  ? -7.717  16.150  5.804   1.00 40.14  ? 70  LEU A O   1 
ATOM   400 C CB  . LEU A 1 70  ? -8.311  17.465  8.471   1.00 36.55  ? 70  LEU A CB  1 
ATOM   401 C CG  . LEU A 1 70  ? -8.435  17.756  9.971   1.00 33.68  ? 70  LEU A CG  1 
ATOM   402 C CD1 . LEU A 1 70  ? -7.934  19.152  10.326  1.00 36.40  ? 70  LEU A CD1 1 
ATOM   403 C CD2 . LEU A 1 70  ? -9.867  17.606  10.489  1.00 40.15  ? 70  LEU A CD2 1 
ATOM   404 N N   . THR A 1 71  ? -9.846  15.425  6.123   1.00 52.19  ? 71  THR A N   1 
ATOM   405 C CA  . THR A 1 71  ? -10.089 15.067  4.710   1.00 66.24  ? 71  THR A CA  1 
ATOM   406 C C   . THR A 1 71  ? -9.620  16.200  3.790   1.00 72.22  ? 71  THR A C   1 
ATOM   407 O O   . THR A 1 71  ? -9.004  15.900  2.757   1.00 45.42  ? 71  THR A O   1 
ATOM   408 C CB  . THR A 1 71  ? -11.565 14.730  4.500   0.80 69.29  ? 71  THR A CB  1 
ATOM   409 O OG1 . THR A 1 71  ? -11.871 13.579  5.291   0.80 64.84  ? 71  THR A OG1 1 
ATOM   410 C CG2 . THR A 1 71  ? -11.874 14.469  3.044   0.80 53.56  ? 71  THR A CG2 1 
ATOM   411 N N   . GLN A 1 72  ? -9.861  17.462  4.170   1.00 43.83  ? 72  GLN A N   1 
ATOM   412 C CA  . GLN A 1 72  ? -9.556  18.627  3.305   1.00 38.75  ? 72  GLN A CA  1 
ATOM   413 C C   . GLN A 1 72  ? -8.061  18.690  2.951   1.00 67.00  ? 72  GLN A C   1 
ATOM   414 O O   . GLN A 1 72  ? -7.712  19.099  1.783   1.00 45.78  ? 72  GLN A O   1 
ATOM   415 C CB  . GLN A 1 72  ? -10.026 19.930  3.948   0.80 37.21  ? 72  GLN A CB  1 
ATOM   416 C CG  . GLN A 1 72  ? -9.813  21.133  3.034   0.80 52.29  ? 72  GLN A CG  1 
ATOM   417 C CD  . GLN A 1 72  ? -10.414 20.979  1.648   0.80 68.63  ? 72  GLN A CD  1 
ATOM   418 O OE1 . GLN A 1 72  ? -9.770  21.292  0.643   0.80 83.96  ? 72  GLN A OE1 1 
ATOM   419 N NE2 . GLN A 1 72  ? -11.640 20.462  1.567   0.80 67.86  ? 72  GLN A NE2 1 
ATOM   420 N N   . ASP A 1 73  ? -7.187  18.242  3.863   1.00 46.07  ? 73  ASP A N   1 
ATOM   421 C CA  . ASP A 1 73  ? -5.724  18.106  3.549   1.00 37.57  ? 73  ASP A CA  1 
ATOM   422 C C   . ASP A 1 73  ? -5.423  17.353  2.259   1.00 56.82  ? 73  ASP A C   1 
ATOM   423 O O   . ASP A 1 73  ? -4.512  17.746  1.515   1.00 39.13  ? 73  ASP A O   1 
ATOM   424 C CB  . ASP A 1 73  ? -4.976  17.454  4.716   1.00 48.19  ? 73  ASP A CB  1 
ATOM   425 C CG  . ASP A 1 73  ? -5.042  18.201  6.044   1.00 51.40  ? 73  ASP A CG  1 
ATOM   426 O OD1 . ASP A 1 73  ? -5.609  19.342  6.114   1.00 35.54  ? 73  ASP A OD1 1 
ATOM   427 O OD2 . ASP A 1 73  ? -4.493  17.630  7.004   1.00 40.39  ? 73  ASP A OD2 1 
ATOM   428 N N   . ALA A 1 74  ? -6.139  16.283  1.987   1.00 37.27  ? 74  ALA A N   1 
ATOM   429 C CA  . ALA A 1 74  ? -5.881  15.558  0.723   1.00 48.34  ? 74  ALA A CA  1 
ATOM   430 C C   . ALA A 1 74  ? -6.470  16.348  -0.451  1.00 61.57  ? 74  ALA A C   1 
ATOM   431 O O   . ALA A 1 74  ? -5.835  16.427  -1.525  1.00 46.89  ? 74  ALA A O   1 
ATOM   432 C CB  . ALA A 1 74  ? -6.438  14.160  0.792   1.00 54.59  ? 74  ALA A CB  1 
ATOM   433 N N   . ILE A 1 75  ? -7.648  16.945  -0.259  1.00 59.55  ? 75  ILE A N   1 
ATOM   434 C CA  . ILE A 1 75  ? -8.273  17.811  -1.295  1.00 56.95  ? 75  ILE A CA  1 
ATOM   435 C C   . ILE A 1 75  ? -7.300  18.933  -1.664  1.00 70.76  ? 75  ILE A C   1 
ATOM   436 O O   . ILE A 1 75  ? -7.200  19.275  -2.855  1.00 65.72  ? 75  ILE A O   1 
ATOM   437 C CB  . ILE A 1 75  ? -9.621  18.385  -0.820  0.80 62.76  ? 75  ILE A CB  1 
ATOM   438 C CG1 . ILE A 1 75  ? -10.582 17.288  -0.352  0.80 69.45  ? 75  ILE A CG1 1 
ATOM   439 C CG2 . ILE A 1 75  ? -10.242 19.247  -1.914  0.80 48.27  ? 75  ILE A CG2 1 
ATOM   440 C CD1 . ILE A 1 75  ? -11.008 16.336  -1.441  0.80 75.37  ? 75  ILE A CD1 1 
ATOM   441 N N   . LEU A 1 76  ? -6.579  19.468  -0.673  1.00 79.91  ? 76  LEU A N   1 
ATOM   442 C CA  . LEU A 1 76  ? -5.588  20.556  -0.895  1.00 60.64  ? 76  LEU A CA  1 
ATOM   443 C C   . LEU A 1 76  ? -4.258  19.977  -1.395  1.00 57.11  ? 76  LEU A C   1 
ATOM   444 O O   . LEU A 1 76  ? -3.309  20.761  -1.572  1.00 61.34  ? 76  LEU A O   1 
ATOM   445 C CB  . LEU A 1 76  ? -5.409  21.347  0.406   0.80 53.16  ? 76  LEU A CB  1 
ATOM   446 C CG  . LEU A 1 76  ? -6.632  22.155  0.839   0.80 51.18  ? 76  LEU A CG  1 
ATOM   447 C CD1 . LEU A 1 76  ? -6.445  22.712  2.242   0.80 58.18  ? 76  LEU A CD1 1 
ATOM   448 C CD2 . LEU A 1 76  ? -6.931  23.275  -0.157  0.80 47.50  ? 76  LEU A CD2 1 
ATOM   449 N N   . GLN A 1 77  ? -4.202  18.655  -1.601  1.00 71.14  ? 77  GLN A N   1 
ATOM   450 C CA  . GLN A 1 77  ? -3.015  17.918  -2.119  1.00 79.59  ? 77  GLN A CA  1 
ATOM   451 C C   . GLN A 1 77  ? -1.784  18.272  -1.274  1.00 68.38  ? 77  GLN A C   1 
ATOM   452 O O   . GLN A 1 77  ? -0.724  18.561  -1.853  1.00 59.48  ? 77  GLN A O   1 
ATOM   453 C CB  . GLN A 1 77  ? -2.846  18.188  -3.619  0.80 78.63  ? 77  GLN A CB  1 
ATOM   454 C CG  . GLN A 1 77  ? -4.014  17.662  -4.445  0.80 86.80  ? 77  GLN A CG  1 
ATOM   455 C CD  . GLN A 1 77  ? -3.904  17.942  -5.924  0.80 88.11  ? 77  GLN A CD  1 
ATOM   456 O OE1 . GLN A 1 77  ? -2.825  17.884  -6.509  0.80 85.51  ? 77  GLN A OE1 1 
ATOM   457 N NE2 . GLN A 1 77  ? -5.035  18.231  -6.548  0.80 91.83  ? 77  GLN A NE2 1 
ATOM   458 N N   . GLU A 1 78  ? -1.929  18.252  0.055   1.00 49.81  ? 78  GLU A N   1 
ATOM   459 C CA  . GLU A 1 78  ? -0.813  18.518  1.000   1.00 43.40  ? 78  GLU A CA  1 
ATOM   460 C C   . GLU A 1 78  ? 0.161   17.330  0.980   1.00 56.86  ? 78  GLU A C   1 
ATOM   461 O O   . GLU A 1 78  ? -0.301  16.152  0.966   1.00 45.91  ? 78  GLU A O   1 
ATOM   462 C CB  . GLU A 1 78  ? -1.350  18.787  2.404   1.00 50.06  ? 78  GLU A CB  1 
ATOM   463 C CG  . GLU A 1 78  ? -2.310  19.956  2.453   1.00 54.32  ? 78  GLU A CG  1 
ATOM   464 C CD  . GLU A 1 78  ? -2.676  20.395  3.858   1.00 57.49  ? 78  GLU A CD  1 
ATOM   465 O OE1 . GLU A 1 78  ? -2.327  19.676  4.815   1.00 58.02  ? 78  GLU A OE1 1 
ATOM   466 O OE2 . GLU A 1 78  ? -3.307  21.449  3.978   1.00 51.06  ? 78  GLU A OE2 1 
ATOM   467 N N   . ASN A 1 79  ? 1.458   17.639  0.947   1.00 51.00  ? 79  ASN A N   1 
ATOM   468 C CA  . ASN A 1 79  ? 2.565   16.650  0.817   1.00 65.08  ? 79  ASN A CA  1 
ATOM   469 C C   . ASN A 1 79  ? 3.262   16.538  2.174   1.00 66.38  ? 79  ASN A C   1 
ATOM   470 O O   . ASN A 1 79  ? 4.432   16.962  2.267   1.00 55.03  ? 79  ASN A O   1 
ATOM   471 C CB  . ASN A 1 79  ? 3.528   17.077  -0.297  0.80 50.04  ? 79  ASN A CB  1 
ATOM   472 C CG  . ASN A 1 79  ? 4.554   16.029  -0.668  0.80 63.87  ? 79  ASN A CG  1 
ATOM   473 O OD1 . ASN A 1 79  ? 4.273   14.835  -0.647  0.80 64.48  ? 79  ASN A OD1 1 
ATOM   474 N ND2 . ASN A 1 79  ? 5.745   16.474  -1.029  0.80 61.80  ? 79  ASN A ND2 1 
ATOM   475 N N   . GLN A 1 80  ? 2.554   15.982  3.164   1.00 73.08  ? 80  GLN A N   1 
ATOM   476 C CA  . GLN A 1 80  ? 2.965   15.923  4.585   1.00 47.19  ? 80  GLN A CA  1 
ATOM   477 C C   . GLN A 1 80  ? 2.682   14.523  5.114   1.00 47.47  ? 80  GLN A C   1 
ATOM   478 O O   . GLN A 1 80  ? 1.677   13.924  4.725   1.00 45.63  ? 80  GLN A O   1 
ATOM   479 C CB  . GLN A 1 80  ? 2.140   16.907  5.418   0.80 45.96  ? 80  GLN A CB  1 
ATOM   480 C CG  . GLN A 1 80  ? 2.362   18.369  5.049   0.80 59.50  ? 80  GLN A CG  1 
ATOM   481 C CD  . GLN A 1 80  ? 3.790   18.823  5.245   0.80 70.03  ? 80  GLN A CD  1 
ATOM   482 O OE1 . GLN A 1 80  ? 4.454   18.457  6.213   0.80 80.45  ? 80  GLN A OE1 1 
ATOM   483 N NE2 . GLN A 1 80  ? 4.270   19.645  4.323   0.80 65.27  ? 80  GLN A NE2 1 
ATOM   484 N N   . PRO A 1 81  ? 3.519   13.992  6.028   1.00 41.97  ? 81  PRO A N   1 
ATOM   485 C CA  . PRO A 1 81  ? 3.241   12.697  6.651   1.00 41.97  ? 81  PRO A CA  1 
ATOM   486 C C   . PRO A 1 81  ? 2.064   12.763  7.624   1.00 34.01  ? 81  PRO A C   1 
ATOM   487 O O   . PRO A 1 81  ? 1.747   13.792  8.181   1.00 41.20  ? 81  PRO A O   1 
ATOM   488 C CB  . PRO A 1 81  ? 4.489   12.376  7.475   1.00 41.60  ? 81  PRO A CB  1 
ATOM   489 C CG  . PRO A 1 81  ? 5.074   13.706  7.763   1.00 45.84  ? 81  PRO A CG  1 
ATOM   490 C CD  . PRO A 1 81  ? 4.751   14.589  6.566   1.00 51.29  ? 81  PRO A CD  1 
ATOM   491 N N   . TYR A 1 82  ? 1.519   11.585  7.902   1.00 27.95  ? 82  TYR A N   1 
ATOM   492 C CA  . TYR A 1 82  ? 0.194   11.516  8.544   1.00 28.25  ? 82  TYR A CA  1 
ATOM   493 C C   . TYR A 1 82  ? 0.072   10.214  9.308   1.00 24.47  ? 82  TYR A C   1 
ATOM   494 O O   . TYR A 1 82  ? 0.734   9.193   9.001   1.00 24.42  ? 82  TYR A O   1 
ATOM   495 C CB  . TYR A 1 82  ? -0.915  11.710  7.499   1.00 29.89  ? 82  TYR A CB  1 
ATOM   496 C CG  . TYR A 1 82  ? -0.921  10.707  6.369   1.00 31.01  ? 82  TYR A CG  1 
ATOM   497 C CD1 . TYR A 1 82  ? -0.203  10.927  5.202   1.00 28.91  ? 82  TYR A CD1 1 
ATOM   498 C CD2 . TYR A 1 82  ? -1.667  9.543   6.447   1.00 28.38  ? 82  TYR A CD2 1 
ATOM   499 C CE1 . TYR A 1 82  ? -0.223  10.013  4.164   1.00 29.22  ? 82  TYR A CE1 1 
ATOM   500 C CE2 . TYR A 1 82  ? -1.716  8.630   5.408   1.00 26.75  ? 82  TYR A CE2 1 
ATOM   501 C CZ  . TYR A 1 82  ? -0.957  8.841   4.276   1.00 26.55  ? 82  TYR A CZ  1 
ATOM   502 O OH  . TYR A 1 82  ? -0.986  7.919   3.265   1.00 27.27  ? 82  TYR A OH  1 
ATOM   503 N N   A ASN A 1 83  ? -0.820  10.233  10.270  0.70 26.15  ? 83  ASN A N   1 
ATOM   504 N N   B ASN A 1 83  ? -0.806  10.225  10.311  0.30 26.48  ? 83  ASN A N   1 
ATOM   505 C CA  A ASN A 1 83  ? -1.152  9.043   11.075  0.70 23.83  ? 83  ASN A CA  1 
ATOM   506 C CA  B ASN A 1 83  ? -1.118  9.010   11.108  0.30 22.98  ? 83  ASN A CA  1 
ATOM   507 C C   A ASN A 1 83  ? -1.974  8.110   10.192  0.70 22.33  ? 83  ASN A C   1 
ATOM   508 C C   B ASN A 1 83  ? -1.968  8.113   10.213  0.30 21.60  ? 83  ASN A C   1 
ATOM   509 O O   A ASN A 1 83  ? -2.898  8.598   9.537   0.70 23.40  ? 83  ASN A O   1 
ATOM   510 O O   B ASN A 1 83  ? -2.921  8.619   9.577   0.30 22.88  ? 83  ASN A O   1 
ATOM   511 C CB  A ASN A 1 83  ? -1.897  9.447   12.343  0.70 26.71  ? 83  ASN A CB  1 
ATOM   512 C CB  B ASN A 1 83  ? -1.851  9.271   12.432  0.30 24.91  ? 83  ASN A CB  1 
ATOM   513 C CG  A ASN A 1 83  ? -0.962  10.140  13.300  0.70 40.90  ? 83  ASN A CG  1 
ATOM   514 C CG  B ASN A 1 83  ? -2.287  7.991   13.144  0.30 38.86  ? 83  ASN A CG  1 
ATOM   515 O OD1 A ASN A 1 83  ? -0.063  9.506   13.834  0.70 52.31  ? 83  ASN A OD1 1 
ATOM   516 O OD1 B ASN A 1 83  ? -1.436  7.234   13.716  0.30 43.74  ? 83  ASN A OD1 1 
ATOM   517 N ND2 A ASN A 1 83  ? -1.168  11.428  13.499  0.70 51.66  ? 83  ASN A ND2 1 
ATOM   518 N ND2 B ASN A 1 83  ? -3.615  7.711   13.103  0.30 44.17  ? 83  ASN A ND2 1 
ATOM   519 N N   . CYS A 1 84  ? -1.682  6.819   10.268  1.00 21.52  ? 84  CYS A N   1 
ATOM   520 C CA  . CYS A 1 84  ? -2.437  5.812   9.544   1.00 19.89  ? 84  CYS A CA  1 
ATOM   521 C C   . CYS A 1 84  ? -2.486  4.574   10.427  1.00 20.50  ? 84  CYS A C   1 
ATOM   522 O O   . CYS A 1 84  ? -1.778  4.509   11.443  1.00 23.63  ? 84  CYS A O   1 
ATOM   523 C CB  . CYS A 1 84  ? -1.772  5.540   8.197   1.00 19.91  ? 84  CYS A CB  1 
ATOM   524 S SG  . CYS A 1 84  ? -0.012  5.094   8.381   1.00 21.47  ? 84  CYS A SG  1 
ATOM   525 N N   . SER A 1 85  ? -3.371  3.655   10.100  1.00 19.41  ? 85  SER A N   1 
ATOM   526 C CA  . SER A 1 85  ? -3.440  2.366   10.812  1.00 18.41  ? 85  SER A CA  1 
ATOM   527 C C   . SER A 1 85  ? -3.144  1.247   9.827   1.00 18.59  ? 85  SER A C   1 
ATOM   528 O O   . SER A 1 85  ? -3.500  1.336   8.612   1.00 18.71  ? 85  SER A O   1 
ATOM   529 C CB  . SER A 1 85  ? -4.747  2.152   11.525  1.00 21.78  ? 85  SER A CB  1 
ATOM   530 O OG  . SER A 1 85  ? -5.796  1.973   10.633  1.00 23.60  ? 85  SER A OG  1 
ATOM   531 N N   . VAL A 1 86  ? -2.542  0.206   10.326  1.00 17.20  ? 86  VAL A N   1 
ATOM   532 C CA  . VAL A 1 86  ? -1.984  -0.900  9.540   1.00 17.67  ? 86  VAL A CA  1 
ATOM   533 C C   . VAL A 1 86  ? -2.609  -2.183  10.039  1.00 16.10  ? 86  VAL A C   1 
ATOM   534 O O   . VAL A 1 86  ? -2.712  -2.439  11.236  1.00 18.82  ? 86  VAL A O   1 
ATOM   535 C CB  . VAL A 1 86  ? -0.456  -0.892  9.654   1.00 17.30  ? 86  VAL A CB  1 
ATOM   536 C CG1 . VAL A 1 86  ? 0.138   -2.119  8.962   1.00 19.59  ? 86  VAL A CG1 1 
ATOM   537 C CG2 . VAL A 1 86  ? 0.082   0.401   9.070   1.00 20.47  ? 86  VAL A CG2 1 
ATOM   538 N N   . GLY A 1 87  ? -2.975  -3.008  9.057   1.00 17.14  ? 87  GLY A N   1 
ATOM   539 C CA  . GLY A 1 87  ? -3.470  -4.356  9.276   1.00 17.26  ? 87  GLY A CA  1 
ATOM   540 C C   . GLY A 1 87  ? -2.717  -5.370  8.453   1.00 15.83  ? 87  GLY A C   1 
ATOM   541 O O   . GLY A 1 87  ? -1.576  -5.101  8.036   1.00 17.75  ? 87  GLY A O   1 
ATOM   542 N N   . HIS A 1 88  ? -3.353  -6.506  8.232   1.00 16.92  ? 88  HIS A N   1 
ATOM   543 C CA  . HIS A 1 88  ? -2.732  -7.604  7.471   1.00 17.26  ? 88  HIS A CA  1 
ATOM   544 C C   . HIS A 1 88  ? -3.756  -8.149  6.507   1.00 16.59  ? 88  HIS A C   1 
ATOM   545 O O   . HIS A 1 88  ? -4.956  -8.200  6.762   1.00 18.42  ? 88  HIS A O   1 
ATOM   546 C CB  . HIS A 1 88  ? -2.258  -8.706  8.409   1.00 20.63  ? 88  HIS A CB  1 
ATOM   547 C CG  . HIS A 1 88  ? -3.366  -9.378  9.123   1.00 23.59  ? 88  HIS A CG  1 
ATOM   548 N ND1 . HIS A 1 88  ? -3.994  -8.826  10.240  1.00 27.14  ? 88  HIS A ND1 1 
ATOM   549 C CD2 . HIS A 1 88  ? -4.006  -10.540 8.875   1.00 26.90  ? 88  HIS A CD2 1 
ATOM   550 C CE1 . HIS A 1 88  ? -4.939  -9.656  10.653  1.00 28.64  ? 88  HIS A CE1 1 
ATOM   551 N NE2 . HIS A 1 88  ? -4.976  -10.713 9.829   1.00 29.88  ? 88  HIS A NE2 1 
ATOM   552 N N   . CYS A 1 89  ? -3.280  -8.566  5.320   1.00 17.50  ? 89  CYS A N   1 
ATOM   553 C CA  . CYS A 1 89  ? -4.222  -9.064  4.293   1.00 18.23  ? 89  CYS A CA  1 
ATOM   554 C C   . CYS A 1 89  ? -4.776  -10.421 4.696   1.00 20.40  ? 89  CYS A C   1 
ATOM   555 O O   . CYS A 1 89  ? -4.031  -11.287 5.134   1.00 20.93  ? 89  CYS A O   1 
ATOM   556 C CB  . CYS A 1 89  ? -3.539  -9.130  2.924   1.00 19.44  ? 89  CYS A CB  1 
ATOM   557 S SG  . CYS A 1 89  ? -3.152  -7.485  2.277   1.00 21.33  ? 89  CYS A SG  1 
ATOM   558 N N   . ASP A 1 90  ? -6.086  -10.571 4.560   1.00 23.58  ? 90  ASP A N   1 
ATOM   559 C CA  . ASP A 1 90  ? -6.781  -11.827 4.913   1.00 29.91  ? 90  ASP A CA  1 
ATOM   560 C C   . ASP A 1 90  ? -7.762  -12.098 3.785   1.00 29.50  ? 90  ASP A C   1 
ATOM   561 O O   . ASP A 1 90  ? -8.821  -11.460 3.768   1.00 31.97  ? 90  ASP A O   1 
ATOM   562 C CB  . ASP A 1 90  ? -7.436  -11.722 6.290   1.00 29.39  ? 90  ASP A CB  1 
ATOM   563 C CG  . ASP A 1 90  ? -7.970  -13.055 6.797   1.00 39.64  ? 90  ASP A CG  1 
ATOM   564 O OD1 . ASP A 1 90  ? -7.897  -14.038 6.048   1.00 46.07  ? 90  ASP A OD1 1 
ATOM   565 O OD2 . ASP A 1 90  ? -8.447  -13.084 7.929   1.00 52.69  ? 90  ASP A OD2 1 
ATOM   566 N N   . ASN A 1 91  ? -7.364  -12.967 2.860   1.00 34.21  ? 91  ASN A N   1 
ATOM   567 C CA  . ASN A 1 91  ? -8.271  -13.420 1.784   1.00 51.32  ? 91  ASN A CA  1 
ATOM   568 C C   . ASN A 1 91  ? -8.753  -12.207 0.986   1.00 45.45  ? 91  ASN A C   1 
ATOM   569 O O   . ASN A 1 91  ? -9.976  -12.003 0.838   1.00 52.34  ? 91  ASN A O   1 
ATOM   570 C CB  . ASN A 1 91  ? -9.448  -14.207 2.353   1.00 51.52  ? 91  ASN A CB  1 
ATOM   571 C CG  . ASN A 1 91  ? -9.022  -15.512 2.993   1.00 77.60  ? 91  ASN A CG  1 
ATOM   572 O OD1 . ASN A 1 91  ? -8.127  -16.194 2.496   1.00 68.06  ? 91  ASN A OD1 1 
ATOM   573 N ND2 . ASN A 1 91  ? -9.661  -15.870 4.099   1.00 75.44  ? 91  ASN A ND2 1 
ATOM   574 N N   . GLY A 1 92  ? -7.801  -11.405 0.529   1.00 43.82  ? 92  GLY A N   1 
ATOM   575 C CA  . GLY A 1 92  ? -8.057  -10.310 -0.399  1.00 39.75  ? 92  GLY A CA  1 
ATOM   576 C C   . GLY A 1 92  ? -8.609  -9.055  0.240   1.00 34.18  ? 92  GLY A C   1 
ATOM   577 O O   . GLY A 1 92  ? -8.931  -8.157  -0.526  1.00 36.82  ? 92  GLY A O   1 
ATOM   578 N N   . THR A 1 93  ? -8.772  -8.964  1.570   1.00 30.62  ? 93  THR A N   1 
ATOM   579 C CA  . THR A 1 93  ? -9.128  -7.690  2.222   1.00 29.69  ? 93  THR A CA  1 
ATOM   580 C C   . THR A 1 93  ? -8.228  -7.428  3.440   1.00 25.61  ? 93  THR A C   1 
ATOM   581 O O   . THR A 1 93  ? -7.790  -8.367  4.066   1.00 27.67  ? 93  THR A O   1 
ATOM   582 C CB  . THR A 1 93  ? -10.610 -7.663  2.590   1.00 45.25  ? 93  THR A CB  1 
ATOM   583 O OG1 . THR A 1 93  ? -10.944 -6.313  2.916   1.00 55.62  ? 93  THR A OG1 1 
ATOM   584 C CG2 . THR A 1 93  ? -10.905 -8.597  3.741   1.00 40.38  ? 93  THR A CG2 1 
ATOM   585 N N   . CYS A 1 94  ? -7.986  -6.164  3.752   1.00 21.78  ? 94  CYS A N   1 
ATOM   586 C CA  . CYS A 1 94  ? -7.098  -5.793  4.859   1.00 19.99  ? 94  CYS A CA  1 
ATOM   587 C C   . CYS A 1 94  ? -7.872  -5.960  6.167   1.00 23.52  ? 94  CYS A C   1 
ATOM   588 O O   . CYS A 1 94  ? -8.996  -5.455  6.290   1.00 28.12  ? 94  CYS A O   1 
ATOM   589 C CB  . CYS A 1 94  ? -6.572  -4.360  4.733   1.00 18.72  ? 94  CYS A CB  1 
ATOM   590 S SG  . CYS A 1 94  ? -5.242  -3.926  5.833   1.00 19.24  ? 94  CYS A SG  1 
ATOM   591 N N   . ALA A 1 95  ? -7.302  -6.661  7.136   1.00 19.68  ? 95  ALA A N   1 
ATOM   592 C CA  . ALA A 1 95  ? -7.965  -6.989  8.401   1.00 21.03  ? 95  ALA A CA  1 
ATOM   593 C C   . ALA A 1 95  ? -7.194  -6.402  9.556   1.00 21.30  ? 95  ALA A C   1 
ATOM   594 O O   . ALA A 1 95  ? -5.956  -6.348  9.545   1.00 20.52  ? 95  ALA A O   1 
ATOM   595 C CB  . ALA A 1 95  ? -8.054  -8.486  8.556   1.00 23.89  ? 95  ALA A CB  1 
ATOM   596 N N   . GLY A 1 96  ? -7.949  -5.978  10.565  1.00 20.09  ? 96  GLY A N   1 
ATOM   597 C CA  . GLY A 1 96  ? -7.352  -5.545  11.816  1.00 21.81  ? 96  GLY A CA  1 
ATOM   598 C C   . GLY A 1 96  ? -7.056  -6.701  12.767  1.00 21.08  ? 96  GLY A C   1 
ATOM   599 O O   . GLY A 1 96  ? -7.118  -7.857  12.350  1.00 25.85  ? 96  GLY A O   1 
ATOM   600 N N   . PRO A 1 97  ? -6.838  -6.448  14.062  1.00 23.75  ? 97  PRO A N   1 
ATOM   601 C CA  . PRO A 1 97  ? -6.937  -5.124  14.696  1.00 23.18  ? 97  PRO A CA  1 
ATOM   602 C C   . PRO A 1 97  ? -5.883  -4.137  14.201  1.00 21.36  ? 97  PRO A C   1 
ATOM   603 O O   . PRO A 1 97  ? -4.838  -4.549  13.708  1.00 25.77  ? 97  PRO A O   1 
ATOM   604 C CB  . PRO A 1 97  ? -6.807  -5.435  16.192  1.00 25.81  ? 97  PRO A CB  1 
ATOM   605 C CG  . PRO A 1 97  ? -6.041  -6.720  16.207  1.00 36.68  ? 97  PRO A CG  1 
ATOM   606 C CD  . PRO A 1 97  ? -6.558  -7.501  15.034  1.00 28.09  ? 97  PRO A CD  1 
ATOM   607 N N   . PRO A 1 98  ? -6.192  -2.830  14.207  1.00 19.12  ? 98  PRO A N   1 
ATOM   608 C CA  . PRO A 1 98  ? -5.280  -1.840  13.675  1.00 18.91  ? 98  PRO A CA  1 
ATOM   609 C C   . PRO A 1 98  ? -4.064  -1.626  14.560  1.00 20.42  ? 98  PRO A C   1 
ATOM   610 O O   . PRO A 1 98  ? -4.198  -1.695  15.756  1.00 21.53  ? 98  PRO A O   1 
ATOM   611 C CB  . PRO A 1 98  ? -6.129  -0.580  13.613  1.00 19.17  ? 98  PRO A CB  1 
ATOM   612 C CG  . PRO A 1 98  ? -7.181  -0.752  14.674  1.00 19.30  ? 98  PRO A CG  1 
ATOM   613 C CD  . PRO A 1 98  ? -7.436  -2.238  14.703  1.00 18.23  ? 98  PRO A CD  1 
ATOM   614 N N   . ARG A 1 99  ? -2.928  -1.356  13.933  1.00 18.31  ? 99  ARG A N   1 
ATOM   615 C CA  . ARG A 1 99  ? -1.715  -0.862  14.626  1.00 20.75  ? 99  ARG A CA  1 
ATOM   616 C C   . ARG A 1 99  ? -1.469  0.550   14.135  1.00 18.46  ? 99  ARG A C   1 
ATOM   617 O O   . ARG A 1 99  ? -1.567  0.798   12.934  1.00 19.91  ? 99  ARG A O   1 
ATOM   618 C CB  . ARG A 1 99  ? -0.527  -1.765  14.284  1.00 25.94  ? 99  ARG A CB  1 
ATOM   619 C CG  . ARG A 1 99  ? 0.738   -1.333  15.021  1.00 69.59  ? 99  ARG A CG  1 
ATOM   620 C CD  . ARG A 1 99  ? 1.931   -2.248  14.837  1.00 74.53  ? 99  ARG A CD  1 
ATOM   621 N NE  . ARG A 1 99  ? 3.169   -1.870  15.513  1.00 74.21  ? 99  ARG A NE  1 
ATOM   622 C CZ  . ARG A 1 99  ? 4.260   -2.624  15.579  1.00 77.10  ? 99  ARG A CZ  1 
ATOM   623 N NH1 . ARG A 1 99  ? 4.291   -3.824  15.018  1.00 94.29  ? 99  ARG A NH1 1 
ATOM   624 N NH2 . ARG A 1 99  ? 5.327   -2.172  16.213  1.00 85.67  ? 99  ARG A NH2 1 
ATOM   625 N N   . HIS A 1 100 ? -0.953  1.406   14.998  1.00 19.68  ? 100 HIS A N   1 
ATOM   626 C CA  . HIS A 1 100 ? -0.590  2.776   14.581  1.00 20.87  ? 100 HIS A CA  1 
ATOM   627 C C   . HIS A 1 100 ? 0.667   2.783   13.744  1.00 22.86  ? 100 HIS A C   1 
ATOM   628 O O   . HIS A 1 100 ? 1.590   2.024   14.012  1.00 24.07  ? 100 HIS A O   1 
ATOM   629 C CB  . HIS A 1 100 ? -0.312  3.637   15.817  1.00 21.75  ? 100 HIS A CB  1 
ATOM   630 C CG  . HIS A 1 100 ? -1.529  4.153   16.491  1.00 24.29  ? 100 HIS A CG  1 
ATOM   631 N ND1 . HIS A 1 100 ? -2.207  5.261   15.999  1.00 26.50  ? 100 HIS A ND1 1 
ATOM   632 C CD2 . HIS A 1 100 ? -2.201  3.753   17.578  1.00 25.55  ? 100 HIS A CD2 1 
ATOM   633 C CE1 . HIS A 1 100 ? -3.226  5.521   16.792  1.00 25.14  ? 100 HIS A CE1 1 
ATOM   634 N NE2 . HIS A 1 100 ? -3.237  4.626   17.780  1.00 24.60  ? 100 HIS A NE2 1 
ATOM   635 N N   . ALA A 1 101 ? 0.724   3.691   12.809  1.00 21.01  ? 101 ALA A N   1 
ATOM   636 C CA  . ALA A 1 101 ? 1.949   3.935   12.046  1.00 20.86  ? 101 ALA A CA  1 
ATOM   637 C C   . ALA A 1 101 ? 1.907   5.378   11.574  1.00 20.75  ? 101 ALA A C   1 
ATOM   638 O O   . ALA A 1 101 ? 0.903   6.067   11.689  1.00 22.36  ? 101 ALA A O   1 
ATOM   639 C CB  . ALA A 1 101 ? 2.090   2.961   10.875  1.00 20.52  ? 101 ALA A CB  1 
ATOM   640 N N   . GLN A 1 102 ? 3.019   5.794   11.012  1.00 21.67  ? 102 GLN A N   1 
ATOM   641 C CA  . GLN A 1 102 ? 3.115   7.084   10.298  1.00 21.96  ? 102 GLN A CA  1 
ATOM   642 C C   . GLN A 1 102 ? 3.317   6.713   8.821   1.00 21.48  ? 102 GLN A C   1 
ATOM   643 O O   . GLN A 1 102 ? 4.135   5.866   8.564   1.00 21.63  ? 102 GLN A O   1 
ATOM   644 C CB  . GLN A 1 102 ? 4.276   7.930   10.849  1.00 31.72  ? 102 GLN A CB  1 
ATOM   645 C CG  . GLN A 1 102 ? 4.114   8.345   12.295  1.00 67.30  ? 102 GLN A CG  1 
ATOM   646 C CD  . GLN A 1 102 ? 3.246   9.570   12.385  1.00 84.50  ? 102 GLN A CD  1 
ATOM   647 O OE1 . GLN A 1 102 ? 3.487   10.570  11.703  1.00 134.32 ? 102 GLN A OE1 1 
ATOM   648 N NE2 . GLN A 1 102 ? 2.228   9.505   13.246  1.00 69.11  ? 102 GLN A NE2 1 
ATOM   649 N N   . CYS A 1 103 ? 2.537   7.349   7.965   1.00 19.43  ? 103 CYS A N   1 
ATOM   650 C CA  . CYS A 1 103 ? 2.581   7.129   6.495   1.00 19.82  ? 103 CYS A CA  1 
ATOM   651 C C   . CYS A 1 103 ? 3.009   8.415   5.799   1.00 21.79  ? 103 CYS A C   1 
ATOM   652 O O   . CYS A 1 103 ? 2.808   9.510   6.330   1.00 23.33  ? 103 CYS A O   1 
ATOM   653 C CB  . CYS A 1 103 ? 1.195   6.722   5.989   1.00 19.90  ? 103 CYS A CB  1 
ATOM   654 S SG  . CYS A 1 103 ? 0.649   5.049   6.430   1.00 19.70  ? 103 CYS A SG  1 
ATOM   655 N N   . TRP A 1 104 ? 3.563   8.264   4.601   1.00 22.65  ? 104 TRP A N   1 
ATOM   656 C CA  . TRP A 1 104 ? 3.946   9.452   3.810   1.00 24.49  ? 104 TRP A CA  1 
ATOM   657 C C   . TRP A 1 104 ? 4.050   9.060   2.353   1.00 26.70  ? 104 TRP A C   1 
ATOM   658 O O   . TRP A 1 104 ? 4.412   9.971   1.551   1.00 31.00  ? 104 TRP A O   1 
ATOM   659 C CB  . TRP A 1 104 ? 5.248   10.080  4.335   1.00 26.00  ? 104 TRP A CB  1 
ATOM   660 C CG  . TRP A 1 104 ? 6.449   9.184   4.202   1.00 26.08  ? 104 TRP A CG  1 
ATOM   661 C CD1 . TRP A 1 104 ? 7.374   9.180   3.194   1.00 29.49  ? 104 TRP A CD1 1 
ATOM   662 C CD2 . TRP A 1 104 ? 6.902   8.207   5.157   1.00 25.90  ? 104 TRP A CD2 1 
ATOM   663 N NE1 . TRP A 1 104 ? 8.314   8.207   3.419   1.00 28.67  ? 104 TRP A NE1 1 
ATOM   664 C CE2 . TRP A 1 104 ? 8.071   7.616   4.629   1.00 29.02  ? 104 TRP A CE2 1 
ATOM   665 C CE3 . TRP A 1 104 ? 6.426   7.772   6.390   1.00 28.59  ? 104 TRP A CE3 1 
ATOM   666 C CZ2 . TRP A 1 104 ? 8.757   6.598   5.287   1.00 29.67  ? 104 TRP A CZ2 1 
ATOM   667 C CZ3 . TRP A 1 104 ? 7.129   6.791   7.059   1.00 31.54  ? 104 TRP A CZ3 1 
ATOM   668 C CH2 . TRP A 1 104 ? 8.274   6.213   6.506   1.00 31.41  ? 104 TRP A CH2 1 
ATOM   669 O OXT . TRP A 1 104 ? 3.803   7.915   2.012   1.00 26.83  ? 104 TRP A OXT 1 
HETATM 670 C C1  . EDO B 2 .   ? 7.378   -6.682  -7.360  0.43 39.52  ? 201 EDO A C1  1 
HETATM 671 O O1  . EDO B 2 .   ? 7.644   -7.823  -6.456  0.43 33.96  ? 201 EDO A O1  1 
HETATM 672 C C2  . EDO B 2 .   ? 7.083   -5.548  -6.485  0.43 36.53  ? 201 EDO A C2  1 
HETATM 673 O O2  . EDO B 2 .   ? 6.066   -5.973  -5.522  0.43 32.87  ? 201 EDO A O2  1 
HETATM 674 C C1  . EDO C 2 .   ? 2.491   -7.255  -5.544  1.00 44.59  ? 202 EDO A C1  1 
HETATM 675 O O1  . EDO C 2 .   ? 3.809   -7.491  -5.108  1.00 45.28  ? 202 EDO A O1  1 
HETATM 676 C C2  . EDO C 2 .   ? 1.534   -8.008  -4.695  1.00 43.01  ? 202 EDO A C2  1 
HETATM 677 O O2  . EDO C 2 .   ? 2.037   -8.076  -3.378  1.00 48.30  ? 202 EDO A O2  1 
HETATM 678 C C1  . EDO D 2 .   ? -2.479  1.799   -5.988  1.00 37.30  ? 203 EDO A C1  1 
HETATM 679 O O1  . EDO D 2 .   ? -2.909  1.648   -4.655  1.00 36.44  ? 203 EDO A O1  1 
HETATM 680 C C2  . EDO D 2 .   ? -1.080  1.387   -6.046  1.00 33.26  ? 203 EDO A C2  1 
HETATM 681 O O2  . EDO D 2 .   ? -0.980  -0.032  -5.904  1.00 28.92  ? 203 EDO A O2  1 
HETATM 682 C C1  . EDO E 2 .   ? 9.089   -1.492  -14.852 1.00 42.14  ? 204 EDO A C1  1 
HETATM 683 O O1  . EDO E 2 .   ? 9.807   -2.384  -14.010 1.00 26.21  ? 204 EDO A O1  1 
HETATM 684 C C2  . EDO E 2 .   ? 8.996   -2.093  -16.186 1.00 48.95  ? 204 EDO A C2  1 
HETATM 685 O O2  . EDO E 2 .   ? 8.899   -3.505  -16.044 1.00 55.50  ? 204 EDO A O2  1 
HETATM 686 C C   . TRS F 3 .   ? 3.686   -13.826 3.534   1.00 52.01  ? 205 TRS A C   1 
HETATM 687 C C1  . TRS F 3 .   ? 3.248   -12.584 4.309   1.00 56.98  ? 205 TRS A C1  1 
HETATM 688 C C2  . TRS F 3 .   ? 4.720   -14.565 4.367   1.00 52.69  ? 205 TRS A C2  1 
HETATM 689 C C3  . TRS F 3 .   ? 2.534   -14.791 3.263   1.00 32.57  ? 205 TRS A C3  1 
HETATM 690 N N   . TRS F 3 .   ? 4.296   -13.393 2.232   1.00 57.07  ? 205 TRS A N   1 
HETATM 691 O O1  . TRS F 3 .   ? 3.506   -11.388 3.605   1.00 51.37  ? 205 TRS A O1  1 
HETATM 692 O O2  . TRS F 3 .   ? 4.113   -15.075 5.539   1.00 48.17  ? 205 TRS A O2  1 
HETATM 693 O O3  . TRS F 3 .   ? 2.955   -16.042 2.702   1.00 33.65  ? 205 TRS A O3  1 
HETATM 694 O O   . HOH G 4 .   ? 3.368   -4.377  13.260  1.00 44.53  ? 301 HOH A O   1 
HETATM 695 O O   . HOH G 4 .   ? -3.001  -11.208 -8.056  1.00 36.51  ? 302 HOH A O   1 
HETATM 696 O O   . HOH G 4 .   ? 23.182  -17.643 -16.570 1.00 33.73  ? 303 HOH A O   1 
HETATM 697 O O   . HOH G 4 .   ? 18.642  -9.028  -16.787 1.00 42.81  ? 304 HOH A O   1 
HETATM 698 O O   . HOH G 4 .   ? 21.127  -10.500 -18.002 1.00 37.31  ? 305 HOH A O   1 
HETATM 699 O O   . HOH G 4 .   ? 5.493   13.001  -1.916  1.00 49.72  ? 306 HOH A O   1 
HETATM 700 O O   . HOH G 4 .   ? 5.677   -4.465  3.890   1.00 39.27  ? 307 HOH A O   1 
HETATM 701 O O   . HOH G 4 .   ? 0.402   8.451   1.147   1.00 34.96  ? 308 HOH A O   1 
HETATM 702 O O   . HOH G 4 .   ? 3.787   6.555   -0.194  1.00 22.84  ? 309 HOH A O   1 
HETATM 703 O O   . HOH G 4 .   ? -7.974  -10.284 12.881  1.00 43.39  ? 310 HOH A O   1 
HETATM 704 O O   . HOH G 4 .   ? -6.271  -1.144  -4.808  1.00 28.88  ? 311 HOH A O   1 
HETATM 705 O O   . HOH G 4 .   ? 7.609   4.679   -10.931 1.00 30.71  ? 312 HOH A O   1 
HETATM 706 O O   . HOH G 4 .   ? -5.265  16.010  9.939   1.00 54.59  ? 313 HOH A O   1 
HETATM 707 O O   . HOH G 4 .   ? 1.096   -6.684  -1.306  1.00 35.75  ? 314 HOH A O   1 
HETATM 708 O O   . HOH G 4 .   ? -3.582  -6.787  11.914  1.00 41.11  ? 315 HOH A O   1 
HETATM 709 O O   . HOH G 4 .   ? 6.714   1.448   -13.408 1.00 26.98  ? 316 HOH A O   1 
HETATM 710 O O   . HOH G 4 .   ? -6.249  -8.053  -7.392  1.00 44.92  ? 317 HOH A O   1 
HETATM 711 O O   . HOH G 4 .   ? 8.827   -7.458  -16.943 1.00 23.37  ? 318 HOH A O   1 
HETATM 712 O O   . HOH G 4 .   ? 6.138   8.940   -0.311  1.00 30.56  ? 319 HOH A O   1 
HETATM 713 O O   . HOH G 4 .   ? -0.936  1.593   -0.556  1.00 24.60  ? 320 HOH A O   1 
HETATM 714 O O   . HOH G 4 .   ? 2.726   -4.940  2.010   1.00 26.96  ? 321 HOH A O   1 
HETATM 715 O O   . HOH G 4 .   ? -0.766  1.025   -3.027  1.00 37.73  ? 322 HOH A O   1 
HETATM 716 O O   . HOH G 4 .   ? -0.846  14.856  4.055   1.00 45.91  ? 323 HOH A O   1 
HETATM 717 O O   . HOH G 4 .   ? 5.065   -9.445  -6.625  1.00 47.82  ? 324 HOH A O   1 
HETATM 718 O O   . HOH G 4 .   ? 13.352  -7.835  -19.037 1.00 45.70  ? 325 HOH A O   1 
HETATM 719 O O   . HOH G 4 .   ? 6.600   -7.985  -19.763 1.00 46.28  ? 326 HOH A O   1 
HETATM 720 O O   . HOH G 4 .   ? -1.398  -4.795  12.088  1.00 39.23  ? 327 HOH A O   1 
HETATM 721 O O   . HOH G 4 .   ? 0.739   -5.964  9.453   1.00 42.39  ? 328 HOH A O   1 
HETATM 722 O O   . HOH G 4 .   ? 8.121   2.542   3.647   1.00 29.80  ? 329 HOH A O   1 
HETATM 723 O O   . HOH G 4 .   ? 8.851   -2.593  3.565   1.00 30.65  ? 330 HOH A O   1 
HETATM 724 O O   . HOH G 4 .   ? 10.692  7.886   1.825   1.00 47.59  ? 331 HOH A O   1 
HETATM 725 O O   . HOH G 4 .   ? -2.311  5.518   -0.045  1.00 38.44  ? 332 HOH A O   1 
HETATM 726 O O   . HOH G 4 .   ? -5.934  -1.758  18.091  1.00 45.62  ? 333 HOH A O   1 
HETATM 727 O O   . HOH G 4 .   ? 3.646   2.504   -19.287 1.00 42.41  ? 334 HOH A O   1 
HETATM 728 O O   . HOH G 4 .   ? -2.591  14.610  1.946   1.00 46.00  ? 335 HOH A O   1 
HETATM 729 O O   . HOH G 4 .   ? -3.217  7.274   1.476   1.00 48.85  ? 336 HOH A O   1 
HETATM 730 O O   . HOH G 4 .   ? -4.759  -11.460 0.623   1.00 37.32  ? 337 HOH A O   1 
HETATM 731 O O   . HOH G 4 .   ? 3.367   -8.712  -18.540 1.00 47.29  ? 338 HOH A O   1 
HETATM 732 O O   . HOH G 4 .   ? 10.252  3.019   -0.395  1.00 33.40  ? 339 HOH A O   1 
HETATM 733 O O   . HOH G 4 .   ? 4.130   -7.017  3.991   1.00 33.13  ? 340 HOH A O   1 
HETATM 734 O O   . HOH G 4 .   ? -2.300  12.760  10.670  1.00 40.99  ? 341 HOH A O   1 
HETATM 735 O O   . HOH G 4 .   ? -7.361  -8.696  -3.100  1.00 46.00  ? 342 HOH A O   1 
HETATM 736 O O   . HOH G 4 .   ? 12.582  -1.353  -14.357 1.00 37.64  ? 343 HOH A O   1 
HETATM 737 O O   . HOH G 4 .   ? 6.831   1.421   -17.968 1.00 53.67  ? 344 HOH A O   1 
HETATM 738 O O   . HOH G 4 .   ? 1.170   6.497   -1.033  1.00 25.51  ? 345 HOH A O   1 
HETATM 739 O O   . HOH G 4 .   ? -9.562  5.994   6.610   1.00 37.57  ? 346 HOH A O   1 
HETATM 740 O O   . HOH G 4 .   ? -11.470 18.374  6.595   1.00 33.64  ? 347 HOH A O   1 
HETATM 741 O O   . HOH G 4 .   ? 9.426   1.474   -13.182 1.00 37.04  ? 348 HOH A O   1 
HETATM 742 O O   . HOH G 4 .   ? 10.543  -8.689  -18.941 1.00 26.94  ? 349 HOH A O   1 
HETATM 743 O O   . HOH G 4 .   ? -4.031  9.596   2.012   1.00 48.66  ? 350 HOH A O   1 
HETATM 744 O O   . HOH G 4 .   ? 10.046  0.350   3.541   1.00 48.70  ? 351 HOH A O   1 
HETATM 745 O O   . HOH G 4 .   ? 2.858   -6.767  0.131   1.00 33.92  ? 352 HOH A O   1 
HETATM 746 O O   . HOH G 4 .   ? -3.458  2.816   -0.704  1.00 40.71  ? 353 HOH A O   1 
HETATM 747 O O   . HOH G 4 .   ? 5.326   -11.174 -4.514  1.00 49.45  ? 354 HOH A O   1 
HETATM 748 O O   . HOH G 4 .   ? -9.757  -8.673  16.182  1.00 47.37  ? 355 HOH A O   1 
HETATM 749 O O   . HOH G 4 .   ? -7.896  -8.117  -9.289  1.00 51.40  ? 356 HOH A O   1 
HETATM 750 O O   . HOH G 4 .   ? 2.130   -4.855  11.392  1.00 52.22  ? 357 HOH A O   1 
HETATM 751 O O   . HOH G 4 .   ? 4.656   -10.269 -16.687 1.00 43.52  ? 358 HOH A O   1 
HETATM 752 O O   . HOH G 4 .   ? 0.464   -8.047  10.978  1.00 50.02  ? 359 HOH A O   1 
HETATM 753 O O   . HOH G 4 .   ? -2.241  11.996  1.095   1.00 50.24  ? 360 HOH A O   1 
HETATM 754 O O   . HOH G 4 .   ? -6.663  -4.003  19.700  1.00 45.98  ? 361 HOH A O   1 
HETATM 755 O O   . HOH G 4 .   ? -13.765 20.591  6.379   1.00 36.64  ? 362 HOH A O   1 
HETATM 756 O O   . HOH G 4 .   ? -15.702 20.171  4.905   1.00 49.41  ? 363 HOH A O   1 
HETATM 757 O O   . HOH G 4 .   ? -8.407  -8.505  18.843  1.00 50.13  ? 364 HOH A O   1 
HETATM 758 O O   . HOH G 4 .   ? 12.225  -0.127  5.127   1.00 48.77  ? 365 HOH A O   1 
# 
loop_
_atom_site_anisotrop.id 
_atom_site_anisotrop.type_symbol 
_atom_site_anisotrop.pdbx_label_atom_id 
_atom_site_anisotrop.pdbx_label_alt_id 
_atom_site_anisotrop.pdbx_label_comp_id 
_atom_site_anisotrop.pdbx_label_asym_id 
_atom_site_anisotrop.pdbx_label_seq_id 
_atom_site_anisotrop.pdbx_PDB_ins_code 
_atom_site_anisotrop.U[1][1] 
_atom_site_anisotrop.U[2][2] 
_atom_site_anisotrop.U[3][3] 
_atom_site_anisotrop.U[1][2] 
_atom_site_anisotrop.U[1][3] 
_atom_site_anisotrop.U[2][3] 
_atom_site_anisotrop.pdbx_auth_seq_id 
_atom_site_anisotrop.pdbx_auth_comp_id 
_atom_site_anisotrop.pdbx_auth_asym_id 
_atom_site_anisotrop.pdbx_auth_atom_id 
1   N N   . ASP A 18  ? 0.7071 0.9650 0.6544 -0.0178 0.1156  -0.0913 18  ASP A N   
2   C CA  . ASP A 18  ? 0.6355 0.8915 0.7207 0.0528  0.1063  -0.1259 18  ASP A CA  
3   C C   . ASP A 18  ? 0.8777 0.9227 1.0346 0.0124  0.1043  -0.1744 18  ASP A C   
4   O O   . ASP A 18  ? 0.8771 0.6353 0.7088 0.1878  0.0849  -0.4130 18  ASP A O   
5   C CB  . ASP A 18  ? 0.7689 0.8472 0.7103 0.0330  0.0451  -0.1574 18  ASP A CB  
6   C CG  . ASP A 18  ? 0.9400 1.2438 0.9686 0.0098  0.1309  -0.2777 18  ASP A CG  
7   O OD1 . ASP A 18  ? 0.7875 1.2695 0.6871 0.1591  0.2003  -0.3870 18  ASP A OD1 
8   O OD2 . ASP A 18  ? 1.2893 1.1551 1.2642 0.0362  0.0120  -0.1869 18  ASP A OD2 
9   N N   . TYR A 19  ? 0.8946 0.8847 0.9221 0.0401  0.1109  0.0201  19  TYR A N   
10  C CA  . TYR A 19  ? 0.9266 0.9804 0.8221 -0.0504 0.0119  0.0896  19  TYR A CA  
11  C C   . TYR A 19  ? 0.8029 0.6671 0.6300 0.2552  0.1146  -0.0851 19  TYR A C   
12  O O   . TYR A 19  ? 0.8650 0.7100 0.6829 0.0310  -0.0127 -0.0579 19  TYR A O   
13  C CB  . TYR A 19  ? 0.8698 0.6809 0.6212 0.0102  -0.1168 0.0725  19  TYR A CB  
14  C CG  . TYR A 19  ? 0.6705 0.5470 0.8726 0.1287  0.0608  0.1495  19  TYR A CG  
15  C CD1 . TYR A 19  ? 1.1508 0.8471 0.9998 -0.0523 -0.2191 0.0234  19  TYR A CD1 
16  C CD2 . TYR A 19  ? 0.9325 0.7278 1.1401 0.0062  -0.0056 0.1278  19  TYR A CD2 
17  C CE1 . TYR A 19  ? 1.1543 0.8384 1.0364 0.0835  -0.0571 0.0641  19  TYR A CE1 
18  C CE2 . TYR A 19  ? 1.3660 1.0946 1.3103 -0.0212 -0.1593 0.0788  19  TYR A CE2 
19  C CZ  . TYR A 19  ? 0.8948 0.6490 0.9332 0.1733  0.0798  0.0663  19  TYR A CZ  
20  O OH  . TYR A 19  ? 0.8611 0.4878 0.7086 0.0096  -0.1879 -0.1007 19  TYR A OH  
21  N N   . THR A 20  ? 0.8965 0.7284 0.4767 0.2469  0.2232  -0.2765 20  THR A N   
22  C CA  . THR A 20  ? 0.8230 0.7676 0.5782 0.1779  0.0680  -0.2411 20  THR A CA  
23  C C   . THR A 20  ? 0.8553 0.6836 0.4829 0.2017  0.0905  -0.1507 20  THR A C   
24  O O   . THR A 20  ? 0.6396 0.4959 0.4845 0.2018  0.1372  -0.1505 20  THR A O   
25  C CB  . THR A 20  ? 0.9715 0.7886 0.5716 0.1447  0.2201  -0.2680 20  THR A CB  
26  O OG1 . THR A 20  ? 0.8170 0.4638 0.5223 0.0255  0.1505  -0.1331 20  THR A OG1 
27  C CG2 . THR A 20  ? 0.7431 0.5795 0.3207 0.0414  0.1634  -0.1278 20  THR A CG2 
28  N N   . ALA A 21  ? 0.5810 0.6435 0.3170 0.0806  0.0767  -0.0468 21  ALA A N   
29  C CA  . ALA A 21  ? 0.6770 0.6601 0.5550 0.1039  0.1730  -0.1166 21  ALA A CA  
30  C C   . ALA A 21  ? 0.6365 0.4078 0.2979 0.0747  0.1090  0.0064  21  ALA A C   
31  O O   . ALA A 21  ? 0.7550 0.4595 0.2986 0.0876  0.1066  -0.1077 21  ALA A O   
32  C CB  . ALA A 21  ? 0.5737 0.7321 0.5140 0.0506  0.2124  0.0248  21  ALA A CB  
33  N N   . TYR A 22  ? 0.3489 0.4153 0.3364 0.1049  -0.0134 0.0010  22  TYR A N   
34  C CA  . TYR A 22  ? 0.2852 0.3172 0.2274 0.0672  0.0121  -0.0403 22  TYR A CA  
35  C C   . TYR A 22  ? 0.2733 0.3017 0.1736 0.0611  0.0248  -0.0393 22  TYR A C   
36  O O   . TYR A 22  ? 0.2941 0.3210 0.2365 0.0539  0.0169  -0.0271 22  TYR A O   
37  C CB  . TYR A 22  ? 0.3048 0.3718 0.2608 0.0411  -0.0094 -0.0607 22  TYR A CB  
38  C CG  . TYR A 22  ? 0.3012 0.3528 0.1915 0.0893  0.0251  -0.0734 22  TYR A CG  
39  C CD1 . TYR A 22  ? 0.2977 0.3927 0.2715 0.0756  -0.0093 -0.0390 22  TYR A CD1 
40  C CD2 . TYR A 22  ? 0.3082 0.3812 0.2005 0.0784  0.0131  -0.0757 22  TYR A CD2 
41  C CE1 . TYR A 22  ? 0.4007 0.3511 0.2480 0.0962  0.0237  -0.0597 22  TYR A CE1 
42  C CE2 . TYR A 22  ? 0.2937 0.4317 0.2175 0.0943  0.0074  -0.0604 22  TYR A CE2 
43  C CZ  . TYR A 22  ? 0.3765 0.4110 0.2576 0.1447  -0.0071 -0.0471 22  TYR A CZ  
44  O OH  . TYR A 22  ? 0.4223 0.5067 0.3299 0.1615  -0.1210 -0.0448 22  TYR A OH  
45  N N   . ALA A 23  ? 0.2523 0.2452 0.1753 0.0562  0.0181  -0.0561 23  ALA A N   
46  C CA  . ALA A 23  ? 0.2745 0.2517 0.1591 0.0433  0.0092  -0.0494 23  ALA A CA  
47  C C   . ALA A 23  ? 0.2380 0.2466 0.1499 0.0435  0.0123  -0.0477 23  ALA A C   
48  O O   . ALA A 23  ? 0.2462 0.2418 0.1560 0.0345  -0.0057 -0.0416 23  ALA A O   
49  C CB  . ALA A 23  ? 0.3040 0.3002 0.1818 0.0205  -0.0109 -0.0555 23  ALA A CB  
50  N N   . PRO A 24  ? 0.2280 0.2371 0.1319 0.0378  -0.0005 -0.0469 24  PRO A N   
51  C CA  . PRO A 24  ? 0.2183 0.2444 0.1270 0.0298  0.0016  -0.0438 24  PRO A CA  
52  C C   . PRO A 24  ? 0.2170 0.2334 0.1538 0.0271  -0.0053 -0.0424 24  PRO A C   
53  O O   . PRO A 24  ? 0.2462 0.2676 0.1653 0.0243  -0.0222 -0.0465 24  PRO A O   
54  C CB  . PRO A 24  ? 0.2552 0.2609 0.1784 0.0309  -0.0002 -0.0389 24  PRO A CB  
55  C CG  . PRO A 24  ? 0.3551 0.3279 0.2089 0.0128  0.0247  -0.0501 24  PRO A CG  
56  C CD  . PRO A 24  ? 0.2435 0.2780 0.1640 0.0325  0.0244  -0.0340 24  PRO A CD  
57  N N   . LEU A 25  ? 0.2056 0.2138 0.1416 0.0276  -0.0124 -0.0518 25  LEU A N   
58  C CA  . LEU A 25  ? 0.1977 0.2102 0.1366 0.0213  -0.0228 -0.0440 25  LEU A CA  
59  C C   . LEU A 25  ? 0.1937 0.2053 0.1426 0.0150  -0.0203 -0.0401 25  LEU A C   
60  O O   . LEU A 25  ? 0.1915 0.2041 0.1486 0.0140  -0.0267 -0.0434 25  LEU A O   
61  C CB  . LEU A 25  ? 0.2306 0.2249 0.1495 0.0152  -0.0314 -0.0600 25  LEU A CB  
62  C CG  . LEU A 25  ? 0.2459 0.2341 0.1879 0.0098  -0.0133 -0.0677 25  LEU A CG  
63  C CD1 . LEU A 25  ? 0.2437 0.2267 0.2143 0.0130  -0.0319 -0.0751 25  LEU A CD1 
64  C CD2 . LEU A 25  ? 0.2699 0.2489 0.2048 0.0061  -0.0178 -0.0649 25  LEU A CD2 
65  N N   . THR A 26  ? 0.2031 0.2101 0.1431 0.0157  -0.0226 -0.0501 26  THR A N   
66  C CA  . THR A 26  ? 0.1948 0.1964 0.1380 0.0121  -0.0141 -0.0412 26  THR A CA  
67  C C   . THR A 26  ? 0.1954 0.2127 0.1518 0.0071  -0.0213 -0.0336 26  THR A C   
68  O O   . THR A 26  ? 0.2076 0.2290 0.1530 0.0163  -0.0329 -0.0421 26  THR A O   
69  C CB  . THR A 26  ? 0.2018 0.2015 0.1495 0.0064  -0.0131 -0.0352 26  THR A CB  
70  O OG1 . THR A 26  ? 0.2282 0.2367 0.1693 0.0042  -0.0047 -0.0374 26  THR A OG1 
71  C CG2 . THR A 26  ? 0.2368 0.2321 0.1905 0.0014  -0.0114 -0.0479 26  THR A CG2 
72  N N   . CYS A 27  ? 0.1924 0.1949 0.1481 0.0086  -0.0196 -0.0417 27  CYS A N   
73  C CA  . CYS A 27  ? 0.1992 0.1952 0.1630 0.0096  -0.0250 -0.0431 27  CYS A CA  
74  C C   . CYS A 27  ? 0.1992 0.1908 0.1454 0.0002  -0.0321 -0.0411 27  CYS A C   
75  O O   . CYS A 27  ? 0.1912 0.2081 0.1632 -0.0029 -0.0216 -0.0516 27  CYS A O   
76  C CB  . CYS A 27  ? 0.2219 0.2130 0.1676 0.0065  -0.0146 -0.0640 27  CYS A CB  
77  S SG  . CYS A 27  ? 0.2548 0.2335 0.1933 0.0047  -0.0278 -0.0571 27  CYS A SG  
78  N N   . TYR A 28  ? 0.1862 0.1828 0.1462 -0.0011 -0.0377 -0.0480 28  TYR A N   
79  C CA  . TYR A 28  ? 0.1868 0.1796 0.1438 0.0027  -0.0271 -0.0471 28  TYR A CA  
80  C C   . TYR A 28  ? 0.2026 0.1935 0.1529 -0.0041 -0.0243 -0.0506 28  TYR A C   
81  O O   . TYR A 28  ? 0.2019 0.2243 0.1555 -0.0002 -0.0331 -0.0506 28  TYR A O   
82  C CB  . TYR A 28  ? 0.2089 0.1992 0.1670 0.0061  -0.0348 -0.0387 28  TYR A CB  
83  C CG  . TYR A 28  ? 0.2168 0.1856 0.1492 0.0159  -0.0263 -0.0385 28  TYR A CG  
84  C CD1 . TYR A 28  ? 0.2159 0.2066 0.1462 0.0156  -0.0213 -0.0330 28  TYR A CD1 
85  C CD2 . TYR A 28  ? 0.2353 0.1957 0.1517 0.0064  -0.0183 -0.0280 28  TYR A CD2 
86  C CE1 . TYR A 28  ? 0.2602 0.2231 0.1537 0.0189  -0.0074 -0.0282 28  TYR A CE1 
87  C CE2 . TYR A 28  ? 0.2433 0.2125 0.1889 0.0044  -0.0078 -0.0150 28  TYR A CE2 
88  C CZ  . TYR A 28  ? 0.2426 0.2243 0.1758 0.0182  -0.0069 -0.0125 28  TYR A CZ  
89  O OH  . TYR A 28  ? 0.2880 0.2900 0.2055 0.0221  0.0123  0.0012  28  TYR A OH  
90  N N   . PHE A 29  ? 0.1945 0.1913 0.1405 -0.0092 -0.0266 -0.0463 29  PHE A N   
91  C CA  . PHE A 29  ? 0.1909 0.2004 0.1501 -0.0099 -0.0215 -0.0470 29  PHE A CA  
92  C C   . PHE A 29  ? 0.1986 0.1887 0.1493 -0.0135 -0.0224 -0.0451 29  PHE A C   
93  O O   . PHE A 29  ? 0.2215 0.1946 0.1575 -0.0092 -0.0144 -0.0521 29  PHE A O   
94  C CB  . PHE A 29  ? 0.1953 0.2068 0.1580 -0.0098 -0.0285 -0.0490 29  PHE A CB  
95  C CG  . PHE A 29  ? 0.1863 0.2006 0.1561 -0.0036 -0.0302 -0.0394 29  PHE A CG  
96  C CD1 . PHE A 29  ? 0.2110 0.2333 0.1724 -0.0086 -0.0184 -0.0480 29  PHE A CD1 
97  C CD2 . PHE A 29  ? 0.1999 0.2192 0.1609 -0.0102 -0.0321 -0.0497 29  PHE A CD2 
98  C CE1 . PHE A 29  ? 0.2234 0.2245 0.1942 -0.0105 -0.0291 -0.0422 29  PHE A CE1 
99  C CE2 . PHE A 29  ? 0.2081 0.2300 0.1914 0.0061  -0.0142 -0.0512 29  PHE A CE2 
100 C CZ  . PHE A 29  ? 0.2193 0.2250 0.2028 0.0011  -0.0297 -0.0459 29  PHE A CZ  
101 N N   . THR A 30  ? 0.2211 0.1934 0.1537 -0.0142 -0.0167 -0.0567 30  THR A N   
102 C CA  . THR A 30  ? 0.2288 0.1925 0.1673 -0.0243 -0.0093 -0.0632 30  THR A CA  
103 C C   . THR A 30  ? 0.2369 0.2226 0.1896 -0.0226 -0.0055 -0.0692 30  THR A C   
104 O O   . THR A 30  ? 0.2253 0.2384 0.1702 -0.0259 -0.0186 -0.0621 30  THR A O   
105 C CB  . THR A 30  ? 0.2367 0.2126 0.1728 -0.0116 -0.0233 -0.0640 30  THR A CB  
106 O OG1 . THR A 30  ? 0.2651 0.2409 0.2093 -0.0075 -0.0200 -0.0605 30  THR A OG1 
107 C CG2 . THR A 30  ? 0.2663 0.2217 0.1803 -0.0179 -0.0078 -0.0697 30  THR A CG2 
108 N N   . ASN A 31  ? 0.2440 0.2448 0.1717 -0.0456 -0.0133 -0.0657 31  ASN A N   
109 C CA  . ASN A 31  ? 0.2584 0.2856 0.1840 -0.0555 -0.0297 -0.0772 31  ASN A CA  
110 C C   . ASN A 31  ? 0.2454 0.2432 0.1853 -0.0621 -0.0222 -0.1002 31  ASN A C   
111 O O   . ASN A 31  ? 0.2723 0.2691 0.1805 -0.0514 -0.0107 -0.0978 31  ASN A O   
112 C CB  . ASN A 31  ? 0.2880 0.3013 0.2176 -0.0849 -0.0252 -0.0792 31  ASN A CB  
113 C CG  . ASN A 31  ? 0.3039 0.3264 0.2745 -0.0926 -0.0252 -0.0806 31  ASN A CG  
114 O OD1 . ASN A 31  ? 0.3660 0.3580 0.3184 -0.1166 -0.0285 -0.0885 31  ASN A OD1 
115 N ND2 . ASN A 31  ? 0.2403 0.3382 0.2054 -0.0738 -0.0048 -0.0862 31  ASN A ND2 
116 N N   . SER A 32  ? 0.2574 0.2837 0.1954 -0.0360 -0.0042 -0.0863 32  SER A N   
117 C CA  . SER A 32  ? 0.2683 0.3146 0.1921 -0.0425 -0.0105 -0.0847 32  SER A CA  
118 C C   . SER A 32  ? 0.2718 0.3343 0.1813 -0.0666 -0.0258 -0.1055 32  SER A C   
119 O O   . SER A 32  ? 0.2677 0.3696 0.1793 -0.0609 -0.0419 -0.0872 32  SER A O   
120 C CB  . SER A 32  ? 0.2571 0.2945 0.1605 -0.0396 -0.0330 -0.0900 32  SER A CB  
121 O OG  . SER A 32  ? 0.2422 0.2950 0.1646 -0.0444 -0.0382 -0.0835 32  SER A OG  
122 N N   . THR A 33  ? 0.2411 0.3324 0.1780 -0.0648 -0.0243 -0.1011 33  THR A N   
123 C CA  . THR A 33  ? 0.2840 0.4024 0.1819 -0.0599 -0.0521 -0.0929 33  THR A CA  
124 C C   . THR A 33  ? 0.2963 0.4086 0.1685 -0.0402 -0.0690 -0.1087 33  THR A C   
125 O O   . THR A 33  ? 0.3005 0.4569 0.2507 -0.0301 -0.0793 -0.0819 33  THR A O   
126 C CB  . THR A 33  ? 0.3089 0.4129 0.1965 -0.0792 -0.0281 -0.1060 33  THR A CB  
127 O OG1 . THR A 33  ? 0.3062 0.4172 0.1776 -0.0565 -0.0240 -0.0970 33  THR A OG1 
128 C CG2 . THR A 33  ? 0.3285 0.4205 0.2682 -0.1088 -0.0564 -0.1256 33  THR A CG2 
129 N N   . LEU A 34  ? 0.2648 0.3591 0.1784 -0.0413 -0.0450 -0.0874 34  LEU A N   
130 C CA  . LEU A 34  ? 0.2736 0.3831 0.1915 -0.0053 -0.0510 -0.0431 34  LEU A CA  
131 C C   . LEU A 34  ? 0.2863 0.4295 0.2306 -0.0317 -0.0617 -0.0742 34  LEU A C   
132 O O   . LEU A 34  ? 0.3407 0.4112 0.2869 -0.0089 -0.0199 -0.0584 34  LEU A O   
133 C CB  . LEU A 34  ? 0.2790 0.3785 0.1726 -0.0148 -0.0549 -0.0331 34  LEU A CB  
134 C CG  . LEU A 34  ? 0.2811 0.4036 0.1972 -0.0172 -0.0591 -0.0608 34  LEU A CG  
135 C CD1 . LEU A 34  ? 0.3077 0.4090 0.1744 -0.0148 -0.0247 -0.0441 34  LEU A CD1 
136 C CD2 . LEU A 34  ? 0.3419 0.5066 0.2419 0.0175  -0.0637 -0.0350 34  LEU A CD2 
137 N N   . GLY A 35  ? 0.2561 0.3704 0.1940 -0.0259 -0.0450 -0.0830 35  GLY A N   
138 C CA  . GLY A 35  ? 0.2454 0.3579 0.1658 -0.0086 -0.0522 -0.0599 35  GLY A CA  
139 C C   . GLY A 35  ? 0.2094 0.2913 0.1717 -0.0262 -0.0418 -0.0654 35  GLY A C   
140 O O   . GLY A 35  ? 0.2359 0.3015 0.1685 -0.0176 -0.0308 -0.0694 35  GLY A O   
141 N N   . LEU A 36  ? 0.2161 0.2988 0.1681 -0.0111 -0.0339 -0.0494 36  LEU A N   
142 C CA  . LEU A 36  ? 0.1980 0.2518 0.1611 -0.0188 -0.0428 -0.0582 36  LEU A CA  
143 C C   . LEU A 36  ? 0.2069 0.2537 0.1724 -0.0105 -0.0220 -0.0452 36  LEU A C   
144 O O   . LEU A 36  ? 0.2296 0.2731 0.2225 -0.0141 -0.0351 -0.0455 36  LEU A O   
145 C CB  . LEU A 36  ? 0.2167 0.2687 0.1701 -0.0152 -0.0381 -0.0602 36  LEU A CB  
146 C CG  . LEU A 36  ? 0.2113 0.2829 0.1559 -0.0212 -0.0316 -0.0612 36  LEU A CG  
147 C CD1 . LEU A 36  ? 0.2593 0.3379 0.2051 0.0027  -0.0036 -0.0655 36  LEU A CD1 
148 C CD2 . LEU A 36  ? 0.2313 0.3118 0.2398 -0.0445 -0.0220 -0.0452 36  LEU A CD2 
149 N N   . LEU A 37  ? 0.2011 0.2220 0.1484 -0.0088 -0.0259 -0.0513 37  LEU A N   
150 C CA  . LEU A 37  ? 0.2126 0.2279 0.1617 -0.0037 -0.0179 -0.0432 37  LEU A CA  
151 C C   . LEU A 37  ? 0.1959 0.2132 0.1679 -0.0070 -0.0152 -0.0497 37  LEU A C   
152 O O   . LEU A 37  ? 0.1912 0.2054 0.1664 -0.0166 -0.0259 -0.0547 37  LEU A O   
153 C CB  . LEU A 37  ? 0.2093 0.2282 0.1703 -0.0166 -0.0160 -0.0549 37  LEU A CB  
154 C CG  . LEU A 37  ? 0.2059 0.2273 0.1653 -0.0258 -0.0187 -0.0588 37  LEU A CG  
155 C CD1 . LEU A 37  ? 0.2375 0.2772 0.1998 -0.0237 -0.0023 -0.0736 37  LEU A CD1 
156 C CD2 . LEU A 37  ? 0.2318 0.2652 0.1367 -0.0092 -0.0331 -0.0612 37  LEU A CD2 
157 N N   . ALA A 38  ? 0.1975 0.2166 0.1601 -0.0100 -0.0214 -0.0494 38  ALA A N   
158 C CA  . ALA A 38  ? 0.2051 0.2171 0.1757 -0.0123 -0.0267 -0.0362 38  ALA A CA  
159 C C   . ALA A 38  ? 0.2146 0.2364 0.1930 -0.0062 -0.0214 -0.0415 38  ALA A C   
160 O O   . ALA A 38  ? 0.2002 0.2333 0.1801 -0.0097 -0.0146 -0.0477 38  ALA A O   
161 C CB  . ALA A 38  ? 0.2255 0.2216 0.1709 -0.0134 -0.0185 -0.0656 38  ALA A CB  
162 N N   . PRO A 39  ? 0.2185 0.2470 0.1860 -0.0085 -0.0227 -0.0516 39  PRO A N   
163 C CA  . PRO A 39  ? 0.2176 0.2593 0.2199 -0.0083 -0.0422 -0.0411 39  PRO A CA  
164 C C   . PRO A 39  ? 0.2048 0.2512 0.1693 0.0000  -0.0438 -0.0468 39  PRO A C   
165 O O   . PRO A 39  ? 0.1987 0.2502 0.2024 -0.0094 -0.0371 -0.0465 39  PRO A O   
166 C CB  . PRO A 39  ? 0.2740 0.3418 0.3065 0.0058  -0.0823 -0.0116 39  PRO A CB  
167 C CG  . PRO A 39  ? 0.4139 0.4732 0.2964 0.0478  -0.0864 -0.0734 39  PRO A CG  
168 C CD  . PRO A 39  ? 0.2968 0.3273 0.2158 -0.0139 -0.0265 -0.0590 39  PRO A CD  
169 N N   . PRO A 40  ? 0.2216 0.2752 0.2044 -0.0023 -0.0426 -0.0541 40  PRO A N   
170 C CA  . PRO A 40  ? 0.2118 0.2897 0.1988 0.0026  -0.0332 -0.0444 40  PRO A CA  
171 C C   . PRO A 40  ? 0.2125 0.3075 0.2245 -0.0001 -0.0231 -0.0492 40  PRO A C   
172 O O   . PRO A 40  ? 0.2279 0.3364 0.2476 -0.0228 -0.0337 -0.0423 40  PRO A O   
173 C CB  . PRO A 40  ? 0.2322 0.3322 0.2375 0.0141  -0.0279 -0.0490 40  PRO A CB  
174 C CG  . PRO A 40  ? 0.3637 0.3662 0.3162 0.0239  -0.0099 -0.0514 40  PRO A CG  
175 C CD  . PRO A 40  ? 0.2500 0.2916 0.2451 0.0261  -0.0466 -0.0524 40  PRO A CD  
176 N N   . ASN A 41  ? 0.2076 0.2912 0.2153 -0.0058 -0.0277 -0.0560 41  ASN A N   
177 C CA  . ASN A 41  ? 0.1810 0.2898 0.2104 -0.0303 -0.0387 -0.0575 41  ASN A CA  
178 C C   . ASN A 41  ? 0.2070 0.2834 0.2205 -0.0354 -0.0386 -0.0523 41  ASN A C   
179 O O   . ASN A 41  ? 0.2271 0.3111 0.2391 -0.0411 -0.0336 -0.0745 41  ASN A O   
180 C CB  . ASN A 41  ? 0.2520 0.3556 0.2526 -0.0018 -0.0667 -0.0824 41  ASN A CB  
181 C CG  . ASN A 41  ? 0.3433 0.4560 0.3238 -0.0051 -0.0288 -0.0626 41  ASN A CG  
182 O OD1 . ASN A 41  ? 0.3603 0.4937 0.2931 -0.0358 -0.0638 -0.0005 41  ASN A OD1 
183 N ND2 . ASN A 41  ? 0.5446 0.7115 0.5477 -0.1437 -0.3125 -0.0367 41  ASN A ND2 
184 N N   . CYS A 42  ? 0.2003 0.2608 0.2053 -0.0257 -0.0267 -0.0598 42  CYS A N   
185 C CA  . CYS A 42  ? 0.2091 0.2751 0.2140 -0.0363 -0.0318 -0.0507 42  CYS A CA  
186 C C   . CYS A 42  ? 0.2452 0.2714 0.2105 -0.0201 -0.0377 -0.0629 42  CYS A C   
187 O O   . CYS A 42  ? 0.2623 0.2978 0.2315 -0.0208 -0.0221 -0.0613 42  CYS A O   
188 C CB  . CYS A 42  ? 0.2217 0.2651 0.2345 -0.0237 -0.0265 -0.0541 42  CYS A CB  
189 S SG  . CYS A 42  ? 0.3125 0.3102 0.2552 -0.0139 0.0036  -0.0453 42  CYS A SG  
190 N N   . SER A 43  ? 0.2379 0.2836 0.2183 -0.0143 -0.0051 -0.0638 43  SER A N   
191 C CA  . SER A 43  ? 0.2956 0.3199 0.2329 -0.0498 -0.0218 -0.0874 43  SER A CA  
192 C C   . SER A 43  ? 0.2780 0.3126 0.2808 -0.0354 0.0129  -0.0618 43  SER A C   
193 O O   . SER A 43  ? 0.3169 0.3391 0.3270 0.0029  0.0397  -0.0608 43  SER A O   
194 C CB  . SER A 43  ? 0.3502 0.4110 0.2426 -0.0500 -0.0524 -0.1212 43  SER A CB  
195 O OG  . SER A 43  ? 0.4417 0.5151 0.2657 -0.0532 -0.0372 -0.0798 43  SER A OG  
196 N N   . VAL A 44  ? 0.2432 0.2510 0.2058 -0.0121 -0.0371 -0.0721 44  VAL A N   
197 C CA  . VAL A 44  ? 0.2327 0.2766 0.1871 -0.0118 -0.0400 -0.0582 44  VAL A CA  
198 C C   . VAL A 44  ? 0.2269 0.2475 0.1719 0.0011  -0.0385 -0.0591 44  VAL A C   
199 O O   . VAL A 44  ? 0.2627 0.2746 0.2010 -0.0123 -0.0466 -0.0793 44  VAL A O   
200 C CB  . VAL A 44  ? 0.2745 0.3354 0.1728 -0.0032 -0.0496 -0.0671 44  VAL A CB  
201 C CG1 . VAL A 44  ? 0.3076 0.2960 0.2234 -0.0021 -0.0300 -0.0591 44  VAL A CG1 
202 C CG2 . VAL A 44  ? 0.3042 0.4002 0.2180 -0.0234 -0.0472 -0.0466 44  VAL A CG2 
203 N N   . LEU A 45  ? 0.2061 0.2388 0.1615 0.0081  -0.0469 -0.0602 45  LEU A N   
204 C CA  . LEU A 45  ? 0.2100 0.2331 0.1658 0.0094  -0.0453 -0.0585 45  LEU A CA  
205 C C   . LEU A 45  ? 0.2067 0.2358 0.1379 0.0198  -0.0491 -0.0448 45  LEU A C   
206 O O   . LEU A 45  ? 0.2031 0.2236 0.1582 0.0114  -0.0375 -0.0507 45  LEU A O   
207 C CB  . LEU A 45  ? 0.2029 0.2382 0.1923 0.0185  -0.0516 -0.0432 45  LEU A CB  
208 C CG  . LEU A 45  ? 0.2205 0.2469 0.2117 0.0351  -0.0404 -0.0385 45  LEU A CG  
209 C CD1 . LEU A 45  ? 0.2423 0.2977 0.1918 0.0384  -0.0517 -0.0347 45  LEU A CD1 
210 C CD2 . LEU A 45  ? 0.2813 0.2782 0.2714 0.0510  -0.0358 -0.0286 45  LEU A CD2 
211 N N   . CYS A 46  ? 0.2043 0.2269 0.1506 0.0123  -0.0385 -0.0558 46  CYS A N   
212 C CA  . CYS A 46  ? 0.2182 0.2280 0.1492 0.0104  -0.0396 -0.0625 46  CYS A CA  
213 C C   . CYS A 46  ? 0.2197 0.2232 0.1496 0.0226  -0.0432 -0.0543 46  CYS A C   
214 O O   . CYS A 46  ? 0.2475 0.2756 0.1566 0.0213  -0.0546 -0.0506 46  CYS A O   
215 C CB  . CYS A 46  ? 0.2478 0.2663 0.1863 0.0197  -0.0409 -0.0468 46  CYS A CB  
216 S SG  . CYS A 46  ? 0.2609 0.2582 0.2069 0.0065  -0.0297 -0.0522 46  CYS A SG  
217 N N   . ASN A 47  ? 0.2325 0.2368 0.1477 0.0286  -0.0287 -0.0428 47  ASN A N   
218 C CA  . ASN A 47  ? 0.2316 0.2483 0.1527 0.0210  -0.0403 -0.0434 47  ASN A CA  
219 C C   . ASN A 47  ? 0.2304 0.2365 0.1270 0.0190  -0.0238 -0.0520 47  ASN A C   
220 O O   . ASN A 47  ? 0.2463 0.2441 0.1496 0.0313  -0.0249 -0.0557 47  ASN A O   
221 C CB  . ASN A 47  ? 0.3025 0.2512 0.2325 0.0417  -0.0290 -0.0230 47  ASN A CB  
222 C CG  . ASN A 47  ? 0.3580 0.3155 0.2747 0.0572  -0.0111 -0.0542 47  ASN A CG  
223 O OD1 . ASN A 47  ? 0.4876 0.4791 0.1939 0.0625  -0.0349 -0.0542 47  ASN A OD1 
224 N ND2 . ASN A 47  ? 0.3220 0.3392 0.2136 0.0179  -0.0140 -0.0578 47  ASN A ND2 
225 N N   . SER A 48  ? 0.2808 0.2656 0.1524 0.0340  -0.0238 -0.0603 48  SER A N   
226 C CA  . SER A 48  ? 0.3085 0.2919 0.1636 0.0381  -0.0223 -0.0610 48  SER A CA  
227 C C   . SER A 48  ? 0.4017 0.4023 0.3519 0.0912  0.0246  -0.0054 48  SER A C   
228 O O   . SER A 48  ? 0.4732 0.3900 0.2766 0.0054  -0.0263 -0.0240 48  SER A O   
229 C CB  . SER A 48  ? 0.3633 0.3652 0.2711 -0.0061 -0.0705 -0.0768 48  SER A CB  
230 O OG  . SER A 48  ? 0.3859 0.4185 0.2296 0.0427  -0.0260 -0.0842 48  SER A OG  
231 N N   . THR A 49  ? 0.4226 0.3659 0.2015 0.0283  0.0223  -0.0264 49  THR A N   
232 C CA  . THR A 49  ? 0.4410 0.4269 0.2530 0.0271  0.0498  -0.0307 49  THR A CA  
233 C C   . THR A 49  ? 0.4794 0.5939 0.3723 0.0869  0.0226  0.0451  49  THR A C   
234 O O   . THR A 49  ? 0.5758 0.6072 0.3811 0.0450  0.0245  0.0623  49  THR A O   
235 C CB  . THR A 49  ? 0.4769 0.4997 0.2989 0.0795  0.0280  -0.0250 49  THR A CB  
236 O OG1 . THR A 49  ? 0.5194 0.5196 0.2571 0.0426  0.0029  -0.0442 49  THR A OG1 
237 C CG2 . THR A 49  ? 0.3939 0.4333 0.2745 0.0549  0.0492  -0.0389 49  THR A CG2 
238 N N   . THR A 50  ? 0.6379 0.8571 0.3389 -0.0605 -0.0686 0.1072  50  THR A N   
239 C CA  . THR A 50  ? 0.6007 0.6975 0.2778 0.0763  -0.0510 0.0837  50  THR A CA  
240 C C   . THR A 50  ? 0.6467 0.7391 0.2163 0.1070  0.0098  -0.1083 50  THR A C   
241 O O   . THR A 50  ? 0.6454 0.7616 0.4961 0.2293  -0.0798 0.0189  50  THR A O   
242 C CB  . THR A 50  ? 0.7508 0.8487 0.5171 0.0874  -0.0361 -0.0800 50  THR A CB  
243 O OG1 . THR A 50  ? 0.7816 0.6807 0.3220 0.1222  0.0303  -0.3228 50  THR A OG1 
244 C CG2 . THR A 50  ? 0.6940 0.8955 0.5441 0.0673  -0.0849 0.0734  50  THR A CG2 
245 N N   . THR A 51  ? 0.4148 0.4797 0.1687 0.0206  -0.0366 -0.0609 51  THR A N   
246 C CA  . THR A 51  ? 0.3678 0.3783 0.1869 0.0275  -0.0692 -0.0821 51  THR A CA  
247 C C   . THR A 51  ? 0.3087 0.3790 0.1658 0.0265  -0.0529 -0.0437 51  THR A C   
248 O O   . THR A 51  ? 0.2961 0.3459 0.1752 0.0300  -0.0583 -0.0565 51  THR A O   
249 C CB  . THR A 51  ? 0.4287 0.3884 0.3158 0.0092  -0.0530 -0.1371 51  THR A CB  
250 O OG1 . THR A 51  ? 0.4864 0.5210 0.3935 0.0259  -0.0182 -0.1414 51  THR A OG1 
251 C CG2 . THR A 51  ? 0.4755 0.4212 0.3803 -0.0202 -0.0584 -0.2034 51  THR A CG2 
252 N N   . TRP A 52  ? 0.3113 0.3379 0.1613 0.0439  -0.0603 -0.0513 52  TRP A N   
253 C CA  . TRP A 52  ? 0.2623 0.3149 0.1507 0.0476  -0.0608 -0.0507 52  TRP A CA  
254 C C   . TRP A 52  ? 0.3168 0.3559 0.1908 0.0184  -0.0586 -0.0789 52  TRP A C   
255 O O   . TRP A 52  ? 0.3433 0.4174 0.2271 0.0131  -0.1218 -0.0573 52  TRP A O   
256 C CB  . TRP A 52  ? 0.2762 0.3495 0.1976 0.0709  -0.0560 -0.0382 52  TRP A CB  
257 C CG  . TRP A 52  ? 0.2598 0.2942 0.1643 0.0687  -0.0482 -0.0217 52  TRP A CG  
258 C CD1 . TRP A 52  ? 0.3023 0.3352 0.1838 0.0768  -0.0457 -0.0248 52  TRP A CD1 
259 C CD2 . TRP A 52  ? 0.2661 0.2635 0.1529 0.0549  -0.0292 -0.0224 52  TRP A CD2 
260 N NE1 . TRP A 52  ? 0.3121 0.3145 0.1780 0.0737  -0.0155 -0.0081 52  TRP A NE1 
261 C CE2 . TRP A 52  ? 0.2921 0.2910 0.1742 0.0612  -0.0076 -0.0137 52  TRP A CE2 
262 C CE3 . TRP A 52  ? 0.2598 0.2779 0.1667 0.0464  -0.0312 -0.0205 52  TRP A CE3 
263 C CZ2 . TRP A 52  ? 0.3058 0.2748 0.2203 0.0463  -0.0099 0.0046  52  TRP A CZ2 
264 C CZ3 . TRP A 52  ? 0.2785 0.2597 0.1616 0.0431  -0.0191 -0.0254 52  TRP A CZ3 
265 C CH2 . TRP A 52  ? 0.2754 0.2570 0.2106 0.0437  -0.0203 -0.0138 52  TRP A CH2 
266 N N   . PHE A 53  ? 0.2512 0.3279 0.1705 0.0129  -0.0753 -0.0708 53  PHE A N   
267 C CA  . PHE A 53  ? 0.2496 0.3276 0.1801 0.0183  -0.0594 -0.0722 53  PHE A CA  
268 C C   . PHE A 53  ? 0.2411 0.3081 0.1912 -0.0033 -0.0712 -0.0770 53  PHE A C   
269 O O   . PHE A 53  ? 0.2578 0.3218 0.1876 -0.0195 -0.0860 -0.0737 53  PHE A O   
270 C CB  . PHE A 53  ? 0.2725 0.3256 0.1908 0.0049  -0.0641 -0.0888 53  PHE A CB  
271 C CG  . PHE A 53  ? 0.2890 0.2971 0.2198 -0.0034 -0.0517 -0.1020 53  PHE A CG  
272 C CD1 . PHE A 53  ? 0.3639 0.3375 0.3076 0.0021  -0.0283 -0.0702 53  PHE A CD1 
273 C CD2 . PHE A 53  ? 0.2924 0.3258 0.2321 -0.0146 -0.0443 -0.0805 53  PHE A CD2 
274 C CE1 . PHE A 53  ? 0.3591 0.3947 0.3135 -0.0411 -0.0247 -0.0842 53  PHE A CE1 
275 C CE2 . PHE A 53  ? 0.3547 0.3877 0.3034 0.0095  -0.0557 -0.0486 53  PHE A CE2 
276 C CZ  . PHE A 53  ? 0.2777 0.3546 0.3075 0.0061  -0.0752 -0.0767 53  PHE A CZ  
277 N N   . ASN A 54  ? 0.2572 0.3400 0.2215 -0.0161 -0.0651 -0.0908 54  ASN A N   
278 C CA  . ASN A 54  ? 0.2339 0.2950 0.2113 -0.0257 -0.0619 -0.0763 54  ASN A CA  
279 C C   . ASN A 54  ? 0.2426 0.3002 0.2274 -0.0262 -0.0590 -0.0801 54  ASN A C   
280 O O   . ASN A 54  ? 0.3038 0.3238 0.2504 -0.0386 -0.0590 -0.0925 54  ASN A O   
281 C CB  . ASN A 54  ? 0.3188 0.3996 0.2842 -0.0252 -0.0582 -0.1313 54  ASN A CB  
282 C CG  . ASN A 54  ? 0.4708 0.5561 0.4846 0.0699  -0.1186 -0.0643 54  ASN A CG  
283 O OD1 . ASN A 54  ? 0.5088 0.5947 0.6220 0.0681  -0.1882 -0.1298 54  ASN A OD1 
284 N ND2 . ASN A 54  ? 0.3543 0.4273 0.3587 0.0068  -0.0581 -0.0941 54  ASN A ND2 
285 N N   . GLU A 55  ? 0.2650 0.2817 0.1983 -0.0234 -0.0446 -0.0717 55  GLU A N   
286 C CA  . GLU A 55  ? 0.2874 0.2818 0.2187 -0.0189 -0.0423 -0.0829 55  GLU A CA  
287 C C   . GLU A 55  ? 0.2918 0.2780 0.2140 -0.0310 -0.0432 -0.0835 55  GLU A C   
288 O O   . GLU A 55  ? 0.2796 0.2668 0.2213 -0.0258 -0.0234 -0.0811 55  GLU A O   
289 C CB  . GLU A 55  ? 0.3028 0.3179 0.2834 -0.0081 0.0037  -0.0562 55  GLU A CB  
290 C CG  . GLU A 55  ? 0.3807 0.3935 0.2651 0.0049  -0.0283 -0.0761 55  GLU A CG  
291 C CD  . GLU A 55  ? 0.4176 0.5220 0.5163 0.0654  0.0488  -0.0325 55  GLU A CD  
292 O OE1 . GLU A 55  ? 0.8356 0.8242 0.6525 0.2369  -0.0882 0.0169  55  GLU A OE1 
293 O OE2 . GLU A 55  ? 0.6123 0.5650 0.5429 0.0410  -0.0533 -0.1803 55  GLU A OE2 
294 N N   . THR A 56  ? 0.2722 0.2860 0.2345 -0.0449 -0.0345 -0.0806 56  THR A N   
295 C CA  . THR A 56  ? 0.2690 0.2885 0.2583 -0.0463 -0.0190 -0.0861 56  THR A CA  
296 C C   . THR A 56  ? 0.2880 0.2855 0.2595 -0.0331 -0.0244 -0.0828 56  THR A C   
297 O O   . THR A 56  ? 0.3304 0.2925 0.2591 -0.0238 -0.0209 -0.0853 56  THR A O   
298 C CB  . THR A 56  ? 0.3327 0.3813 0.3741 -0.1009 -0.0109 -0.0543 56  THR A CB  
299 O OG1 . THR A 56  ? 0.3935 0.4345 0.4098 -0.1099 -0.0571 -0.0673 56  THR A OG1 
300 C CG2 . THR A 56  ? 0.4713 0.4103 0.4499 -0.1136 0.0331  -0.0465 56  THR A CG2 
301 N N   . SER A 57  ? 0.2803 0.2495 0.2421 -0.0212 -0.0052 -0.0642 57  SER A N   
302 C CA  . SER A 57  ? 0.2413 0.2396 0.2256 -0.0127 0.0007  -0.0627 57  SER A CA  
303 C C   . SER A 57  ? 0.2642 0.2288 0.2221 -0.0113 -0.0003 -0.0588 57  SER A C   
304 O O   . SER A 57  ? 0.3079 0.2639 0.2637 -0.0367 -0.0037 -0.0387 57  SER A O   
305 C CB  . SER A 57  ? 0.3100 0.2796 0.2195 0.0020  -0.0063 -0.0762 57  SER A CB  
306 O OG  . SER A 57  ? 0.3551 0.3088 0.2854 -0.0250 -0.0457 -0.0838 57  SER A OG  
307 N N   . PRO A 58  ? 0.2810 0.2245 0.2220 -0.0061 0.0016  -0.0502 58  PRO A N   
308 C CA  . PRO A 58  ? 0.3040 0.2318 0.2329 -0.0072 0.0187  -0.0464 58  PRO A CA  
309 C C   . PRO A 58  ? 0.3256 0.2438 0.2469 -0.0111 0.0160  -0.0402 58  PRO A C   
310 O O   . PRO A 58  ? 0.3118 0.2313 0.2609 -0.0062 0.0216  -0.0396 58  PRO A O   
311 C CB  . PRO A 58  ? 0.3860 0.3301 0.3025 0.0398  0.0069  -0.0553 58  PRO A CB  
312 C CG  . PRO A 58  ? 0.3562 0.3569 0.3816 0.0384  -0.0112 -0.0281 58  PRO A CG  
313 C CD  . PRO A 58  ? 0.3191 0.2765 0.2422 -0.0078 0.0105  -0.0356 58  PRO A CD  
314 N N   . ASN A 59  ? 0.3558 0.2360 0.2808 -0.0163 0.0246  -0.0461 59  ASN A N   
315 C CA  . ASN A 59  ? 0.3404 0.2313 0.2875 -0.0057 0.0351  -0.0146 59  ASN A CA  
316 C C   . ASN A 59  ? 0.3614 0.2359 0.2781 0.0101  0.0284  -0.0223 59  ASN A C   
317 O O   . ASN A 59  ? 0.3578 0.2583 0.2447 0.0169  0.0324  -0.0235 59  ASN A O   
318 C CB  . ASN A 59  ? 0.4219 0.2708 0.3295 -0.0329 0.0480  -0.0198 59  ASN A CB  
319 C CG  . ASN A 59  ? 0.4842 0.4073 0.5291 -0.0897 0.0241  -0.0164 59  ASN A CG  
320 O OD1 . ASN A 59  ? 0.4535 0.4485 0.4975 -0.0902 0.0194  -0.0163 59  ASN A OD1 
321 N ND2 . ASN A 59  ? 0.6139 0.4225 0.6382 -0.1206 0.0307  -0.0402 59  ASN A ND2 
322 N N   . ASN A 60  ? 0.3168 0.2348 0.2549 0.0020  0.0285  -0.0161 60  ASN A N   
323 C CA  . ASN A 60  ? 0.3287 0.2365 0.2239 0.0261  0.0332  -0.0255 60  ASN A CA  
324 C C   . ASN A 60  ? 0.2938 0.2696 0.2355 0.0301  0.0130  -0.0020 60  ASN A C   
325 O O   . ASN A 60  ? 0.3404 0.3193 0.2687 0.0210  -0.0013 -0.0116 60  ASN A O   
326 C CB  . ASN A 60  ? 0.3975 0.2870 0.2746 0.0420  0.0115  -0.0188 60  ASN A CB  
327 C CG  . ASN A 60  ? 0.6285 0.5931 0.4205 -0.0131 0.0400  0.1167  60  ASN A CG  
328 O OD1 . ASN A 60  ? 0.7214 0.5526 0.6042 0.1181  0.0308  0.2011  60  ASN A OD1 
329 N ND2 . ASN A 60  ? 1.1681 0.6661 1.0067 -0.0196 -0.1276 0.1231  60  ASN A ND2 
330 N N   . ALA A 61  ? 0.2770 0.2281 0.2189 0.0130  0.0147  -0.0217 61  ALA A N   
331 C CA  . ALA A 61  ? 0.2612 0.2443 0.2212 0.0177  0.0106  -0.0257 61  ALA A CA  
332 C C   . ALA A 61  ? 0.2422 0.2389 0.1901 0.0014  -0.0155 -0.0412 61  ALA A C   
333 O O   . ALA A 61  ? 0.2496 0.2556 0.2044 -0.0029 0.0042  -0.0431 61  ALA A O   
334 C CB  . ALA A 61  ? 0.2923 0.2670 0.2504 0.0057  0.0139  -0.0348 61  ALA A CB  
335 N N   . SER A 62  ? 0.2319 0.2505 0.2020 0.0113  -0.0162 -0.0380 62  SER A N   
336 C CA  . SER A 62  ? 0.2227 0.2468 0.1900 0.0089  -0.0012 -0.0384 62  SER A CA  
337 C C   . SER A 62  ? 0.2233 0.2380 0.1851 -0.0097 -0.0138 -0.0429 62  SER A C   
338 O O   . SER A 62  ? 0.2287 0.2371 0.1849 -0.0043 -0.0135 -0.0344 62  SER A O   
339 C CB  . SER A 62  ? 0.2534 0.3147 0.2281 0.0084  -0.0193 -0.0325 62  SER A CB  
340 O OG  . SER A 62  ? 0.3125 0.3501 0.2467 0.0126  -0.0461 -0.0297 62  SER A OG  
341 N N   . CYS A 63  ? 0.2145 0.2432 0.1771 0.0030  -0.0095 -0.0399 63  CYS A N   
342 C CA  . CYS A 63  ? 0.2046 0.2189 0.1548 -0.0095 -0.0155 -0.0515 63  CYS A CA  
343 C C   . CYS A 63  ? 0.2135 0.2273 0.1825 -0.0003 -0.0093 -0.0500 63  CYS A C   
344 O O   . CYS A 63  ? 0.2410 0.2571 0.1798 0.0073  -0.0046 -0.0404 63  CYS A O   
345 C CB  . CYS A 63  ? 0.2069 0.2380 0.1622 -0.0123 -0.0088 -0.0540 63  CYS A CB  
346 S SG  . CYS A 63  ? 0.2352 0.2549 0.1915 -0.0098 -0.0029 -0.0371 63  CYS A SG  
347 N N   . LEU A 64  ? 0.2162 0.2284 0.1563 0.0016  -0.0147 -0.0590 64  LEU A N   
348 C CA  . LEU A 64  ? 0.2653 0.2360 0.1735 0.0121  -0.0124 -0.0679 64  LEU A CA  
349 C C   . LEU A 64  ? 0.2782 0.2812 0.2101 -0.0033 -0.0104 -0.0810 64  LEU A C   
350 O O   . LEU A 64  ? 0.2564 0.3405 0.2264 0.0124  -0.0256 -0.0800 64  LEU A O   
351 C CB  . LEU A 64  ? 0.3127 0.2973 0.2154 0.0290  -0.0229 -0.0306 64  LEU A CB  
352 C CG  . LEU A 64  ? 0.4938 0.4157 0.2694 0.0163  -0.0572 -0.0804 64  LEU A CG  
353 C CD1 . LEU A 64  ? 0.3537 0.3057 0.2746 -0.0411 -0.0202 -0.0880 64  LEU A CD1 
354 C CD2 . LEU A 64  ? 0.4679 0.3847 0.2903 -0.0314 -0.0677 -0.0676 64  LEU A CD2 
355 N N   . LEU A 65  ? 0.2470 0.2721 0.1833 0.0135  -0.0084 -0.0510 65  LEU A N   
356 C CA  . LEU A 65  ? 0.2821 0.3024 0.2134 0.0106  -0.0043 -0.0361 65  LEU A CA  
357 C C   . LEU A 65  ? 0.3119 0.3050 0.2495 0.0260  -0.0025 -0.0566 65  LEU A C   
358 O O   . LEU A 65  ? 0.3233 0.3624 0.3476 0.0290  -0.0166 -0.0687 65  LEU A O   
359 C CB  . LEU A 65  ? 0.3086 0.3062 0.1811 0.0035  -0.0054 -0.0602 65  LEU A CB  
360 C CG  . LEU A 65  ? 0.2656 0.3110 0.2015 0.0149  -0.0111 -0.0408 65  LEU A CG  
361 C CD1 . LEU A 65  ? 0.2882 0.2801 0.1891 0.0064  0.0143  -0.0457 65  LEU A CD1 
362 C CD2 . LEU A 65  ? 0.2749 0.3201 0.2178 -0.0111 0.0163  -0.0421 65  LEU A CD2 
363 N N   . THR A 66  ? 0.2871 0.2895 0.2364 0.0258  -0.0032 -0.0588 66  THR A N   
364 C CA  . THR A 66  ? 0.3074 0.3061 0.3108 0.0365  0.0229  -0.0484 66  THR A CA  
365 C C   . THR A 66  ? 0.2872 0.3153 0.2896 0.0280  0.0166  -0.0455 66  THR A C   
366 O O   . THR A 66  ? 0.2872 0.2719 0.2001 0.0150  0.0141  -0.0476 66  THR A O   
367 C CB  . THR A 66  ? 0.3513 0.2931 0.3212 0.0246  0.0346  -0.0700 66  THR A CB  
368 O OG1 . THR A 66  ? 0.3407 0.3093 0.2726 0.0163  0.0499  -0.0342 66  THR A OG1 
369 C CG2 . THR A 66  ? 0.3499 0.3590 0.3625 0.0258  0.0721  -0.0466 66  THR A CG2 
370 N N   . VAL A 67  ? 0.3288 0.2988 0.2830 0.0143  -0.0022 -0.0459 67  VAL A N   
371 C CA  . VAL A 67  ? 0.3520 0.3097 0.2893 0.0030  0.0263  -0.0286 67  VAL A CA  
372 C C   . VAL A 67  ? 0.3760 0.3220 0.3137 0.0229  0.0357  -0.0407 67  VAL A C   
373 O O   . VAL A 67  ? 0.4361 0.3238 0.4011 0.0629  0.0154  -0.0739 67  VAL A O   
374 C CB  . VAL A 67  ? 0.4028 0.3467 0.2893 0.0063  0.0204  -0.0474 67  VAL A CB  
375 C CG1 . VAL A 67  ? 0.4389 0.3587 0.2644 -0.0378 0.0161  -0.0985 67  VAL A CG1 
376 C CG2 . VAL A 67  ? 0.4569 0.4215 0.3372 0.0504  -0.0014 0.0039  67  VAL A CG2 
377 N N   . ASP A 68  ? 0.3877 0.3202 0.2906 0.0330  0.0273  -0.0670 68  ASP A N   
378 C CA  . ASP A 68  ? 0.5592 0.3837 0.4310 0.0711  0.1082  -0.0769 68  ASP A CA  
379 C C   . ASP A 68  ? 0.5032 0.4554 0.5316 -0.0242 0.1629  -0.1184 68  ASP A C   
380 O O   . ASP A 68  ? 0.8593 0.8743 0.2782 0.0361  0.0265  0.0348  68  ASP A O   
381 C CB  . ASP A 68  ? 0.4512 0.3805 0.3029 0.0296  0.0983  -0.0524 68  ASP A CB  
382 C CG  . ASP A 68  ? 0.7840 0.5273 0.9602 -0.0599 -0.0511 0.0629  68  ASP A CG  
383 O OD1 . ASP A 68  ? 0.6352 0.4492 0.5288 -0.0089 -0.0080 0.0513  68  ASP A OD1 
384 O OD2 . ASP A 68  ? 0.8370 0.6667 1.2861 0.0106  -0.0079 0.2243  68  ASP A OD2 
385 N N   . PHE A 69  ? 0.9707 0.5748 0.6107 0.1058  0.1845  -0.1210 69  PHE A N   
386 C CA  . PHE A 69  ? 0.7780 0.6388 0.5530 -0.0379 0.1448  -0.0630 69  PHE A CA  
387 C C   . PHE A 69  ? 0.9561 0.5285 0.7693 -0.1092 -0.0160 -0.0040 69  PHE A C   
388 O O   . PHE A 69  ? 0.9544 0.2713 0.6941 -0.0886 -0.0011 0.1096  69  PHE A O   
389 C CB  . PHE A 69  ? 0.7321 0.5753 0.3860 -0.0074 0.1165  -0.1366 69  PHE A CB  
390 C CG  . PHE A 69  ? 0.6159 0.5130 0.3487 -0.0481 0.1783  -0.1503 69  PHE A CG  
391 C CD1 . PHE A 69  ? 0.9711 0.5118 0.8777 -0.0615 0.0581  -0.1401 69  PHE A CD1 
392 C CD2 . PHE A 69  ? 0.8283 0.5604 0.8469 -0.0084 0.0691  -0.0548 69  PHE A CD2 
393 C CE1 . PHE A 69  ? 0.8575 0.5853 0.7627 -0.0853 0.2732  -0.1743 69  PHE A CE1 
394 C CE2 . PHE A 69  ? 0.9752 0.7902 0.9026 0.0249  0.0758  -0.0622 69  PHE A CE2 
395 C CZ  . PHE A 69  ? 0.8178 0.6611 0.5604 -0.1522 0.2391  -0.1402 69  PHE A CZ  
396 N N   . LEU A 70  ? 0.6870 0.4202 0.3584 0.0727  0.2160  -0.0477 70  LEU A N   
397 C CA  . LEU A 70  ? 0.7174 0.3950 0.4010 -0.0182 0.0198  -0.0591 70  LEU A CA  
398 C C   . LEU A 70  ? 0.8944 0.5783 0.4284 0.2143  0.1423  -0.1318 70  LEU A C   
399 O O   . LEU A 70  ? 0.7609 0.4105 0.3536 0.0817  -0.0122 -0.0430 70  LEU A O   
400 C CB  . LEU A 70  ? 0.6554 0.3274 0.4057 0.0364  0.1036  -0.0522 70  LEU A CB  
401 C CG  . LEU A 70  ? 0.6358 0.2154 0.4283 0.0264  0.1052  -0.1078 70  LEU A CG  
402 C CD1 . LEU A 70  ? 0.7230 0.1780 0.4820 0.0142  0.0684  -0.0764 70  LEU A CD1 
403 C CD2 . LEU A 70  ? 0.6605 0.3187 0.5461 0.0827  0.1220  -0.0859 70  LEU A CD2 
404 N N   . THR A 71  ? 0.9481 0.4608 0.5738 0.1845  0.1040  -0.1116 71  THR A N   
405 C CA  . THR A 71  ? 1.1272 0.7192 0.6701 0.0915  0.0186  -0.1143 71  THR A CA  
406 C C   . THR A 71  ? 1.2340 0.7204 0.7894 0.1489  0.1615  -0.1169 71  THR A C   
407 O O   . THR A 71  ? 0.7908 0.4345 0.5004 0.0673  -0.0067 -0.0973 71  THR A O   
408 C CB  . THR A 71  ? 1.1788 0.6475 0.8061 -0.0118 -0.0260 0.0138  71  THR A CB  
409 O OG1 . THR A 71  ? 1.1463 0.6275 0.6896 -0.0787 -0.2080 0.0423  71  THR A OG1 
410 C CG2 . THR A 71  ? 0.8420 0.4723 0.7207 0.0698  -0.0622 0.0853  71  THR A CG2 
411 N N   . GLN A 72  ? 0.7228 0.5420 0.4006 0.1450  0.1100  -0.0647 72  GLN A N   
412 C CA  . GLN A 72  ? 0.8012 0.3927 0.2781 0.1849  0.1009  -0.1817 72  GLN A CA  
413 C C   . GLN A 72  ? 1.1792 0.8034 0.5628 0.1571  0.1146  0.3115  72  GLN A C   
414 O O   . GLN A 72  ? 0.8206 0.6097 0.3089 -0.0071 0.0325  0.0801  72  GLN A O   
415 C CB  . GLN A 72  ? 0.7488 0.3124 0.3525 0.1278  0.1078  -0.1724 72  GLN A CB  
416 C CG  . GLN A 72  ? 0.9202 0.5146 0.5519 0.1221  0.0861  -0.0468 72  GLN A CG  
417 C CD  . GLN A 72  ? 0.9276 1.1360 0.5439 0.2494  0.2424  0.0103  72  GLN A CD  
418 O OE1 . GLN A 72  ? 1.2771 1.3626 0.5501 -0.0785 0.1771  0.1566  72  GLN A OE1 
419 N NE2 . GLN A 72  ? 1.1528 0.8827 0.5428 0.3313  0.1690  0.2109  72  GLN A NE2 
420 N N   . ASP A 73  ? 0.6892 0.6912 0.3698 -0.0534 0.2828  0.0444  73  ASP A N   
421 C CA  . ASP A 73  ? 0.6144 0.4631 0.3499 0.1425  0.2004  0.0085  73  ASP A CA  
422 C C   . ASP A 73  ? 0.8604 0.7906 0.5078 0.0516  0.2602  -0.0587 73  ASP A C   
423 O O   . ASP A 73  ? 0.7428 0.4523 0.2915 0.0773  0.0917  -0.1014 73  ASP A O   
424 C CB  . ASP A 73  ? 0.7767 0.4726 0.5814 0.1468  0.0744  0.0039  73  ASP A CB  
425 C CG  . ASP A 73  ? 0.8867 0.5228 0.5433 -0.0239 0.0871  0.0154  73  ASP A CG  
426 O OD1 . ASP A 73  ? 0.7305 0.3851 0.2347 -0.0376 0.0368  -0.2189 73  ASP A OD1 
427 O OD2 . ASP A 73  ? 0.7152 0.3938 0.4254 -0.0220 0.0583  -0.1051 73  ASP A OD2 
428 N N   . ALA A 74  ? 0.7672 0.4007 0.2480 0.1743  0.1032  -0.1464 74  ALA A N   
429 C CA  . ALA A 74  ? 1.0032 0.5044 0.3288 0.1993  0.1527  -0.2356 74  ALA A CA  
430 C C   . ALA A 74  ? 1.0826 0.7096 0.5471 0.1662  0.1172  -0.0256 74  ALA A C   
431 O O   . ALA A 74  ? 0.7890 0.4503 0.5420 0.1816  0.0882  -0.0364 74  ALA A O   
432 C CB  . ALA A 74  ? 0.9147 0.4792 0.6803 0.2337  0.0651  -0.1576 74  ALA A CB  
433 N N   . ILE A 75  ? 1.1363 0.5249 0.6014 0.2403  0.0601  -0.0496 75  ILE A N   
434 C CA  . ILE A 75  ? 1.0118 0.6061 0.5458 0.2602  0.0985  -0.0567 75  ILE A CA  
435 C C   . ILE A 75  ? 1.2174 0.8565 0.6145 0.2072  0.2368  0.0848  75  ILE A C   
436 O O   . ILE A 75  ? 1.2391 0.8749 0.3828 0.2925  0.0770  -0.2149 75  ILE A O   
437 C CB  . ILE A 75  ? 1.0636 0.7013 0.6196 0.3108  0.1116  0.0182  75  ILE A CB  
438 C CG1 . ILE A 75  ? 0.9748 0.9454 0.7184 0.2049  0.2286  -0.0773 75  ILE A CG1 
439 C CG2 . ILE A 75  ? 0.7998 0.4692 0.5650 0.2760  0.0655  -0.0418 75  ILE A CG2 
440 C CD1 . ILE A 75  ? 1.0712 1.0508 0.7417 0.1377  0.2495  -0.0950 75  ILE A CD1 
441 N N   . LEU A 76  ? 1.3232 0.8792 0.8335 0.2048  0.2260  -0.1061 76  LEU A N   
442 C CA  . LEU A 76  ? 1.1568 0.6376 0.5092 0.2711  0.2050  -0.1043 76  LEU A CA  
443 C C   . LEU A 76  ? 1.0285 0.6237 0.5177 0.1972  0.1589  -0.0260 76  LEU A C   
444 O O   . LEU A 76  ? 1.3194 0.4412 0.5698 0.2245  0.3191  -0.0631 76  LEU A O   
445 C CB  . LEU A 76  ? 1.0763 0.4381 0.5052 0.2403  0.2922  -0.0701 76  LEU A CB  
446 C CG  . LEU A 76  ? 1.0277 0.4027 0.5141 0.2254  0.2503  -0.0391 76  LEU A CG  
447 C CD1 . LEU A 76  ? 0.9413 0.8281 0.4412 0.0441  0.1905  -0.0039 76  LEU A CD1 
448 C CD2 . LEU A 76  ? 0.9532 0.4329 0.4186 0.1709  0.2529  -0.0110 76  LEU A CD2 
449 N N   . GLN A 77  ? 1.2706 0.7367 0.6958 0.1681  0.2021  -0.0948 77  GLN A N   
450 C CA  . GLN A 77  ? 1.2990 0.9045 0.8206 0.1839  0.2340  -0.0745 77  GLN A CA  
451 C C   . GLN A 77  ? 1.2731 0.6629 0.6619 0.1285  0.2692  -0.0063 77  GLN A C   
452 O O   . GLN A 77  ? 1.2622 0.1920 0.8055 0.0462  0.2947  -0.1571 77  GLN A O   
453 C CB  . GLN A 77  ? 1.3160 0.8778 0.7936 0.2543  0.3762  -0.1358 77  GLN A CB  
454 C CG  . GLN A 77  ? 1.4705 1.0471 0.7803 0.2913  0.3681  -0.1914 77  GLN A CG  
455 C CD  . GLN A 77  ? 1.4872 1.1064 0.7540 0.3252  0.3283  -0.2667 77  GLN A CD  
456 O OE1 . GLN A 77  ? 1.6228 1.1829 0.4434 0.3150  0.3751  -0.2198 77  GLN A OE1 
457 N NE2 . GLN A 77  ? 1.4831 1.2544 0.7515 0.3022  0.4117  -0.3690 77  GLN A NE2 
458 N N   . GLU A 78  ? 0.9275 0.3699 0.5948 0.1996  0.2039  -0.1068 78  GLU A N   
459 C CA  . GLU A 78  ? 0.8070 0.4209 0.4209 0.0608  0.2836  -0.0533 78  GLU A CA  
460 C C   . GLU A 78  ? 0.9837 0.4412 0.7355 0.0806  0.1840  -0.0822 78  GLU A C   
461 O O   . GLU A 78  ? 0.7807 0.4547 0.5088 -0.0004 0.1480  -0.1597 78  GLU A O   
462 C CB  . GLU A 78  ? 1.0089 0.4887 0.4045 0.1105  0.2128  -0.1648 78  GLU A CB  
463 C CG  . GLU A 78  ? 1.0793 0.4752 0.5092 0.1398  0.2261  -0.2113 78  GLU A CG  
464 C CD  . GLU A 78  ? 1.1545 0.4550 0.5748 0.0293  0.2485  -0.2771 78  GLU A CD  
465 O OE1 . GLU A 78  ? 1.2533 0.3873 0.5638 -0.1113 0.3672  -0.2648 78  GLU A OE1 
466 O OE2 . GLU A 78  ? 1.0294 0.4262 0.4844 0.0763  0.1578  -0.0777 78  GLU A OE2 
467 N N   . ASN A 79  ? 0.9974 0.3338 0.6063 -0.0557 0.1282  -0.2012 79  ASN A N   
468 C CA  . ASN A 79  ? 1.0866 0.5417 0.8443 0.0003  0.1443  -0.1461 79  ASN A CA  
469 C C   . ASN A 79  ? 1.1056 0.6355 0.7807 -0.0447 0.1454  -0.1273 79  ASN A C   
470 O O   . ASN A 79  ? 0.9602 0.5251 0.6055 -0.0304 0.1519  -0.0281 79  ASN A O   
471 C CB  . ASN A 79  ? 0.9721 0.2094 0.7196 -0.1604 0.0626  -0.1587 79  ASN A CB  
472 C CG  . ASN A 79  ? 1.0484 0.5795 0.7986 -0.0689 0.1208  -0.2293 79  ASN A CG  
473 O OD1 . ASN A 79  ? 0.9564 0.5995 0.8940 -0.1343 -0.0279 -0.2173 79  ASN A OD1 
474 N ND2 . ASN A 79  ? 1.1036 0.5003 0.7441 -0.2071 0.0921  -0.2794 79  ASN A ND2 
475 N N   . GLN A 80  ? 1.2427 0.6458 0.8880 -0.1439 0.1378  -0.0370 80  GLN A N   
476 C CA  . GLN A 80  ? 0.8864 0.2099 0.6964 -0.1161 0.2049  -0.1366 80  GLN A CA  
477 C C   . GLN A 80  ? 0.9159 0.2907 0.5968 -0.1385 0.1011  -0.0518 80  GLN A C   
478 O O   . GLN A 80  ? 0.7810 0.3413 0.6114 -0.0521 0.1612  -0.0787 80  GLN A O   
479 C CB  . GLN A 80  ? 0.8984 0.1196 0.7280 -0.2040 0.2039  -0.2246 80  GLN A CB  
480 C CG  . GLN A 80  ? 1.1897 0.0791 0.9918 -0.0476 0.2094  -0.1414 80  GLN A CG  
481 C CD  . GLN A 80  ? 1.2118 0.3097 1.1391 -0.0531 0.3166  -0.2564 80  GLN A CD  
482 O OE1 . GLN A 80  ? 1.4679 0.3770 1.2116 -0.1299 0.3065  -0.1651 80  GLN A OE1 
483 N NE2 . GLN A 80  ? 1.2492 0.4058 0.8250 0.0107  0.2822  -0.3196 80  GLN A NE2 
484 N N   . PRO A 81  ? 0.6355 0.3920 0.5670 -0.1413 0.1275  -0.0798 81  PRO A N   
485 C CA  . PRO A 81  ? 0.5750 0.4473 0.5724 -0.1035 0.1049  -0.0874 81  PRO A CA  
486 C C   . PRO A 81  ? 0.5499 0.3576 0.3847 -0.1406 0.0871  -0.1095 81  PRO A C   
487 O O   . PRO A 81  ? 0.5943 0.4148 0.5561 -0.0321 0.1440  -0.0656 81  PRO A O   
488 C CB  . PRO A 81  ? 0.5478 0.5090 0.5240 -0.1159 -0.0342 -0.1593 81  PRO A CB  
489 C CG  . PRO A 81  ? 0.6850 0.4917 0.5649 -0.1448 0.0702  -0.1609 81  PRO A CG  
490 C CD  . PRO A 81  ? 0.7637 0.6240 0.5610 -0.1572 0.0013  -0.1898 81  PRO A CD  
491 N N   . TYR A 82  ? 0.4412 0.2834 0.3375 -0.0713 0.0823  -0.1183 82  TYR A N   
492 C CA  . TYR A 82  ? 0.4538 0.3270 0.2925 -0.0501 0.0771  -0.1384 82  TYR A CA  
493 C C   . TYR A 82  ? 0.3882 0.2897 0.2515 -0.0478 0.0460  -0.1434 82  TYR A C   
494 O O   . TYR A 82  ? 0.3704 0.2963 0.2610 -0.0557 0.0316  -0.1051 82  TYR A O   
495 C CB  . TYR A 82  ? 0.4624 0.3349 0.3383 0.0073  0.0640  -0.1063 82  TYR A CB  
496 C CG  . TYR A 82  ? 0.4864 0.3376 0.3541 -0.0268 0.0404  -0.0958 82  TYR A CG  
497 C CD1 . TYR A 82  ? 0.4612 0.2722 0.3651 -0.0340 0.0488  -0.0783 82  TYR A CD1 
498 C CD2 . TYR A 82  ? 0.4381 0.3122 0.3278 -0.0046 0.0479  -0.0597 82  TYR A CD2 
499 C CE1 . TYR A 82  ? 0.4702 0.3279 0.3122 -0.0317 0.0344  -0.0697 82  TYR A CE1 
500 C CE2 . TYR A 82  ? 0.3915 0.3338 0.2908 -0.0276 0.0116  -0.0499 82  TYR A CE2 
501 C CZ  . TYR A 82  ? 0.4222 0.2826 0.3040 -0.0042 0.0485  -0.0794 82  TYR A CZ  
502 O OH  . TYR A 82  ? 0.4224 0.3185 0.2950 -0.0046 -0.0024 -0.0703 82  TYR A OH  
503 N N   A ASN A 83  ? 0.4088 0.3165 0.2680 -0.0428 0.0512  -0.1157 83  ASN A N   
504 N N   B ASN A 83  ? 0.3898 0.3446 0.2717 -0.0446 0.0513  -0.0999 83  ASN A N   
505 C CA  A ASN A 83  ? 0.3855 0.2840 0.2356 -0.0524 0.0217  -0.1188 83  ASN A CA  
506 C CA  B ASN A 83  ? 0.3637 0.3093 0.1999 -0.0571 0.0363  -0.1352 83  ASN A CA  
507 C C   A ASN A 83  ? 0.3548 0.2635 0.2301 -0.0236 0.0508  -0.1493 83  ASN A C   
508 C C   B ASN A 83  ? 0.3332 0.2690 0.2182 -0.0287 0.0463  -0.1496 83  ASN A C   
509 O O   A ASN A 83  ? 0.3636 0.2671 0.2582 -0.0150 0.0473  -0.0885 83  ASN A O   
510 O O   B ASN A 83  ? 0.3396 0.2480 0.2816 -0.0344 0.0387  -0.0668 83  ASN A O   
511 C CB  A ASN A 83  ? 0.3920 0.3763 0.2463 -0.0507 0.0174  -0.1222 83  ASN A CB  
512 C CB  B ASN A 83  ? 0.3515 0.4147 0.1799 -0.0459 0.0077  -0.1696 83  ASN A CB  
513 C CG  A ASN A 83  ? 0.7180 0.6205 0.2156 -0.0616 -0.0457 -0.2570 83  ASN A CG  
514 C CG  B ASN A 83  ? 0.7644 0.5403 0.1716 -0.1970 0.1316  -0.2964 83  ASN A CG  
515 O OD1 A ASN A 83  ? 0.7747 0.7661 0.4466 -0.0006 -0.1609 -0.3853 83  ASN A OD1 
516 O OD1 B ASN A 83  ? 0.7282 0.6544 0.2790 -0.0661 0.3318  -0.3081 83  ASN A OD1 
517 N ND2 A ASN A 83  ? 0.8241 0.6227 0.5159 -0.1151 -0.1699 -0.3374 83  ASN A ND2 
518 N ND2 B ASN A 83  ? 0.8103 0.7472 0.1206 -0.1013 0.1901  -0.2487 83  ASN A ND2 
519 N N   . CYS A 84  ? 0.3027 0.2864 0.2283 -0.0291 0.0113  -0.0722 84  CYS A N   
520 C CA  . CYS A 84  ? 0.2889 0.2725 0.1943 -0.0292 0.0075  -0.0688 84  CYS A CA  
521 C C   . CYS A 84  ? 0.3012 0.2874 0.1903 -0.0144 0.0000  -0.0696 84  CYS A C   
522 O O   . CYS A 84  ? 0.3216 0.3543 0.2217 -0.0360 -0.0094 -0.0642 84  CYS A O   
523 C CB  . CYS A 84  ? 0.2854 0.2679 0.2030 -0.0137 0.0030  -0.0788 84  CYS A CB  
524 S SG  . CYS A 84  ? 0.3065 0.3078 0.2013 -0.0310 -0.0027 -0.0824 84  CYS A SG  
525 N N   . SER A 85  ? 0.2805 0.2664 0.1905 -0.0044 0.0072  -0.0678 85  SER A N   
526 C CA  . SER A 85  ? 0.2562 0.2648 0.1784 0.0046  -0.0022 -0.0692 85  SER A CA  
527 C C   . SER A 85  ? 0.2617 0.2788 0.1659 -0.0037 -0.0184 -0.0736 85  SER A C   
528 O O   . SER A 85  ? 0.2703 0.2744 0.1660 0.0002  -0.0093 -0.0597 85  SER A O   
529 C CB  . SER A 85  ? 0.3226 0.3115 0.1935 0.0014  0.0194  -0.0559 85  SER A CB  
530 O OG  . SER A 85  ? 0.3325 0.3228 0.2412 -0.0016 0.0208  -0.0675 85  SER A OG  
531 N N   . VAL A 86  ? 0.2517 0.2661 0.1355 -0.0007 -0.0070 -0.0657 86  VAL A N   
532 C CA  . VAL A 86  ? 0.2447 0.2671 0.1596 -0.0029 -0.0205 -0.0558 86  VAL A CA  
533 C C   . VAL A 86  ? 0.2165 0.2512 0.1437 0.0037  -0.0045 -0.0462 86  VAL A C   
534 O O   . VAL A 86  ? 0.2484 0.2925 0.1738 0.0031  -0.0010 -0.0384 86  VAL A O   
535 C CB  . VAL A 86  ? 0.2262 0.2718 0.1590 -0.0042 -0.0101 -0.0459 86  VAL A CB  
536 C CG1 . VAL A 86  ? 0.2384 0.2991 0.2065 0.0092  -0.0050 -0.0348 86  VAL A CG1 
537 C CG2 . VAL A 86  ? 0.2747 0.3076 0.1956 -0.0068 -0.0095 -0.0475 86  VAL A CG2 
538 N N   . GLY A 87  ? 0.2341 0.2640 0.1530 0.0021  -0.0029 -0.0494 87  GLY A N   
539 C CA  . GLY A 87  ? 0.2205 0.2670 0.1680 -0.0012 0.0035  -0.0347 87  GLY A CA  
540 C C   . GLY A 87  ? 0.2220 0.2268 0.1525 -0.0023 -0.0057 -0.0255 87  GLY A C   
541 O O   . GLY A 87  ? 0.2361 0.2618 0.1765 0.0023  -0.0025 -0.0411 87  GLY A O   
542 N N   . HIS A 88  ? 0.2246 0.2449 0.1733 -0.0027 0.0060  -0.0254 88  HIS A N   
543 C CA  . HIS A 88  ? 0.2347 0.2371 0.1837 -0.0004 0.0122  -0.0239 88  HIS A CA  
544 C C   . HIS A 88  ? 0.2174 0.2242 0.1886 -0.0146 0.0130  -0.0181 88  HIS A C   
545 O O   . HIS A 88  ? 0.2461 0.2471 0.2064 -0.0143 0.0209  -0.0338 88  HIS A O   
546 C CB  . HIS A 88  ? 0.2850 0.2757 0.2229 0.0260  0.0077  -0.0194 88  HIS A CB  
547 C CG  . HIS A 88  ? 0.3388 0.3077 0.2497 0.0127  0.0195  -0.0074 88  HIS A CG  
548 N ND1 . HIS A 88  ? 0.3752 0.3573 0.2985 0.0228  0.0452  -0.0038 88  HIS A ND1 
549 C CD2 . HIS A 88  ? 0.3624 0.3243 0.3351 -0.0069 0.0539  0.0026  88  HIS A CD2 
550 C CE1 . HIS A 88  ? 0.3753 0.4031 0.3095 0.0072  0.0475  -0.0158 88  HIS A CE1 
551 N NE2 . HIS A 88  ? 0.4049 0.3815 0.3488 0.0048  0.0695  -0.0005 88  HIS A NE2 
552 N N   . CYS A 89  ? 0.2381 0.2325 0.1942 -0.0093 0.0124  -0.0310 89  CYS A N   
553 C CA  . CYS A 89  ? 0.2407 0.2399 0.2121 -0.0034 0.0087  -0.0423 89  CYS A CA  
554 C C   . CYS A 89  ? 0.2873 0.2653 0.2223 -0.0167 0.0379  -0.0437 89  CYS A C   
555 O O   . CYS A 89  ? 0.3114 0.2451 0.2387 -0.0176 0.0269  -0.0289 89  CYS A O   
556 C CB  . CYS A 89  ? 0.2689 0.2481 0.2213 -0.0209 0.0054  -0.0541 89  CYS A CB  
557 S SG  . CYS A 89  ? 0.3021 0.2795 0.2287 -0.0226 -0.0060 -0.0525 89  CYS A SG  
558 N N   . ASP A 90  ? 0.3161 0.2741 0.3055 -0.0518 0.0123  -0.0298 90  ASP A N   
559 C CA  . ASP A 90  ? 0.3790 0.3321 0.4254 -0.1046 0.0024  -0.0566 90  ASP A CA  
560 C C   . ASP A 90  ? 0.3612 0.3613 0.3984 -0.0764 0.0438  -0.0554 90  ASP A C   
561 O O   . ASP A 90  ? 0.3654 0.4038 0.4452 -0.1155 -0.0005 -0.0536 90  ASP A O   
562 C CB  . ASP A 90  ? 0.3512 0.3305 0.4348 -0.1143 0.0268  -0.0293 90  ASP A CB  
563 C CG  . ASP A 90  ? 0.5602 0.4228 0.5230 -0.1286 0.0898  0.0347  90  ASP A CG  
564 O OD1 . ASP A 90  ? 0.6595 0.3876 0.7032 -0.1805 0.0948  0.0255  90  ASP A OD1 
565 O OD2 . ASP A 90  ? 0.6543 0.6706 0.6769 -0.1151 0.2172  0.0636  90  ASP A OD2 
566 N N   . ASN A 91  ? 0.4812 0.4075 0.4108 -0.1145 -0.0374 -0.1029 91  ASN A N   
567 C CA  . ASN A 91  ? 0.6478 0.6472 0.6546 -0.2042 -0.1460 -0.1249 91  ASN A CA  
568 C C   . ASN A 91  ? 0.5673 0.6501 0.5093 -0.1515 -0.0595 -0.1044 91  ASN A C   
569 O O   . ASN A 91  ? 0.6193 0.6650 0.7043 -0.1259 -0.1062 -0.1166 91  ASN A O   
570 C CB  . ASN A 91  ? 0.6096 0.6456 0.7020 -0.1790 -0.0402 -0.0636 91  ASN A CB  
571 C CG  . ASN A 91  ? 1.0023 0.7778 1.1682 -0.0923 -0.0855 -0.0520 91  ASN A CG  
572 O OD1 . ASN A 91  ? 0.8764 0.6651 1.0442 -0.1824 -0.0301 -0.1475 91  ASN A OD1 
573 N ND2 . ASN A 91  ? 1.1580 0.6343 1.0738 -0.3527 -0.1829 -0.0149 91  ASN A ND2 
574 N N   . GLY A 92  ? 0.6583 0.5629 0.4437 -0.1935 -0.1508 -0.1104 92  GLY A N   
575 C CA  . GLY A 92  ? 0.4891 0.4837 0.5375 -0.1286 -0.1098 -0.1323 92  GLY A CA  
576 C C   . GLY A 92  ? 0.3733 0.4719 0.4535 -0.1043 -0.0480 -0.0931 92  GLY A C   
577 O O   . GLY A 92  ? 0.4503 0.5245 0.4240 -0.1387 -0.0977 -0.0513 92  GLY A O   
578 N N   . THR A 93  ? 0.3307 0.4360 0.3966 -0.1088 -0.0578 -0.0528 93  THR A N   
579 C CA  . THR A 93  ? 0.3078 0.4876 0.3326 -0.0269 -0.0525 -0.0338 93  THR A CA  
580 C C   . THR A 93  ? 0.2826 0.3526 0.3377 -0.0768 -0.0387 -0.0551 93  THR A C   
581 O O   . THR A 93  ? 0.3246 0.3477 0.3787 -0.0647 -0.0288 -0.0329 93  THR A O   
582 C CB  . THR A 93  ? 0.4165 0.7276 0.5754 -0.0507 0.0075  -0.0237 93  THR A CB  
583 O OG1 . THR A 93  ? 0.4458 0.8610 0.8062 0.0976  0.0067  -0.1011 93  THR A OG1 
584 C CG2 . THR A 93  ? 0.4546 0.6127 0.4668 -0.0001 0.1323  -0.0874 93  THR A CG2 
585 N N   . CYS A 94  ? 0.2432 0.3101 0.2740 -0.0058 -0.0160 -0.0433 94  CYS A N   
586 C CA  . CYS A 94  ? 0.2316 0.2887 0.2390 -0.0237 -0.0037 -0.0279 94  CYS A CA  
587 C C   . CYS A 94  ? 0.2829 0.3363 0.2742 -0.0072 0.0148  -0.0236 94  CYS A C   
588 O O   . CYS A 94  ? 0.2877 0.4159 0.3647 0.0037  0.0415  -0.0070 94  CYS A O   
589 C CB  . CYS A 94  ? 0.2269 0.2735 0.2108 -0.0023 -0.0039 -0.0431 94  CYS A CB  
590 S SG  . CYS A 94  ? 0.2487 0.2797 0.2025 -0.0071 -0.0033 -0.0501 94  CYS A SG  
591 N N   . ALA A 95  ? 0.2365 0.2785 0.2328 -0.0213 0.0162  -0.0273 95  ALA A N   
592 C CA  . ALA A 95  ? 0.2426 0.2995 0.2567 -0.0209 0.0338  -0.0151 95  ALA A CA  
593 C C   . ALA A 95  ? 0.2846 0.2824 0.2423 -0.0126 0.0489  -0.0292 95  ALA A C   
594 O O   . ALA A 95  ? 0.2640 0.2982 0.2174 -0.0053 0.0307  -0.0283 95  ALA A O   
595 C CB  . ALA A 95  ? 0.2882 0.3117 0.3076 -0.0325 0.0573  -0.0204 95  ALA A CB  
596 N N   . GLY A 96  ? 0.2462 0.3013 0.2157 0.0030  0.0479  -0.0162 96  GLY A N   
597 C CA  . GLY A 96  ? 0.2762 0.3126 0.2396 0.0034  0.0476  -0.0057 96  GLY A CA  
598 C C   . GLY A 96  ? 0.2716 0.2906 0.2385 -0.0034 0.0460  -0.0053 96  GLY A C   
599 O O   . GLY A 96  ? 0.3323 0.3429 0.3068 -0.0077 0.0556  -0.0112 96  GLY A O   
600 N N   . PRO A 97  ? 0.3025 0.3448 0.2549 -0.0016 0.0284  0.0081  97  PRO A N   
601 C CA  . PRO A 97  ? 0.3030 0.3460 0.2314 -0.0024 0.0304  -0.0138 97  PRO A CA  
602 C C   . PRO A 97  ? 0.2804 0.3263 0.2048 0.0141  0.0325  -0.0184 97  PRO A C   
603 O O   . PRO A 97  ? 0.3214 0.3703 0.2871 0.0075  0.0395  0.0064  97  PRO A O   
604 C CB  . PRO A 97  ? 0.3314 0.3984 0.2508 0.0016  0.0364  0.0049  97  PRO A CB  
605 C CG  . PRO A 97  ? 0.5151 0.4627 0.4155 0.0345  -0.0211 0.0318  97  PRO A CG  
606 C CD  . PRO A 97  ? 0.3655 0.3757 0.3261 0.0260  0.0552  0.0513  97  PRO A CD  
607 N N   . PRO A 98  ? 0.2569 0.2990 0.1705 -0.0013 0.0265  -0.0304 98  PRO A N   
608 C CA  . PRO A 98  ? 0.2423 0.3104 0.1657 -0.0095 0.0147  -0.0375 98  PRO A CA  
609 C C   . PRO A 98  ? 0.2814 0.3329 0.1617 0.0027  -0.0003 -0.0384 98  PRO A C   
610 O O   . PRO A 98  ? 0.2838 0.3685 0.1655 -0.0104 0.0024  -0.0456 98  PRO A O   
611 C CB  . PRO A 98  ? 0.2583 0.2976 0.1725 -0.0087 0.0213  -0.0429 98  PRO A CB  
612 C CG  . PRO A 98  ? 0.2506 0.3041 0.1784 0.0085  0.0302  -0.0409 98  PRO A CG  
613 C CD  . PRO A 98  ? 0.2420 0.2974 0.1530 0.0008  0.0241  -0.0389 98  PRO A CD  
614 N N   . ARG A 99  ? 0.2451 0.3046 0.1456 0.0023  -0.0026 -0.0487 99  ARG A N   
615 C CA  . ARG A 99  ? 0.2661 0.3579 0.1644 -0.0130 -0.0298 -0.0382 99  ARG A CA  
616 C C   . ARG A 99  ? 0.2521 0.3166 0.1325 -0.0132 0.0004  -0.0671 99  ARG A C   
617 O O   . ARG A 99  ? 0.2811 0.3202 0.1549 -0.0119 -0.0106 -0.0562 99  ARG A O   
618 C CB  . ARG A 99  ? 0.3284 0.3782 0.2787 0.0063  -0.0286 -0.0321 99  ARG A CB  
619 C CG  . ARG A 99  ? 0.6723 0.9642 1.0073 -0.1150 -0.3692 0.0068  99  ARG A CG  
620 C CD  . ARG A 99  ? 0.8965 1.0201 0.9149 -0.0159 -0.1336 -0.0133 99  ARG A CD  
621 N NE  . ARG A 99  ? 0.8603 1.1910 0.7683 -0.0880 -0.1149 0.0933  99  ARG A NE  
622 C CZ  . ARG A 99  ? 0.9695 1.0639 0.8957 -0.0524 -0.0296 0.1153  99  ARG A CZ  
623 N NH1 . ARG A 99  ? 1.2362 1.1006 1.2457 -0.1356 -0.0895 0.1057  99  ARG A NH1 
624 N NH2 . ARG A 99  ? 1.1244 1.1981 0.9323 -0.0629 -0.1204 0.0408  99  ARG A NH2 
625 N N   . HIS A 100 ? 0.2601 0.3354 0.1520 -0.0248 -0.0295 -0.0648 100 HIS A N   
626 C CA  . HIS A 100 ? 0.3046 0.3381 0.1503 -0.0248 -0.0324 -0.0947 100 HIS A CA  
627 C C   . HIS A 100 ? 0.3157 0.3556 0.1971 -0.0474 -0.0397 -0.1055 100 HIS A C   
628 O O   . HIS A 100 ? 0.3019 0.3930 0.2193 -0.0346 -0.0050 -0.0588 100 HIS A O   
629 C CB  . HIS A 100 ? 0.3206 0.3489 0.1567 -0.0327 -0.0310 -0.1146 100 HIS A CB  
630 C CG  . HIS A 100 ? 0.3112 0.3804 0.2311 -0.0353 -0.0166 -0.0906 100 HIS A CG  
631 N ND1 . HIS A 100 ? 0.3833 0.3811 0.2422 -0.0364 -0.0031 -0.0992 100 HIS A ND1 
632 C CD2 . HIS A 100 ? 0.3378 0.4206 0.2120 -0.0107 -0.0075 -0.1196 100 HIS A CD2 
633 C CE1 . HIS A 100 ? 0.3593 0.3577 0.2379 -0.0503 -0.0149 -0.1384 100 HIS A CE1 
634 N NE2 . HIS A 100 ? 0.3537 0.3769 0.2038 -0.0457 -0.0091 -0.1219 100 HIS A NE2 
635 N N   . ALA A 101 ? 0.2856 0.3318 0.1808 -0.0420 -0.0165 -0.1005 101 ALA A N   
636 C CA  . ALA A 101 ? 0.2958 0.3481 0.1484 -0.0350 -0.0135 -0.0935 101 ALA A CA  
637 C C   . ALA A 101 ? 0.2949 0.3140 0.1793 -0.0594 -0.0102 -0.1223 101 ALA A C   
638 O O   . ALA A 101 ? 0.3218 0.3228 0.2048 -0.0620 0.0163  -0.1042 101 ALA A O   
639 C CB  . ALA A 101 ? 0.2759 0.3117 0.1917 -0.0500 -0.0186 -0.1043 101 ALA A CB  
640 N N   . GLN A 102 ? 0.3086 0.3399 0.1748 -0.0686 -0.0112 -0.1149 102 GLN A N   
641 C CA  . GLN A 102 ? 0.3448 0.3156 0.1740 -0.0347 0.0339  -0.1358 102 GLN A CA  
642 C C   . GLN A 102 ? 0.3396 0.3066 0.1699 -0.0643 0.0084  -0.1284 102 GLN A C   
643 O O   . GLN A 102 ? 0.3056 0.3366 0.1793 -0.0602 -0.0081 -0.0963 102 GLN A O   
644 C CB  . GLN A 102 ? 0.3510 0.5593 0.2950 -0.0860 0.0631  -0.0452 102 GLN A CB  
645 C CG  . GLN A 102 ? 0.8758 0.8781 0.8032 -0.1862 -0.1320 -0.1640 102 GLN A CG  
646 C CD  . GLN A 102 ? 1.0946 0.8981 1.2176 -0.2071 -0.4396 -0.2560 102 GLN A CD  
647 O OE1 . GLN A 102 ? 1.8713 1.3353 1.8967 -0.3182 -0.3279 -0.0398 102 GLN A OE1 
648 N NE2 . GLN A 102 ? 0.9891 0.6797 0.9570 -0.5546 -0.3960 -0.3104 102 GLN A NE2 
649 N N   . CYS A 103 ? 0.3005 0.2561 0.1815 -0.0516 0.0208  -0.1228 103 CYS A N   
650 C CA  . CYS A 103 ? 0.3154 0.2438 0.1938 -0.0695 0.0083  -0.1264 103 CYS A CA  
651 C C   . CYS A 103 ? 0.3237 0.2707 0.2333 -0.0765 0.0170  -0.1009 103 CYS A C   
652 O O   . CYS A 103 ? 0.3694 0.2783 0.2385 -0.0614 0.0546  -0.1061 103 CYS A O   
653 C CB  . CYS A 103 ? 0.3006 0.2543 0.2010 -0.0464 -0.0029 -0.0799 103 CYS A CB  
654 S SG  . CYS A 103 ? 0.2914 0.2581 0.1987 -0.0391 -0.0095 -0.0861 103 CYS A SG  
655 N N   . TRP A 104 ? 0.3339 0.2800 0.2464 -0.0725 0.0177  -0.0938 104 TRP A N   
656 C CA  . TRP A 104 ? 0.3719 0.2779 0.2806 -0.0887 0.0171  -0.0907 104 TRP A CA  
657 C C   . TRP A 104 ? 0.4178 0.2947 0.3017 -0.0582 0.0346  -0.0735 104 TRP A C   
658 O O   . TRP A 104 ? 0.4887 0.3721 0.3171 -0.0808 0.0450  -0.0442 104 TRP A O   
659 C CB  . TRP A 104 ? 0.4019 0.2821 0.3035 -0.1130 0.0255  -0.0847 104 TRP A CB  
660 C CG  . TRP A 104 ? 0.3701 0.3539 0.2668 -0.0938 0.0273  -0.0956 104 TRP A CG  
661 C CD1 . TRP A 104 ? 0.4152 0.3893 0.3159 -0.0876 0.0385  -0.1097 104 TRP A CD1 
662 C CD2 . TRP A 104 ? 0.3632 0.3137 0.3071 -0.0971 0.0244  -0.1066 104 TRP A CD2 
663 N NE1 . TRP A 104 ? 0.3575 0.4202 0.3117 -0.1283 0.0106  -0.1051 104 TRP A NE1 
664 C CE2 . TRP A 104 ? 0.3704 0.3928 0.3392 -0.1071 0.0056  -0.0812 104 TRP A CE2 
665 C CE3 . TRP A 104 ? 0.3733 0.3849 0.3280 -0.1237 -0.0015 -0.1007 104 TRP A CE3 
666 C CZ2 . TRP A 104 ? 0.3207 0.4311 0.3754 -0.1027 -0.0216 -0.0911 104 TRP A CZ2 
667 C CZ3 . TRP A 104 ? 0.3765 0.4099 0.4120 -0.1165 0.0083  -0.0914 104 TRP A CZ3 
668 C CH2 . TRP A 104 ? 0.3746 0.4228 0.3957 -0.1210 -0.0115 -0.0997 104 TRP A CH2 
669 O OXT . TRP A 104 ? 0.3958 0.3355 0.2879 -0.0743 0.0172  -0.0775 104 TRP A OXT 
670 C C1  . EDO B .   ? 0.5539 0.4519 0.4957 0.1416  -0.1033 0.1083  201 EDO A C1  
671 O O1  . EDO B .   ? 0.4937 0.4881 0.3083 0.1826  -0.1962 0.1134  201 EDO A O1  
672 C C2  . EDO B .   ? 0.3956 0.4784 0.5138 0.0983  -0.1927 0.0589  201 EDO A C2  
673 O O2  . EDO B .   ? 0.4561 0.2668 0.5260 0.0825  -0.0019 -0.1273 201 EDO A O2  
674 C C1  . EDO C .   ? 0.5126 0.5605 0.6211 -0.0131 -0.0103 0.1435  202 EDO A C1  
675 O O1  . EDO C .   ? 0.5127 0.5022 0.7052 0.0004  0.0205  0.1300  202 EDO A O1  
676 C C2  . EDO C .   ? 0.5200 0.4656 0.6486 -0.0734 -0.0577 0.0919  202 EDO A C2  
677 O O2  . EDO C .   ? 0.4910 0.6596 0.6845 0.0331  -0.0551 0.1697  202 EDO A O2  
678 C C1  . EDO D .   ? 0.4648 0.5155 0.4369 0.0971  -0.0895 -0.1823 203 EDO A C1  
679 O O1  . EDO D .   ? 0.4289 0.5646 0.3907 0.1059  -0.0498 -0.1297 203 EDO A O1  
680 C C2  . EDO D .   ? 0.4171 0.4164 0.4300 0.0412  -0.1893 -0.1922 203 EDO A C2  
681 O O2  . EDO D .   ? 0.3015 0.3381 0.4592 0.0905  -0.1251 -0.1648 203 EDO A O2  
682 C C1  . EDO E .   ? 0.5501 0.5844 0.4663 0.0835  -0.0170 0.0856  204 EDO A C1  
683 O O1  . EDO E .   ? 0.3590 0.3387 0.2980 0.0402  0.0077  -0.0317 204 EDO A O1  
684 C C2  . EDO E .   ? 0.5891 0.6801 0.5907 0.0793  -0.0515 -0.0469 204 EDO A C2  
685 O O2  . EDO E .   ? 0.6176 0.8148 0.6764 0.0752  -0.0490 0.2102  204 EDO A O2  
686 C C   . TRS F .   ? 0.6362 0.6641 0.6755 0.0021  -0.0057 -0.1898 205 TRS A C   
687 C C1  . TRS F .   ? 0.7468 0.6777 0.7405 0.0769  0.0564  -0.1279 205 TRS A C1  
688 C C2  . TRS F .   ? 0.8803 0.4660 0.6555 0.0091  -0.0575 -0.0864 205 TRS A C2  
689 C C3  . TRS F .   ? 0.3846 0.4350 0.4176 0.0656  0.0724  0.0333  205 TRS A C3  
690 N N   . TRS F .   ? 0.8323 0.5988 0.7374 -0.1039 -0.0626 -0.1026 205 TRS A N   
691 O O1  . TRS F .   ? 0.6850 0.6465 0.6201 0.0265  0.0287  -0.1518 205 TRS A O1  
692 O O2  . TRS F .   ? 0.6221 0.5063 0.7018 -0.0296 -0.0946 -0.0555 205 TRS A O2  
693 O O3  . TRS F .   ? 0.5649 0.3690 0.3444 -0.1042 0.0156  -0.0666 205 TRS A O3  
694 O O   . HOH G .   ? 0.6347 0.4922 0.5652 0.0338  0.0096  -0.0393 301 HOH A O   
695 O O   . HOH G .   ? 0.5244 0.6220 0.2406 -0.0963 0.0907  0.0942  302 HOH A O   
696 O O   . HOH G .   ? 0.5411 0.4001 0.3404 -0.1187 -0.1156 -0.0703 303 HOH A O   
697 O O   . HOH G .   ? 0.5966 0.6185 0.4114 0.1012  0.1169  -0.1145 304 HOH A O   
698 O O   . HOH G .   ? 0.4894 0.5305 0.3978 -0.0859 -0.1678 0.0145  305 HOH A O   
699 O O   . HOH G .   ? 0.5521 0.5892 0.7477 -0.0450 0.0381  -0.2729 306 HOH A O   
700 O O   . HOH G .   ? 0.4652 0.5276 0.4990 0.0246  -0.0014 -0.0072 307 HOH A O   
701 O O   . HOH G .   ? 0.5864 0.3170 0.4249 -0.0629 0.0354  -0.0679 308 HOH A O   
702 O O   . HOH G .   ? 0.3043 0.2808 0.2824 -0.0521 -0.0729 -0.0331 309 HOH A O   
703 O O   . HOH G .   ? 0.7963 0.3861 0.4663 0.0491  0.1705  -0.0497 310 HOH A O   
704 O O   . HOH G .   ? 0.3667 0.4164 0.3142 -0.0228 -0.1111 -0.0141 311 HOH A O   
705 O O   . HOH G .   ? 0.3222 0.4719 0.3724 -0.0742 -0.0146 0.0559  312 HOH A O   
706 O O   . HOH G .   ? 0.5354 0.6849 0.8537 -0.0209 0.0016  0.2907  313 HOH A O   
707 O O   . HOH G .   ? 0.4229 0.3560 0.5792 -0.0346 0.0153  0.0198  314 HOH A O   
708 O O   . HOH G .   ? 0.3363 0.4487 0.7767 0.0525  0.0357  -0.0186 315 HOH A O   
709 O O   . HOH G .   ? 0.3071 0.4247 0.2932 -0.0320 -0.0291 -0.0363 316 HOH A O   
710 O O   . HOH G .   ? 0.5992 0.5335 0.5738 -0.1332 -0.1285 -0.0889 317 HOH A O   
711 O O   . HOH G .   ? 0.3766 0.3162 0.1948 0.0442  -0.0806 -0.0663 318 HOH A O   
712 O O   . HOH G .   ? 0.3596 0.4419 0.3595 -0.1042 0.0430  -0.0865 319 HOH A O   
713 O O   . HOH G .   ? 0.3179 0.2694 0.3473 -0.0539 -0.0253 -0.1187 320 HOH A O   
714 O O   . HOH G .   ? 0.3305 0.3236 0.3701 0.0032  0.0423  -0.0106 321 HOH A O   
715 O O   . HOH G .   ? 0.3695 0.6959 0.3680 -0.0289 0.0194  -0.1782 322 HOH A O   
716 O O   . HOH G .   ? 0.6141 0.6053 0.5247 0.0338  -0.0190 0.0212  323 HOH A O   
717 O O   . HOH G .   ? 0.5218 0.5724 0.7227 -0.1059 0.0095  0.1153  324 HOH A O   
718 O O   . HOH G .   ? 0.5400 0.8138 0.3823 0.2035  0.0073  0.0538  325 HOH A O   
719 O O   . HOH G .   ? 0.7461 0.6528 0.3591 0.0931  -0.0413 -0.0779 326 HOH A O   
720 O O   . HOH G .   ? 0.4543 0.4955 0.5407 0.0950  -0.0599 0.0413  327 HOH A O   
721 O O   . HOH G .   ? 0.4461 0.5043 0.6599 0.0298  0.0425  0.0114  328 HOH A O   
722 O O   . HOH G .   ? 0.3438 0.4934 0.2948 -0.0933 -0.0192 -0.0975 329 HOH A O   
723 O O   . HOH G .   ? 0.3066 0.4424 0.4153 0.0894  -0.0273 -0.0011 330 HOH A O   
724 O O   . HOH G .   ? 0.3376 0.8574 0.6129 -0.0698 0.0129  -0.2597 331 HOH A O   
725 O O   . HOH G .   ? 0.7244 0.4389 0.2973 0.1813  -0.0180 0.0046  332 HOH A O   
726 O O   . HOH G .   ? 0.4458 0.4384 0.8489 0.0644  -0.1768 -0.1382 333 HOH A O   
727 O O   . HOH G .   ? 0.5489 0.6130 0.4495 0.0323  0.0634  0.0331  334 HOH A O   
728 O O   . HOH G .   ? 0.5488 0.4929 0.7060 0.1057  -0.1571 0.0236  335 HOH A O   
729 O O   . HOH G .   ? 0.5872 0.8923 0.3766 -0.2278 -0.0028 0.1617  336 HOH A O   
730 O O   . HOH G .   ? 0.5354 0.3779 0.5045 -0.0039 -0.1659 -0.0979 337 HOH A O   
731 O O   . HOH G .   ? 0.8121 0.4383 0.5462 -0.0550 -0.1613 -0.1133 338 HOH A O   
732 O O   . HOH G .   ? 0.3718 0.5862 0.3108 -0.0705 0.0463  -0.1754 339 HOH A O   
733 O O   . HOH G .   ? 0.2727 0.4086 0.5772 0.0073  0.0855  -0.0922 340 HOH A O   
734 O O   . HOH G .   ? 0.6170 0.4603 0.4801 0.1341  -0.0284 -0.1721 341 HOH A O   
735 O O   . HOH G .   ? 0.5360 0.5996 0.6119 -0.1431 -0.0901 -0.2041 342 HOH A O   
736 O O   . HOH G .   ? 0.3891 0.5217 0.5191 -0.0638 -0.0489 0.1773  343 HOH A O   
737 O O   . HOH G .   ? 0.5534 1.0502 0.4353 -0.0881 0.0995  0.2700  344 HOH A O   
738 O O   . HOH G .   ? 0.3780 0.3154 0.2755 -0.0687 -0.1000 0.0247  345 HOH A O   
739 O O   . HOH G .   ? 0.4063 0.4759 0.5451 -0.0037 -0.0062 -0.0141 346 HOH A O   
740 O O   . HOH G .   ? 0.5070 0.4251 0.3461 -0.0112 -0.1228 -0.0849 347 HOH A O   
741 O O   . HOH G .   ? 0.4839 0.5069 0.4164 0.0041  -0.0580 -0.0784 348 HOH A O   
742 O O   . HOH G .   ? 0.4259 0.3610 0.2367 -0.0184 -0.0896 -0.0054 349 HOH A O   
743 O O   . HOH G .   ? 0.6117 0.5005 0.7365 -0.0611 -0.0027 -0.0724 350 HOH A O   
744 O O   . HOH G .   ? 0.5306 0.6755 0.6443 -0.1462 -0.2564 0.1474  351 HOH A O   
745 O O   . HOH G .   ? 0.4526 0.4461 0.3901 0.0272  0.0645  -0.0074 352 HOH A O   
746 O O   . HOH G .   ? 0.5364 0.5959 0.4143 -0.1015 0.0019  0.0890  353 HOH A O   
747 O O   . HOH G .   ? 0.6142 0.5665 0.6983 -0.0576 -0.1110 0.0413  354 HOH A O   
748 O O   . HOH G .   ? 0.4333 0.6127 0.7538 0.0565  0.1111  0.0653  355 HOH A O   
749 O O   . HOH G .   ? 0.6356 0.7542 0.5630 -0.0077 -0.0614 -0.1233 356 HOH A O   
750 O O   . HOH G .   ? 0.8291 0.4367 0.7181 0.0685  -0.0875 0.0082  357 HOH A O   
751 O O   . HOH G .   ? 0.5647 0.4542 0.6344 0.0710  -0.1440 -0.0068 358 HOH A O   
752 O O   . HOH G .   ? 0.6183 0.7300 0.5519 0.0329  -0.1383 -0.0971 359 HOH A O   
753 O O   . HOH G .   ? 0.6245 0.6901 0.5942 0.0204  -0.0159 -0.0615 360 HOH A O   
754 O O   . HOH G .   ? 0.5252 0.5736 0.6481 0.0805  -0.1179 0.0112  361 HOH A O   
755 O O   . HOH G .   ? 0.4994 0.4328 0.4599 -0.1527 -0.1364 -0.0134 362 HOH A O   
756 O O   . HOH G .   ? 0.6539 0.5975 0.6256 -0.1250 -0.1375 -0.0508 363 HOH A O   
757 O O   . HOH G .   ? 0.7419 0.4224 0.7406 0.0247  -0.0730 0.1183  364 HOH A O   
758 O O   . HOH G .   ? 0.7082 0.6642 0.4805 0.0233  0.0261  -0.0978 365 HOH A O   
# 
